data_7XVJ
#
_entry.id   7XVJ
#
_cell.length_a   84.265
_cell.length_b   158.669
_cell.length_c   161.432
_cell.angle_alpha   90.000
_cell.angle_beta   90.000
_cell.angle_gamma   90.000
#
_symmetry.space_group_name_H-M   'P 21 21 21'
#
loop_
_entity.id
_entity.type
_entity.pdbx_description
1 polymer 'Cyclic dipeptide N-prenyltransferase'
2 non-polymer 'PHOSPHATE ION'
3 non-polymer 1-methyl-9~{H}-pyrido[3,4-b]indol-7-ol
4 water water
#
_entity_poly.entity_id   1
_entity_poly.type   'polypeptide(L)'
_entity_poly.pdbx_seq_one_letter_code
;MIAYHTLTKALLFPDIDQYQHWHHVAPMLAKMLVDGKYSIHQQYEYLCLFAQLVAPVLGPYPSPGRDVYRCTLGGNMTVE
LSQNFQRSGSTTRIAFEPVRYQASVGHDRFNRTSVNAFFSQLQLLVKSVNIELHHLLSEHLTLTAKDERNLNEEQLTKYL
TNFQVKTQYVVALDLRKTGIVAKEYFFPGIKCAATGQTGSNACFGAIRAVDKDGHLDSLCQLIEAHFQQSKIDDAFLCCD
LVDPAHTRFKVYIADPLVTLARAEEHWTLGGRLTDEDAAVGLEIIRGLWSELGIIQGPLEPSAMMEKGLLPIMLNYEMKA
GQRLPKPKLYMPLTGIPETKIARIMTAFFQRHDMPEQAEVFMENLQAYYEGKNLEEATRYQAWLSFAYTKEKGPYLSIYY
FWPE
;
_entity_poly.pdbx_strand_id   A,B,C,D
#
# COMPACT_ATOMS: atom_id res chain seq x y z
N MET A 1 3.65 3.99 7.46
CA MET A 1 5.08 3.89 7.73
C MET A 1 5.78 2.94 6.77
N ILE A 2 5.02 2.00 6.18
CA ILE A 2 5.62 1.04 5.27
C ILE A 2 6.31 1.75 4.11
N ALA A 3 5.77 2.89 3.67
CA ALA A 3 6.37 3.61 2.55
C ALA A 3 7.69 4.25 2.94
N TYR A 4 7.81 4.69 4.19
CA TYR A 4 9.09 5.21 4.68
C TYR A 4 10.13 4.09 4.77
N HIS A 5 9.76 2.97 5.39
CA HIS A 5 10.67 1.83 5.46
C HIS A 5 11.08 1.37 4.07
N THR A 6 10.17 1.43 3.11
CA THR A 6 10.47 0.91 1.78
C THR A 6 11.28 1.89 0.96
N LEU A 7 10.92 3.18 0.96
CA LEU A 7 11.69 4.15 0.21
C LEU A 7 13.07 4.39 0.83
N THR A 8 13.24 4.10 2.12
CA THR A 8 14.55 4.28 2.76
C THR A 8 15.59 3.35 2.15
N LYS A 9 15.19 2.18 1.70
CA LYS A 9 16.13 1.24 1.09
C LYS A 9 16.22 1.39 -0.43
N ALA A 10 15.64 2.45 -0.99
CA ALA A 10 15.70 2.69 -2.42
C ALA A 10 16.16 4.09 -2.80
N LEU A 11 16.21 5.03 -1.87
CA LEU A 11 16.57 6.41 -2.14
C LEU A 11 18.01 6.64 -1.73
N LEU A 12 18.81 7.18 -2.66
CA LEU A 12 20.21 7.50 -2.42
C LEU A 12 20.33 9.01 -2.24
N PHE A 13 20.40 9.46 -0.99
CA PHE A 13 20.45 10.90 -0.75
C PHE A 13 21.87 11.44 -1.01
N PRO A 14 21.99 12.58 -1.68
CA PRO A 14 23.32 13.05 -2.10
C PRO A 14 24.16 13.64 -0.98
N ASP A 15 23.57 14.06 0.13
CA ASP A 15 24.36 14.63 1.22
C ASP A 15 23.70 14.30 2.55
N ILE A 16 24.47 14.52 3.63
CA ILE A 16 24.05 14.12 4.97
C ILE A 16 22.89 14.95 5.48
N ASP A 17 22.74 16.18 4.98
CA ASP A 17 21.65 17.03 5.46
C ASP A 17 20.30 16.56 4.94
N GLN A 18 20.24 16.15 3.67
CA GLN A 18 19.02 15.58 3.13
C GLN A 18 18.71 14.24 3.78
N TYR A 19 19.74 13.44 4.03
CA TYR A 19 19.57 12.17 4.72
C TYR A 19 18.95 12.37 6.09
N GLN A 20 19.40 13.39 6.83
CA GLN A 20 18.90 13.61 8.19
C GLN A 20 17.52 14.24 8.20
N HIS A 21 17.19 15.07 7.22
CA HIS A 21 15.85 15.61 7.12
C HIS A 21 14.85 14.52 6.74
N TRP A 22 15.25 13.60 5.85
CA TRP A 22 14.40 12.47 5.52
C TRP A 22 14.03 11.68 6.76
N HIS A 23 15.02 11.21 7.51
CA HIS A 23 14.77 10.40 8.69
C HIS A 23 14.16 11.19 9.83
N HIS A 24 14.20 12.51 9.76
CA HIS A 24 13.55 13.36 10.76
C HIS A 24 12.08 13.60 10.45
N VAL A 25 11.76 13.78 9.18
CA VAL A 25 10.44 14.24 8.75
C VAL A 25 9.60 13.11 8.16
N ALA A 26 10.21 12.27 7.33
CA ALA A 26 9.44 11.23 6.64
C ALA A 26 8.71 10.27 7.56
N PRO A 27 9.25 9.81 8.70
CA PRO A 27 8.46 8.90 9.54
C PRO A 27 7.14 9.49 9.99
N MET A 28 7.15 10.72 10.53
CA MET A 28 5.89 11.31 10.97
C MET A 28 5.00 11.65 9.80
N LEU A 29 5.58 12.13 8.70
CA LEU A 29 4.79 12.36 7.49
C LEU A 29 4.12 11.07 7.02
N ALA A 30 4.84 9.95 7.06
CA ALA A 30 4.26 8.68 6.63
C ALA A 30 3.13 8.26 7.55
N LYS A 31 3.30 8.46 8.87
CA LYS A 31 2.23 8.14 9.81
C LYS A 31 0.98 8.95 9.53
N MET A 32 1.15 10.24 9.19
CA MET A 32 0.01 11.11 8.96
C MET A 32 -0.71 10.76 7.67
N LEU A 33 0.05 10.41 6.62
CA LEU A 33 -0.59 9.97 5.38
C LEU A 33 -1.39 8.69 5.60
N VAL A 34 -0.86 7.77 6.40
CA VAL A 34 -1.60 6.55 6.75
C VAL A 34 -2.84 6.90 7.55
N ASP A 35 -2.68 7.77 8.56
CA ASP A 35 -3.80 8.15 9.40
C ASP A 35 -4.88 8.88 8.61
N GLY A 36 -4.47 9.69 7.64
CA GLY A 36 -5.40 10.44 6.82
C GLY A 36 -6.10 9.64 5.74
N LYS A 37 -5.85 8.32 5.67
CA LYS A 37 -6.49 7.43 4.70
C LYS A 37 -6.08 7.75 3.27
N TYR A 38 -4.87 8.27 3.08
CA TYR A 38 -4.29 8.33 1.75
C TYR A 38 -4.06 6.91 1.23
N SER A 39 -4.19 6.76 -0.08
CA SER A 39 -3.92 5.46 -0.67
C SER A 39 -2.45 5.10 -0.48
N ILE A 40 -2.13 3.83 -0.72
CA ILE A 40 -0.74 3.40 -0.61
C ILE A 40 0.11 4.07 -1.69
N HIS A 41 -0.49 4.41 -2.83
CA HIS A 41 0.26 5.05 -3.89
C HIS A 41 0.54 6.52 -3.59
N GLN A 42 -0.37 7.20 -2.88
CA GLN A 42 -0.10 8.58 -2.48
C GLN A 42 0.89 8.65 -1.32
N GLN A 43 0.92 7.62 -0.47
CA GLN A 43 1.95 7.54 0.56
C GLN A 43 3.34 7.51 -0.07
N TYR A 44 3.52 6.67 -1.10
CA TYR A 44 4.80 6.64 -1.81
C TYR A 44 5.01 7.91 -2.62
N GLU A 45 3.96 8.39 -3.31
CA GLU A 45 4.09 9.58 -4.14
C GLU A 45 4.55 10.79 -3.34
N TYR A 46 3.90 11.04 -2.22
CA TYR A 46 4.18 12.25 -1.45
C TYR A 46 5.43 12.13 -0.59
N LEU A 47 5.74 10.94 -0.09
CA LEU A 47 7.03 10.74 0.57
C LEU A 47 8.18 10.92 -0.42
N CYS A 48 8.07 10.29 -1.59
CA CYS A 48 9.10 10.42 -2.61
C CYS A 48 9.18 11.86 -3.12
N LEU A 49 8.05 12.55 -3.20
CA LEU A 49 8.09 13.95 -3.63
C LEU A 49 8.77 14.83 -2.60
N PHE A 50 8.50 14.58 -1.31
CA PHE A 50 9.23 15.28 -0.26
C PHE A 50 10.72 15.05 -0.40
N ALA A 51 11.14 13.82 -0.67
CA ALA A 51 12.56 13.49 -0.77
C ALA A 51 13.20 14.22 -1.95
N GLN A 52 12.51 14.27 -3.09
CA GLN A 52 13.08 14.81 -4.32
C GLN A 52 12.95 16.33 -4.40
N LEU A 53 11.88 16.89 -3.85
N LEU A 53 11.87 16.90 -3.89
CA LEU A 53 11.55 18.30 -4.04
CA LEU A 53 11.57 18.32 -4.04
C LEU A 53 11.79 19.17 -2.82
C LEU A 53 11.87 19.14 -2.79
N VAL A 54 11.42 18.69 -1.62
CA VAL A 54 11.45 19.52 -0.43
C VAL A 54 12.76 19.40 0.33
N ALA A 55 13.21 18.18 0.60
CA ALA A 55 14.45 18.00 1.36
C ALA A 55 15.65 18.75 0.77
N PRO A 56 15.83 18.87 -0.54
CA PRO A 56 16.95 19.69 -1.05
C PRO A 56 16.90 21.16 -0.64
N VAL A 57 15.73 21.71 -0.30
CA VAL A 57 15.65 23.12 0.05
C VAL A 57 15.24 23.30 1.51
N LEU A 58 15.60 22.35 2.36
CA LEU A 58 15.43 22.52 3.80
C LEU A 58 16.70 23.04 4.47
N GLY A 59 17.80 23.14 3.73
CA GLY A 59 19.02 23.70 4.24
C GLY A 59 19.83 22.69 5.04
N PRO A 60 20.95 23.14 5.60
CA PRO A 60 21.75 22.26 6.46
C PRO A 60 20.94 21.82 7.67
N TYR A 61 21.12 20.56 8.05
CA TYR A 61 20.40 20.03 9.19
C TYR A 61 20.82 20.77 10.46
N PRO A 62 19.89 21.35 11.20
CA PRO A 62 20.25 22.26 12.30
C PRO A 62 20.60 21.51 13.59
N SER A 63 21.74 20.85 13.58
CA SER A 63 22.23 20.18 14.78
C SER A 63 22.39 21.20 15.91
N PRO A 64 22.24 20.77 17.16
CA PRO A 64 22.39 21.71 18.29
C PRO A 64 23.75 22.38 18.28
N GLY A 65 23.74 23.71 18.30
CA GLY A 65 24.94 24.50 18.26
C GLY A 65 25.46 24.82 16.87
N ARG A 66 24.89 24.20 15.83
CA ARG A 66 25.35 24.45 14.48
C ARG A 66 24.98 25.86 14.04
N ASP A 67 25.97 26.60 13.54
CA ASP A 67 25.77 27.98 13.11
C ASP A 67 25.15 27.98 11.72
N VAL A 68 23.82 27.95 11.67
CA VAL A 68 23.09 27.94 10.41
C VAL A 68 21.95 28.94 10.46
N TYR A 69 21.56 29.40 9.27
CA TYR A 69 20.31 30.13 9.09
C TYR A 69 19.16 29.34 9.70
N ARG A 70 18.49 29.92 10.68
CA ARG A 70 17.50 29.17 11.43
C ARG A 70 16.10 29.73 11.23
N CYS A 71 15.13 28.83 11.42
CA CYS A 71 13.72 29.09 11.23
C CYS A 71 12.98 28.53 12.44
N THR A 72 11.69 28.88 12.55
CA THR A 72 10.89 28.44 13.67
C THR A 72 9.74 27.52 13.25
N LEU A 73 9.75 27.05 12.01
CA LEU A 73 8.71 26.12 11.57
C LEU A 73 8.83 24.82 12.34
N GLY A 74 7.69 24.30 12.81
CA GLY A 74 7.75 23.22 13.76
C GLY A 74 8.42 23.57 15.06
N GLY A 75 8.64 24.85 15.33
CA GLY A 75 9.31 25.28 16.54
C GLY A 75 10.77 25.61 16.33
N ASN A 76 11.48 24.78 15.56
CA ASN A 76 12.92 24.89 15.47
C ASN A 76 13.50 24.48 14.13
N MET A 77 12.69 24.15 13.13
CA MET A 77 13.16 23.63 11.86
C MET A 77 12.74 24.57 10.73
N THR A 78 13.13 24.21 9.51
CA THR A 78 12.62 24.87 8.31
C THR A 78 11.45 24.11 7.68
N VAL A 79 10.84 23.17 8.41
CA VAL A 79 9.74 22.38 7.89
C VAL A 79 8.74 22.10 9.02
N GLU A 80 7.45 22.13 8.68
CA GLU A 80 6.38 21.98 9.66
C GLU A 80 5.26 21.15 9.06
N LEU A 81 4.78 20.16 9.82
CA LEU A 81 3.69 19.29 9.41
C LEU A 81 2.42 19.66 10.16
N SER A 82 1.29 19.63 9.46
CA SER A 82 0.00 19.89 10.07
C SER A 82 -1.04 18.98 9.45
N GLN A 83 -2.23 18.96 10.05
CA GLN A 83 -3.24 17.98 9.71
C GLN A 83 -4.62 18.59 9.85
N ASN A 84 -5.45 18.44 8.84
N ASN A 84 -5.46 18.38 8.86
CA ASN A 84 -6.84 18.89 8.87
CA ASN A 84 -6.84 18.88 8.85
C ASN A 84 -7.75 17.68 8.99
C ASN A 84 -7.78 17.69 8.95
N PHE A 85 -8.64 17.71 9.98
CA PHE A 85 -9.47 16.56 10.30
C PHE A 85 -10.83 16.62 9.61
N GLN A 86 -11.13 15.62 8.79
CA GLN A 86 -12.44 15.42 8.20
C GLN A 86 -13.15 14.28 8.92
N ARG A 87 -14.29 13.84 8.37
CA ARG A 87 -15.06 12.80 9.05
C ARG A 87 -14.42 11.43 8.89
N SER A 88 -14.14 11.01 7.66
CA SER A 88 -13.57 9.69 7.39
C SER A 88 -12.14 9.77 6.86
N GLY A 89 -11.44 10.86 7.17
CA GLY A 89 -10.05 10.98 6.75
C GLY A 89 -9.48 12.30 7.22
N SER A 90 -8.21 12.51 6.88
CA SER A 90 -7.52 13.74 7.23
C SER A 90 -6.66 14.17 6.05
N THR A 91 -6.32 15.46 6.04
CA THR A 91 -5.47 16.06 5.01
C THR A 91 -4.21 16.60 5.67
N THR A 92 -3.06 16.18 5.17
CA THR A 92 -1.77 16.63 5.68
C THR A 92 -1.25 17.79 4.84
N ARG A 93 -0.62 18.75 5.51
CA ARG A 93 -0.01 19.90 4.87
C ARG A 93 1.46 19.97 5.28
N ILE A 94 2.34 20.13 4.31
CA ILE A 94 3.77 20.34 4.54
C ILE A 94 4.08 21.81 4.30
N ALA A 95 4.59 22.49 5.32
CA ALA A 95 5.02 23.88 5.20
C ALA A 95 6.52 23.95 5.46
N PHE A 96 7.21 24.76 4.65
CA PHE A 96 8.66 24.85 4.76
C PHE A 96 9.12 26.19 4.22
N GLU A 97 10.24 26.69 4.76
CA GLU A 97 10.92 27.84 4.18
C GLU A 97 12.01 27.33 3.26
N PRO A 98 11.87 27.45 1.94
CA PRO A 98 12.97 27.05 1.06
C PRO A 98 14.24 27.80 1.41
N VAL A 99 15.32 27.05 1.60
CA VAL A 99 16.59 27.62 2.02
C VAL A 99 17.70 26.71 1.54
N ARG A 100 18.82 27.31 1.16
CA ARG A 100 20.03 26.58 0.82
C ARG A 100 21.15 27.07 1.74
N TYR A 101 22.26 26.31 1.75
CA TYR A 101 23.32 26.60 2.72
C TYR A 101 23.95 27.97 2.51
N GLN A 102 23.85 28.53 1.30
CA GLN A 102 24.42 29.85 1.07
C GLN A 102 23.85 30.89 2.02
N ALA A 103 22.60 30.70 2.46
CA ALA A 103 22.00 31.61 3.42
C ALA A 103 22.68 31.52 4.79
N SER A 104 23.24 30.36 5.12
CA SER A 104 23.89 30.14 6.41
C SER A 104 25.32 30.63 6.45
N VAL A 105 25.88 31.05 5.31
CA VAL A 105 27.32 31.21 5.23
C VAL A 105 27.68 32.49 4.48
N GLY A 106 26.71 33.40 4.37
CA GLY A 106 26.99 34.77 3.98
C GLY A 106 26.63 35.16 2.56
N HIS A 107 26.15 34.23 1.75
CA HIS A 107 25.92 34.50 0.33
C HIS A 107 24.47 34.78 -0.01
N ASP A 108 23.59 34.86 0.99
CA ASP A 108 22.17 35.15 0.77
C ASP A 108 21.57 35.53 2.12
N ARG A 109 21.80 36.78 2.56
CA ARG A 109 21.55 37.15 3.95
C ARG A 109 20.08 37.06 4.32
N PHE A 110 19.18 37.33 3.38
CA PHE A 110 17.75 37.27 3.65
C PHE A 110 17.05 36.14 2.89
N ASN A 111 17.82 35.19 2.35
CA ASN A 111 17.30 33.96 1.74
C ASN A 111 16.23 34.28 0.69
N ARG A 112 16.68 34.92 -0.38
CA ARG A 112 15.78 35.36 -1.43
C ARG A 112 15.77 34.45 -2.65
N THR A 113 16.85 33.70 -2.90
CA THR A 113 16.96 32.93 -4.12
C THR A 113 16.38 31.52 -4.02
N SER A 114 16.34 30.94 -2.81
CA SER A 114 15.97 29.54 -2.66
C SER A 114 14.53 29.27 -3.05
N VAL A 115 13.61 30.20 -2.78
CA VAL A 115 12.22 29.99 -3.17
C VAL A 115 12.10 29.95 -4.69
N ASN A 116 12.94 30.72 -5.40
CA ASN A 116 12.96 30.65 -6.85
C ASN A 116 13.50 29.32 -7.34
N ALA A 117 14.52 28.79 -6.66
CA ALA A 117 15.05 27.49 -7.02
C ALA A 117 14.02 26.39 -6.79
N PHE A 118 13.31 26.45 -5.66
CA PHE A 118 12.31 25.44 -5.36
C PHE A 118 11.17 25.45 -6.39
N PHE A 119 10.65 26.64 -6.70
CA PHE A 119 9.57 26.74 -7.67
C PHE A 119 9.97 26.20 -9.03
N SER A 120 11.23 26.41 -9.44
CA SER A 120 11.68 25.88 -10.72
C SER A 120 11.72 24.36 -10.72
N GLN A 121 11.78 23.73 -9.54
CA GLN A 121 11.69 22.28 -9.41
C GLN A 121 10.25 21.83 -9.22
N LEU A 122 9.50 22.54 -8.37
CA LEU A 122 8.11 22.16 -8.11
C LEU A 122 7.28 22.17 -9.38
N GLN A 123 7.43 23.22 -10.20
CA GLN A 123 6.59 23.37 -11.39
C GLN A 123 6.86 22.28 -12.42
N LEU A 124 7.99 21.57 -12.31
CA LEU A 124 8.26 20.47 -13.24
C LEU A 124 7.42 19.25 -12.91
N LEU A 125 7.07 19.05 -11.63
CA LEU A 125 6.34 17.88 -11.19
C LEU A 125 4.87 18.14 -10.89
N VAL A 126 4.55 19.30 -10.31
CA VAL A 126 3.15 19.68 -10.12
C VAL A 126 2.83 20.80 -11.10
N LYS A 127 2.32 20.43 -12.28
CA LYS A 127 2.17 21.37 -13.37
C LYS A 127 1.10 22.43 -13.10
N SER A 128 0.18 22.19 -12.18
CA SER A 128 -0.89 23.15 -11.90
C SER A 128 -0.45 24.32 -11.04
N VAL A 129 0.78 24.28 -10.52
CA VAL A 129 1.28 25.35 -9.67
C VAL A 129 1.64 26.55 -10.54
N ASN A 130 1.01 27.68 -10.26
CA ASN A 130 1.24 28.93 -10.96
C ASN A 130 1.92 29.89 -9.99
N ILE A 131 3.08 30.43 -10.38
CA ILE A 131 3.82 31.32 -9.51
C ILE A 131 3.80 32.76 -10.01
N GLU A 132 2.80 33.12 -10.83
CA GLU A 132 2.64 34.52 -11.22
C GLU A 132 2.43 35.41 -10.01
N LEU A 133 1.78 34.91 -8.96
CA LEU A 133 1.56 35.72 -7.77
C LEU A 133 2.83 35.90 -6.96
N HIS A 134 3.76 34.93 -7.03
CA HIS A 134 5.07 35.13 -6.40
C HIS A 134 5.79 36.32 -7.02
N HIS A 135 5.80 36.39 -8.35
CA HIS A 135 6.45 37.51 -9.03
C HIS A 135 5.73 38.83 -8.78
N LEU A 136 4.41 38.79 -8.66
CA LEU A 136 3.65 40.01 -8.42
C LEU A 136 3.79 40.50 -6.98
N LEU A 137 3.68 39.60 -6.01
CA LEU A 137 3.60 40.00 -4.61
C LEU A 137 4.95 40.16 -3.94
N SER A 138 6.01 39.58 -4.50
CA SER A 138 7.31 39.62 -3.84
C SER A 138 7.77 41.05 -3.58
N GLU A 139 7.52 41.94 -4.53
CA GLU A 139 7.97 43.33 -4.40
C GLU A 139 7.29 44.03 -3.23
N HIS A 140 6.00 43.76 -3.01
CA HIS A 140 5.21 44.49 -2.03
C HIS A 140 5.42 43.97 -0.62
N LEU A 141 5.80 42.71 -0.46
CA LEU A 141 5.75 42.05 0.84
C LEU A 141 7.10 41.55 1.33
N THR A 142 8.18 41.70 0.57
CA THR A 142 9.50 41.27 0.99
C THR A 142 10.50 42.40 0.79
N LEU A 143 11.66 42.25 1.44
CA LEU A 143 12.70 43.26 1.43
C LEU A 143 13.39 43.30 0.07
N THR A 144 13.31 44.44 -0.61
CA THR A 144 14.00 44.60 -1.88
C THR A 144 15.43 45.06 -1.64
N ALA A 145 16.18 45.25 -2.73
CA ALA A 145 17.55 45.73 -2.62
C ALA A 145 17.58 47.17 -2.12
N LYS A 146 16.65 48.01 -2.60
CA LYS A 146 16.53 49.37 -2.09
C LYS A 146 16.19 49.37 -0.61
N ASP A 147 15.15 48.61 -0.22
CA ASP A 147 14.79 48.49 1.19
C ASP A 147 15.98 48.04 2.03
N GLU A 148 16.81 47.15 1.49
CA GLU A 148 17.94 46.63 2.25
C GLU A 148 18.99 47.71 2.46
N ARG A 149 19.21 48.57 1.46
CA ARG A 149 20.21 49.64 1.60
C ARG A 149 19.76 50.71 2.58
N ASN A 150 18.44 50.94 2.68
CA ASN A 150 17.89 51.88 3.65
C ASN A 150 17.56 51.24 4.98
N LEU A 151 18.20 50.12 5.31
CA LEU A 151 17.97 49.38 6.54
C LEU A 151 19.22 49.47 7.40
N ASN A 152 19.03 49.75 8.69
CA ASN A 152 20.13 49.81 9.65
C ASN A 152 20.01 48.65 10.64
N GLU A 153 21.16 48.24 11.18
CA GLU A 153 21.21 47.10 12.08
C GLU A 153 20.41 47.33 13.36
N GLU A 154 20.05 48.58 13.68
CA GLU A 154 19.24 48.83 14.86
C GLU A 154 17.81 48.39 14.66
N GLN A 155 17.23 48.67 13.48
CA GLN A 155 15.86 48.26 13.22
C GLN A 155 15.73 46.75 13.03
N LEU A 156 16.77 46.10 12.50
CA LEU A 156 16.71 44.66 12.29
C LEU A 156 16.97 43.88 13.58
N THR A 157 17.87 44.37 14.42
CA THR A 157 18.12 43.70 15.70
C THR A 157 16.93 43.82 16.63
N LYS A 158 16.17 44.91 16.52
CA LYS A 158 14.94 45.04 17.31
C LYS A 158 13.86 44.10 16.77
N TYR A 159 13.73 43.99 15.45
CA TYR A 159 12.73 43.08 14.88
C TYR A 159 13.08 41.62 15.19
N LEU A 160 14.37 41.27 15.16
CA LEU A 160 14.75 39.88 15.34
C LEU A 160 14.58 39.42 16.78
N THR A 161 14.58 40.34 17.75
CA THR A 161 14.39 39.95 19.14
C THR A 161 12.93 39.61 19.44
N ASN A 162 11.99 40.10 18.63
CA ASN A 162 10.57 39.81 18.81
C ASN A 162 10.07 38.65 17.96
N PHE A 163 10.72 38.36 16.84
CA PHE A 163 10.24 37.36 15.90
C PHE A 163 11.30 36.35 15.48
N GLN A 164 12.50 36.42 16.09
CA GLN A 164 13.53 35.38 16.01
C GLN A 164 14.28 35.32 14.68
N VAL A 165 13.57 35.10 13.57
CA VAL A 165 14.19 34.66 12.32
C VAL A 165 14.02 35.72 11.24
N LYS A 166 14.78 35.53 10.14
CA LYS A 166 14.78 36.43 9.01
C LYS A 166 13.89 35.94 7.86
N THR A 167 12.90 35.11 8.16
CA THR A 167 12.08 34.48 7.12
C THR A 167 11.27 35.51 6.34
N GLN A 168 11.30 35.38 5.01
CA GLN A 168 10.50 36.19 4.10
C GLN A 168 9.43 35.39 3.40
N TYR A 169 9.71 34.15 3.04
CA TYR A 169 8.78 33.29 2.32
C TYR A 169 8.62 31.96 3.03
N VAL A 170 7.40 31.44 3.03
CA VAL A 170 7.12 30.06 3.40
C VAL A 170 6.24 29.48 2.31
N VAL A 171 6.54 28.25 1.90
CA VAL A 171 5.72 27.51 0.94
C VAL A 171 5.02 26.39 1.68
N ALA A 172 3.74 26.19 1.35
CA ALA A 172 2.94 25.12 1.94
C ALA A 172 2.41 24.25 0.82
N LEU A 173 2.70 22.95 0.90
CA LEU A 173 2.10 21.97 -0.01
C LEU A 173 0.92 21.33 0.71
N ASP A 174 -0.28 21.57 0.19
CA ASP A 174 -1.49 20.95 0.73
C ASP A 174 -1.74 19.66 -0.03
N LEU A 175 -1.55 18.53 0.65
CA LEU A 175 -1.61 17.21 0.00
C LEU A 175 -3.05 16.74 -0.01
N ARG A 176 -3.80 17.24 -0.99
CA ARG A 176 -5.16 16.77 -1.20
C ARG A 176 -5.15 15.42 -1.89
N LYS A 177 -6.19 14.62 -1.64
CA LYS A 177 -6.28 13.30 -2.24
C LYS A 177 -6.42 13.33 -3.75
N THR A 178 -6.69 14.50 -4.33
CA THR A 178 -6.80 14.64 -5.78
C THR A 178 -5.55 15.27 -6.42
N GLY A 179 -4.61 15.74 -5.62
CA GLY A 179 -3.40 16.37 -6.12
C GLY A 179 -2.95 17.49 -5.20
N ILE A 180 -1.68 17.86 -5.33
CA ILE A 180 -1.11 18.91 -4.51
C ILE A 180 -1.58 20.27 -5.00
N VAL A 181 -1.95 21.14 -4.06
CA VAL A 181 -2.12 22.56 -4.32
C VAL A 181 -1.19 23.32 -3.37
N ALA A 182 -0.50 24.33 -3.90
CA ALA A 182 0.52 25.04 -3.15
C ALA A 182 0.06 26.43 -2.74
N LYS A 183 0.51 26.87 -1.58
CA LYS A 183 0.26 28.20 -1.06
C LYS A 183 1.59 28.83 -0.66
N GLU A 184 1.66 30.16 -0.77
CA GLU A 184 2.86 30.90 -0.42
C GLU A 184 2.51 31.97 0.61
N TYR A 185 3.39 32.11 1.61
CA TYR A 185 3.24 33.10 2.67
C TYR A 185 4.35 34.12 2.53
N PHE A 186 4.01 35.40 2.69
CA PHE A 186 4.93 36.50 2.58
C PHE A 186 4.97 37.25 3.90
N PHE A 187 6.16 37.40 4.47
CA PHE A 187 6.30 38.02 5.78
C PHE A 187 6.97 39.39 5.66
N PRO A 188 6.20 40.48 5.67
CA PRO A 188 6.77 41.80 5.43
C PRO A 188 7.41 42.46 6.64
N GLY A 189 7.69 41.72 7.71
CA GLY A 189 8.21 42.34 8.92
C GLY A 189 9.51 43.07 8.68
N ILE A 190 10.47 42.41 8.03
CA ILE A 190 11.77 43.04 7.80
C ILE A 190 11.67 44.15 6.77
N LYS A 191 10.78 44.01 5.78
CA LYS A 191 10.55 45.09 4.84
C LYS A 191 10.03 46.32 5.57
N CYS A 192 9.05 46.12 6.46
CA CYS A 192 8.47 47.25 7.18
C CYS A 192 9.46 47.88 8.15
N ALA A 193 10.36 47.08 8.71
CA ALA A 193 11.39 47.63 9.60
C ALA A 193 12.35 48.53 8.83
N ALA A 194 12.54 48.27 7.54
CA ALA A 194 13.43 49.08 6.71
C ALA A 194 12.73 50.31 6.15
N THR A 195 11.48 50.16 5.72
CA THR A 195 10.74 51.24 5.08
C THR A 195 9.86 52.04 6.03
N GLY A 196 9.52 51.49 7.19
CA GLY A 196 8.67 52.17 8.13
C GLY A 196 7.19 52.05 7.87
N GLN A 197 6.78 51.42 6.78
CA GLN A 197 5.36 51.22 6.51
C GLN A 197 4.78 50.21 7.49
N THR A 198 3.45 50.19 7.59
CA THR A 198 2.79 49.24 8.48
C THR A 198 2.52 47.93 7.74
N GLY A 199 2.33 46.87 8.52
CA GLY A 199 2.03 45.57 7.93
C GLY A 199 0.74 45.57 7.14
N SER A 200 -0.26 46.32 7.61
CA SER A 200 -1.52 46.43 6.88
C SER A 200 -1.32 47.19 5.57
N ASN A 201 -0.48 48.23 5.59
CA ASN A 201 -0.20 48.97 4.35
C ASN A 201 0.49 48.09 3.33
N ALA A 202 1.36 47.18 3.78
CA ALA A 202 2.06 46.29 2.86
C ALA A 202 1.14 45.20 2.32
N CYS A 203 0.37 44.57 3.20
CA CYS A 203 -0.47 43.44 2.79
C CYS A 203 -1.64 43.88 1.94
N PHE A 204 -2.36 44.92 2.37
CA PHE A 204 -3.52 45.36 1.62
C PHE A 204 -3.13 46.13 0.36
N GLY A 205 -1.98 46.81 0.39
CA GLY A 205 -1.47 47.40 -0.84
C GLY A 205 -1.09 46.34 -1.87
N ALA A 206 -0.56 45.21 -1.40
CA ALA A 206 -0.25 44.11 -2.30
C ALA A 206 -1.50 43.51 -2.92
N ILE A 207 -2.57 43.35 -2.12
CA ILE A 207 -3.81 42.79 -2.63
C ILE A 207 -4.42 43.70 -3.69
N ARG A 208 -4.51 44.99 -3.40
CA ARG A 208 -5.07 45.94 -4.36
C ARG A 208 -4.20 46.09 -5.60
N ALA A 209 -2.89 45.83 -5.49
CA ALA A 209 -2.04 45.85 -6.67
C ALA A 209 -2.34 44.69 -7.60
N VAL A 210 -2.70 43.53 -7.04
CA VAL A 210 -3.07 42.38 -7.84
C VAL A 210 -4.55 42.47 -8.24
N ASP A 211 -5.40 42.90 -7.32
CA ASP A 211 -6.83 43.03 -7.55
C ASP A 211 -7.09 44.39 -8.21
N LYS A 212 -6.93 44.41 -9.54
CA LYS A 212 -7.07 45.66 -10.27
C LYS A 212 -8.53 46.05 -10.46
N ASP A 213 -9.41 45.07 -10.63
CA ASP A 213 -10.83 45.35 -10.84
C ASP A 213 -11.59 45.57 -9.54
N GLY A 214 -10.90 45.62 -8.41
CA GLY A 214 -11.54 45.97 -7.14
C GLY A 214 -12.55 44.95 -6.66
N HIS A 215 -12.38 43.69 -7.01
CA HIS A 215 -13.30 42.65 -6.57
C HIS A 215 -13.21 42.38 -5.07
N LEU A 216 -12.11 42.77 -4.44
CA LEU A 216 -11.87 42.50 -3.03
C LEU A 216 -11.87 43.74 -2.16
N ASP A 217 -12.12 44.92 -2.73
CA ASP A 217 -11.94 46.14 -1.95
C ASP A 217 -12.94 46.26 -0.82
N SER A 218 -14.17 45.78 -1.02
CA SER A 218 -15.17 45.83 0.06
C SER A 218 -14.76 44.91 1.21
N LEU A 219 -14.17 43.76 0.90
CA LEU A 219 -13.67 42.87 1.94
C LEU A 219 -12.43 43.46 2.62
N CYS A 220 -11.54 44.10 1.85
CA CYS A 220 -10.34 44.67 2.43
C CYS A 220 -10.68 45.83 3.38
N GLN A 221 -11.66 46.65 3.03
CA GLN A 221 -12.02 47.79 3.87
C GLN A 221 -12.68 47.32 5.16
N LEU A 222 -13.52 46.28 5.09
CA LEU A 222 -14.14 45.76 6.30
C LEU A 222 -13.09 45.22 7.26
N ILE A 223 -12.08 44.53 6.73
CA ILE A 223 -11.01 44.00 7.56
C ILE A 223 -10.13 45.13 8.08
N GLU A 224 -9.75 46.06 7.19
CA GLU A 224 -8.93 47.20 7.59
C GLU A 224 -9.59 48.03 8.67
N ALA A 225 -10.92 48.17 8.59
CA ALA A 225 -11.64 48.96 9.60
C ALA A 225 -11.55 48.29 10.96
N HIS A 226 -11.65 46.96 11.00
CA HIS A 226 -11.55 46.25 12.28
C HIS A 226 -10.14 46.33 12.84
N PHE A 227 -9.12 46.24 11.98
CA PHE A 227 -7.75 46.35 12.45
C PHE A 227 -7.47 47.73 13.03
N GLN A 228 -7.95 48.77 12.35
CA GLN A 228 -7.75 50.13 12.85
C GLN A 228 -8.54 50.38 14.12
N GLN A 229 -9.76 49.83 14.21
CA GLN A 229 -10.55 50.03 15.42
C GLN A 229 -10.00 49.23 16.58
N SER A 230 -9.73 47.94 16.38
CA SER A 230 -9.23 47.07 17.44
C SER A 230 -7.74 47.26 17.71
N LYS A 231 -7.08 48.12 16.94
CA LYS A 231 -5.67 48.49 17.17
C LYS A 231 -4.76 47.27 17.02
N ILE A 232 -4.79 46.69 15.83
CA ILE A 232 -3.89 45.59 15.49
C ILE A 232 -3.43 45.77 14.05
N ASP A 233 -2.21 45.34 13.78
CA ASP A 233 -1.58 45.46 12.48
C ASP A 233 -1.56 44.10 11.79
N ASP A 234 -1.69 44.10 10.48
CA ASP A 234 -1.56 42.85 9.72
C ASP A 234 -0.14 42.30 9.87
N ALA A 235 -0.04 40.99 10.10
CA ALA A 235 1.24 40.34 10.33
C ALA A 235 1.87 39.80 9.04
N PHE A 236 1.11 39.06 8.25
CA PHE A 236 1.62 38.54 6.99
C PHE A 236 0.43 38.14 6.11
N LEU A 237 0.75 37.68 4.90
CA LEU A 237 -0.24 37.39 3.88
C LEU A 237 0.01 36.01 3.28
N CYS A 238 -1.07 35.38 2.84
CA CYS A 238 -1.00 34.10 2.16
C CYS A 238 -1.78 34.19 0.85
N CYS A 239 -1.38 33.37 -0.13
CA CYS A 239 -2.12 33.28 -1.38
C CYS A 239 -1.96 31.89 -1.96
N ASP A 240 -2.96 31.47 -2.74
CA ASP A 240 -2.86 30.22 -3.48
C ASP A 240 -2.01 30.43 -4.72
N LEU A 241 -1.14 29.46 -5.00
CA LEU A 241 -0.30 29.53 -6.19
C LEU A 241 -1.09 28.99 -7.39
N VAL A 242 -2.11 29.76 -7.76
CA VAL A 242 -2.95 29.48 -8.91
C VAL A 242 -3.00 30.74 -9.78
N ASP A 243 -3.80 30.69 -10.84
CA ASP A 243 -4.00 31.86 -11.68
C ASP A 243 -4.43 33.04 -10.84
N PRO A 244 -3.77 34.20 -10.96
CA PRO A 244 -4.02 35.32 -10.03
C PRO A 244 -5.48 35.73 -9.93
N ALA A 245 -6.27 35.44 -10.96
CA ALA A 245 -7.69 35.78 -10.94
C ALA A 245 -8.51 34.82 -10.10
N HIS A 246 -8.02 33.61 -9.86
CA HIS A 246 -8.77 32.60 -9.13
C HIS A 246 -8.16 32.27 -7.76
N THR A 247 -7.37 33.18 -7.22
CA THR A 247 -6.64 32.90 -5.99
C THR A 247 -7.45 33.35 -4.78
N ARG A 248 -7.05 32.84 -3.62
CA ARG A 248 -7.59 33.29 -2.33
C ARG A 248 -6.47 33.98 -1.57
N PHE A 249 -6.73 35.19 -1.11
CA PHE A 249 -5.80 35.89 -0.23
C PHE A 249 -6.27 35.70 1.22
N LYS A 250 -5.31 35.54 2.11
CA LYS A 250 -5.59 35.42 3.54
C LYS A 250 -4.63 36.35 4.28
N VAL A 251 -5.18 37.27 5.06
CA VAL A 251 -4.41 38.22 5.85
C VAL A 251 -4.40 37.74 7.29
N TYR A 252 -3.22 37.65 7.88
CA TYR A 252 -3.04 37.13 9.23
C TYR A 252 -2.74 38.24 10.21
N ILE A 253 -3.24 38.10 11.43
CA ILE A 253 -2.87 38.94 12.55
C ILE A 253 -2.41 38.04 13.68
N ALA A 254 -1.44 38.53 14.46
CA ALA A 254 -0.91 37.81 15.62
C ALA A 254 -1.04 38.72 16.84
N ASP A 255 -1.88 38.30 17.79
CA ASP A 255 -2.21 39.14 18.94
C ASP A 255 -1.56 38.58 20.19
N PRO A 256 -0.64 39.31 20.84
CA PRO A 256 -0.03 38.81 22.07
C PRO A 256 -0.95 38.89 23.28
N LEU A 257 -2.14 39.45 23.14
CA LEU A 257 -3.16 39.42 24.19
C LEU A 257 -3.98 38.15 23.99
N VAL A 258 -3.57 37.07 24.67
CA VAL A 258 -4.21 35.77 24.49
C VAL A 258 -5.37 35.65 25.48
N THR A 259 -6.49 36.30 25.19
CA THR A 259 -7.70 36.19 25.97
C THR A 259 -8.86 35.79 25.08
N LEU A 260 -9.90 35.23 25.68
CA LEU A 260 -11.05 34.81 24.91
C LEU A 260 -11.86 36.01 24.40
N ALA A 261 -11.89 37.11 25.17
CA ALA A 261 -12.57 38.31 24.71
C ALA A 261 -11.88 38.90 23.50
N ARG A 262 -10.54 38.92 23.51
CA ARG A 262 -9.79 39.42 22.36
C ARG A 262 -9.96 38.51 21.15
N ALA A 263 -10.02 37.20 21.37
CA ALA A 263 -10.27 36.28 20.27
C ALA A 263 -11.66 36.49 19.68
N GLU A 264 -12.66 36.73 20.54
CA GLU A 264 -14.01 36.95 20.04
C GLU A 264 -14.13 38.28 19.30
N GLU A 265 -13.38 39.31 19.72
CA GLU A 265 -13.39 40.58 19.00
C GLU A 265 -12.92 40.39 17.56
N HIS A 266 -11.86 39.62 17.36
CA HIS A 266 -11.33 39.38 16.02
C HIS A 266 -12.19 38.41 15.22
N TRP A 267 -12.83 37.44 15.88
CA TRP A 267 -13.64 36.46 15.18
C TRP A 267 -14.87 37.08 14.53
N THR A 268 -15.44 38.10 15.15
CA THR A 268 -16.59 38.79 14.63
C THR A 268 -16.23 40.10 13.94
N LEU A 269 -14.92 40.36 13.76
CA LEU A 269 -14.43 41.61 13.18
C LEU A 269 -14.96 42.82 13.93
N GLY A 270 -14.91 42.75 15.26
CA GLY A 270 -15.44 43.83 16.08
C GLY A 270 -16.91 44.08 15.85
N GLY A 271 -17.69 43.02 15.66
CA GLY A 271 -19.12 43.16 15.45
C GLY A 271 -19.54 43.31 14.00
N ARG A 272 -18.59 43.36 13.07
CA ARG A 272 -18.92 43.53 11.65
C ARG A 272 -19.40 42.24 10.99
N LEU A 273 -19.26 41.10 11.66
CA LEU A 273 -19.81 39.83 11.20
C LEU A 273 -20.96 39.45 12.12
N THR A 274 -22.17 39.39 11.56
CA THR A 274 -23.37 39.19 12.35
C THR A 274 -24.20 37.99 11.91
N ASP A 275 -23.73 37.23 10.93
CA ASP A 275 -24.47 36.08 10.43
C ASP A 275 -24.61 35.02 11.53
N GLU A 276 -25.44 34.01 11.24
CA GLU A 276 -25.66 32.93 12.19
C GLU A 276 -24.43 32.03 12.30
N ASP A 277 -23.69 31.86 11.20
CA ASP A 277 -22.54 30.97 11.23
C ASP A 277 -21.41 31.55 12.06
N ALA A 278 -21.26 32.87 12.08
CA ALA A 278 -20.29 33.49 12.97
C ALA A 278 -20.71 33.34 14.42
N ALA A 279 -22.02 33.31 14.68
CA ALA A 279 -22.52 33.18 16.05
C ALA A 279 -22.41 31.74 16.55
N VAL A 280 -22.73 30.76 15.70
CA VAL A 280 -22.62 29.36 16.09
C VAL A 280 -21.16 28.97 16.27
N GLY A 281 -20.32 29.31 15.30
CA GLY A 281 -18.91 29.01 15.42
C GLY A 281 -18.27 29.65 16.64
N LEU A 282 -18.72 30.85 17.01
CA LEU A 282 -18.20 31.52 18.19
C LEU A 282 -18.50 30.73 19.46
N GLU A 283 -19.64 30.06 19.52
CA GLU A 283 -19.99 29.27 20.69
C GLU A 283 -19.22 27.96 20.75
N ILE A 284 -18.89 27.38 19.60
CA ILE A 284 -18.03 26.20 19.59
C ILE A 284 -16.61 26.60 19.97
N ILE A 285 -16.16 27.77 19.52
CA ILE A 285 -14.86 28.31 19.94
C ILE A 285 -14.82 28.53 21.44
N ARG A 286 -15.85 29.18 21.97
CA ARG A 286 -15.89 29.53 23.39
C ARG A 286 -15.70 28.30 24.27
N GLY A 287 -16.33 27.19 23.89
CA GLY A 287 -16.22 25.98 24.69
C GLY A 287 -14.85 25.32 24.57
N LEU A 288 -14.30 25.30 23.35
CA LEU A 288 -12.97 24.74 23.15
C LEU A 288 -11.92 25.52 23.92
N TRP A 289 -11.89 26.84 23.74
CA TRP A 289 -10.96 27.68 24.49
C TRP A 289 -11.07 27.43 25.98
N SER A 290 -12.31 27.32 26.49
CA SER A 290 -12.53 27.12 27.92
C SER A 290 -11.97 25.78 28.38
N GLU A 291 -12.33 24.70 27.70
CA GLU A 291 -11.92 23.37 28.14
C GLU A 291 -10.43 23.13 27.93
N LEU A 292 -9.86 23.70 26.86
CA LEU A 292 -8.42 23.57 26.66
C LEU A 292 -7.64 24.37 27.69
N GLY A 293 -8.22 25.44 28.21
CA GLY A 293 -7.51 26.30 29.13
C GLY A 293 -6.36 27.02 28.45
N ILE A 294 -6.65 27.64 27.31
CA ILE A 294 -5.65 28.38 26.54
C ILE A 294 -4.93 29.36 27.45
N ILE A 295 -3.62 29.25 27.53
CA ILE A 295 -2.83 29.99 28.50
C ILE A 295 -2.67 31.43 28.03
N GLN A 296 -2.98 32.37 28.91
CA GLN A 296 -2.71 33.79 28.65
C GLN A 296 -1.28 34.09 29.12
N GLY A 297 -0.35 34.14 28.17
CA GLY A 297 1.01 34.49 28.48
C GLY A 297 1.20 35.98 28.62
N PRO A 298 2.43 36.37 28.93
CA PRO A 298 2.74 37.80 29.05
C PRO A 298 2.76 38.47 27.69
N LEU A 299 2.26 39.72 27.65
CA LEU A 299 2.14 40.44 26.38
C LEU A 299 3.51 40.69 25.74
N GLU A 300 4.51 40.98 26.57
CA GLU A 300 5.84 41.27 26.06
C GLU A 300 6.38 40.10 25.26
N PRO A 301 6.67 40.26 23.98
CA PRO A 301 7.25 39.15 23.20
C PRO A 301 8.56 38.64 23.76
N SER A 302 9.21 39.41 24.63
CA SER A 302 10.39 38.94 25.32
C SER A 302 10.07 37.76 26.23
N ALA A 303 9.20 37.97 27.21
CA ALA A 303 8.90 36.94 28.20
C ALA A 303 7.98 35.84 27.68
N MET A 304 7.19 36.12 26.66
CA MET A 304 6.32 35.08 26.10
C MET A 304 7.15 33.98 25.43
N MET A 305 8.32 34.34 24.88
CA MET A 305 9.17 33.34 24.25
C MET A 305 9.89 32.48 25.28
N GLU A 306 10.38 33.08 26.36
CA GLU A 306 11.10 32.29 27.36
C GLU A 306 10.15 31.39 28.13
N LYS A 307 8.88 31.76 28.25
CA LYS A 307 7.87 30.85 28.77
C LYS A 307 7.40 29.85 27.73
N GLY A 308 7.90 29.95 26.50
CA GLY A 308 7.52 29.03 25.45
C GLY A 308 6.10 29.20 24.93
N LEU A 309 5.50 30.36 25.14
CA LEU A 309 4.09 30.58 24.84
C LEU A 309 3.91 31.36 23.54
N LEU A 310 2.82 31.07 22.85
CA LEU A 310 2.52 31.64 21.54
C LEU A 310 1.33 32.59 21.63
N PRO A 311 1.21 33.52 20.69
CA PRO A 311 0.06 34.43 20.67
C PRO A 311 -1.14 33.74 20.03
N ILE A 312 -2.26 34.44 19.98
CA ILE A 312 -3.37 33.98 19.15
C ILE A 312 -3.16 34.53 17.75
N MET A 313 -3.60 33.75 16.76
CA MET A 313 -3.56 34.20 15.38
C MET A 313 -4.93 34.00 14.76
N LEU A 314 -5.22 34.82 13.75
CA LEU A 314 -6.36 34.64 12.88
C LEU A 314 -5.95 34.97 11.46
N ASN A 315 -6.65 34.38 10.49
CA ASN A 315 -6.58 34.86 9.12
C ASN A 315 -8.00 35.12 8.63
N TYR A 316 -8.09 35.97 7.61
CA TYR A 316 -9.35 36.33 6.99
C TYR A 316 -9.24 36.03 5.51
N GLU A 317 -10.06 35.12 5.02
CA GLU A 317 -10.00 34.65 3.64
C GLU A 317 -10.82 35.57 2.73
N MET A 318 -10.30 35.83 1.53
CA MET A 318 -10.91 36.73 0.58
C MET A 318 -10.84 36.11 -0.80
N LYS A 319 -12.00 35.94 -1.44
CA LYS A 319 -12.06 35.55 -2.84
C LYS A 319 -12.97 36.52 -3.58
N ALA A 320 -12.91 36.46 -4.91
CA ALA A 320 -13.50 37.50 -5.75
C ALA A 320 -15.00 37.64 -5.52
N GLY A 321 -15.75 36.56 -5.69
CA GLY A 321 -17.19 36.63 -5.53
C GLY A 321 -17.65 36.23 -4.15
N GLN A 322 -17.11 36.89 -3.12
CA GLN A 322 -17.36 36.51 -1.73
C GLN A 322 -18.03 37.66 -0.99
N ARG A 323 -19.09 37.33 -0.24
CA ARG A 323 -19.88 38.35 0.45
C ARG A 323 -19.11 38.97 1.60
N LEU A 324 -18.80 38.17 2.63
CA LEU A 324 -18.12 38.61 3.83
C LEU A 324 -16.78 37.89 3.95
N PRO A 325 -15.81 38.50 4.64
CA PRO A 325 -14.54 37.80 4.88
C PRO A 325 -14.74 36.62 5.82
N LYS A 326 -13.93 35.58 5.61
CA LYS A 326 -14.09 34.33 6.33
C LYS A 326 -12.96 34.18 7.35
N PRO A 327 -13.26 34.16 8.64
CA PRO A 327 -12.20 34.08 9.65
C PRO A 327 -11.81 32.64 9.99
N LYS A 328 -10.60 32.51 10.50
CA LYS A 328 -10.13 31.27 11.09
C LYS A 328 -9.28 31.61 12.30
N LEU A 329 -9.52 30.94 13.43
CA LEU A 329 -8.85 31.24 14.68
C LEU A 329 -7.78 30.20 14.96
N TYR A 330 -6.59 30.68 15.36
CA TYR A 330 -5.48 29.82 15.77
C TYR A 330 -5.29 29.99 17.26
N MET A 331 -5.55 28.92 18.01
CA MET A 331 -5.40 28.91 19.47
C MET A 331 -4.06 28.28 19.83
N PRO A 332 -3.21 28.97 20.60
CA PRO A 332 -1.91 28.39 20.96
C PRO A 332 -2.08 27.29 21.99
N LEU A 333 -1.41 26.16 21.76
CA LEU A 333 -1.54 25.01 22.63
C LEU A 333 -0.29 24.70 23.44
N THR A 334 0.81 25.43 23.23
CA THR A 334 2.02 25.17 24.02
C THR A 334 1.75 25.47 25.49
N GLY A 335 2.24 24.59 26.36
CA GLY A 335 1.96 24.68 27.78
C GLY A 335 0.80 23.83 28.24
N ILE A 336 0.03 23.26 27.33
CA ILE A 336 -1.10 22.39 27.66
C ILE A 336 -0.67 20.95 27.42
N PRO A 337 -0.83 20.05 28.39
CA PRO A 337 -0.40 18.66 28.20
C PRO A 337 -1.11 18.02 27.01
N GLU A 338 -0.39 17.14 26.30
CA GLU A 338 -0.92 16.55 25.08
C GLU A 338 -2.14 15.68 25.37
N THR A 339 -2.16 14.99 26.51
CA THR A 339 -3.32 14.17 26.86
C THR A 339 -4.56 15.03 27.11
N LYS A 340 -4.39 16.20 27.73
CA LYS A 340 -5.52 17.09 27.92
C LYS A 340 -6.08 17.54 26.59
N ILE A 341 -5.22 17.92 25.65
CA ILE A 341 -5.67 18.28 24.30
C ILE A 341 -6.39 17.11 23.65
N ALA A 342 -5.81 15.92 23.75
CA ALA A 342 -6.42 14.76 23.11
C ALA A 342 -7.75 14.37 23.73
N ARG A 343 -7.99 14.76 24.99
N ARG A 343 -7.99 14.76 24.99
CA ARG A 343 -9.27 14.49 25.61
CA ARG A 343 -9.29 14.48 25.60
C ARG A 343 -10.36 15.42 25.08
C ARG A 343 -10.36 15.42 25.07
N ILE A 344 -10.04 16.71 24.92
CA ILE A 344 -11.00 17.66 24.39
C ILE A 344 -11.27 17.38 22.91
N MET A 345 -10.22 16.99 22.16
CA MET A 345 -10.39 16.68 20.75
C MET A 345 -11.28 15.47 20.56
N THR A 346 -11.07 14.41 21.36
CA THR A 346 -11.90 13.23 21.27
C THR A 346 -13.37 13.54 21.56
N ALA A 347 -13.62 14.32 22.62
CA ALA A 347 -14.98 14.73 22.95
C ALA A 347 -15.58 15.59 21.84
N PHE A 348 -14.77 16.50 21.27
CA PHE A 348 -15.24 17.30 20.14
C PHE A 348 -15.65 16.41 18.98
N PHE A 349 -14.80 15.46 18.61
CA PHE A 349 -15.06 14.63 17.43
C PHE A 349 -16.34 13.84 17.60
N GLN A 350 -16.59 13.29 18.79
CA GLN A 350 -17.80 12.50 18.98
C GLN A 350 -19.04 13.38 19.11
N ARG A 351 -18.89 14.60 19.62
CA ARG A 351 -20.03 15.52 19.69
C ARG A 351 -20.49 15.94 18.29
N HIS A 352 -19.56 16.12 17.36
CA HIS A 352 -19.87 16.62 16.03
C HIS A 352 -19.87 15.52 14.97
N ASP A 353 -20.25 14.30 15.36
CA ASP A 353 -20.49 13.19 14.44
C ASP A 353 -19.24 12.86 13.63
N MET A 354 -18.11 12.77 14.33
CA MET A 354 -16.87 12.28 13.75
C MET A 354 -16.32 11.15 14.62
N PRO A 355 -17.08 10.05 14.76
CA PRO A 355 -16.69 9.02 15.72
C PRO A 355 -15.37 8.33 15.37
N GLU A 356 -15.03 8.24 14.08
CA GLU A 356 -13.78 7.60 13.69
C GLU A 356 -12.58 8.42 14.09
N GLN A 357 -12.68 9.75 14.06
CA GLN A 357 -11.59 10.59 14.54
C GLN A 357 -11.42 10.48 16.05
N ALA A 358 -12.53 10.34 16.78
CA ALA A 358 -12.46 10.24 18.24
C ALA A 358 -11.82 8.92 18.68
N GLU A 359 -12.04 7.83 17.93
CA GLU A 359 -11.54 6.54 18.37
C GLU A 359 -10.02 6.46 18.29
N VAL A 360 -9.42 7.11 17.30
CA VAL A 360 -8.01 6.90 17.00
C VAL A 360 -7.14 8.11 17.31
N PHE A 361 -7.71 9.21 17.81
CA PHE A 361 -6.93 10.44 17.95
C PHE A 361 -5.78 10.25 18.93
N MET A 362 -6.04 9.63 20.08
CA MET A 362 -4.99 9.48 21.09
C MET A 362 -3.90 8.52 20.62
N GLU A 363 -4.28 7.37 20.05
CA GLU A 363 -3.28 6.39 19.62
C GLU A 363 -2.49 6.90 18.43
N ASN A 364 -3.11 7.70 17.55
CA ASN A 364 -2.38 8.28 16.43
C ASN A 364 -1.37 9.32 16.92
N LEU A 365 -1.75 10.14 17.90
CA LEU A 365 -0.85 11.13 18.45
C LEU A 365 0.35 10.47 19.14
N GLN A 366 0.07 9.47 19.97
CA GLN A 366 1.14 8.75 20.67
C GLN A 366 2.13 8.15 19.67
N ALA A 367 1.66 7.71 18.51
CA ALA A 367 2.55 7.13 17.52
C ALA A 367 3.39 8.18 16.81
N TYR A 368 2.86 9.40 16.64
CA TYR A 368 3.67 10.49 16.13
C TYR A 368 4.88 10.74 17.03
N TYR A 369 4.70 10.55 18.33
CA TYR A 369 5.73 10.80 19.34
C TYR A 369 5.97 9.50 20.10
N GLU A 370 6.61 8.54 19.43
CA GLU A 370 6.81 7.21 19.99
C GLU A 370 7.56 7.29 21.31
N GLY A 371 7.11 6.48 22.27
CA GLY A 371 7.80 6.38 23.54
C GLY A 371 7.83 7.63 24.38
N LYS A 372 7.10 8.68 24.00
CA LYS A 372 7.05 9.91 24.78
C LYS A 372 5.82 9.90 25.67
N ASN A 373 5.99 10.44 26.89
CA ASN A 373 4.89 10.53 27.84
C ASN A 373 4.07 11.78 27.52
N LEU A 374 2.88 11.59 26.97
CA LEU A 374 2.03 12.70 26.56
C LEU A 374 1.38 13.43 27.72
N GLU A 375 1.54 12.96 28.95
CA GLU A 375 1.05 13.70 30.11
C GLU A 375 2.02 14.79 30.54
N GLU A 376 3.32 14.55 30.36
CA GLU A 376 4.33 15.55 30.67
C GLU A 376 4.60 16.50 29.51
N ALA A 377 4.50 16.00 28.27
CA ALA A 377 4.79 16.82 27.10
C ALA A 377 3.74 17.91 26.94
N THR A 378 4.20 19.14 26.68
CA THR A 378 3.32 20.27 26.46
C THR A 378 3.71 21.10 25.24
N ARG A 379 4.64 20.61 24.41
CA ARG A 379 5.14 21.40 23.28
C ARG A 379 5.15 20.61 21.99
N TYR A 380 4.27 19.61 21.86
CA TYR A 380 4.17 18.81 20.64
C TYR A 380 3.06 19.33 19.73
N GLN A 381 1.81 19.35 20.20
CA GLN A 381 0.73 20.02 19.51
C GLN A 381 0.76 21.49 19.88
N ALA A 382 1.04 22.35 18.89
CA ALA A 382 1.33 23.75 19.15
C ALA A 382 0.17 24.68 18.82
N TRP A 383 -0.59 24.39 17.76
CA TRP A 383 -1.69 25.24 17.35
C TRP A 383 -2.93 24.39 17.09
N LEU A 384 -4.08 24.93 17.47
CA LEU A 384 -5.37 24.42 17.03
C LEU A 384 -6.05 25.51 16.23
N SER A 385 -6.40 25.21 14.98
CA SER A 385 -7.10 26.17 14.13
C SER A 385 -8.56 25.79 14.03
N PHE A 386 -9.42 26.81 13.95
CA PHE A 386 -10.86 26.60 13.91
C PHE A 386 -11.48 27.47 12.84
N ALA A 387 -12.35 26.88 12.04
CA ALA A 387 -13.22 27.61 11.13
C ALA A 387 -14.59 26.95 11.15
N TYR A 388 -15.61 27.73 10.81
CA TYR A 388 -16.97 27.20 10.80
C TYR A 388 -17.74 27.74 9.61
N THR A 389 -18.45 26.85 8.93
CA THR A 389 -19.52 27.20 8.01
C THR A 389 -20.70 26.28 8.30
N LYS A 390 -21.89 26.71 7.89
CA LYS A 390 -23.05 25.83 8.07
C LYS A 390 -22.92 24.58 7.20
N GLU A 391 -22.34 24.74 6.01
CA GLU A 391 -22.11 23.61 5.12
C GLU A 391 -21.14 22.60 5.74
N LYS A 392 -19.91 23.05 6.02
CA LYS A 392 -18.86 22.15 6.51
C LYS A 392 -19.03 21.80 7.99
N GLY A 393 -19.67 22.66 8.77
CA GLY A 393 -19.65 22.53 10.20
C GLY A 393 -18.33 23.06 10.73
N PRO A 394 -18.01 22.73 11.99
CA PRO A 394 -16.68 23.10 12.51
C PRO A 394 -15.63 22.14 11.97
N TYR A 395 -14.52 22.69 11.50
CA TYR A 395 -13.40 21.87 11.07
C TYR A 395 -12.12 22.38 11.70
N LEU A 396 -11.30 21.44 12.16
CA LEU A 396 -10.16 21.71 13.02
C LEU A 396 -8.88 21.24 12.35
N SER A 397 -7.77 21.89 12.71
CA SER A 397 -6.45 21.48 12.27
C SER A 397 -5.48 21.57 13.45
N ILE A 398 -4.54 20.64 13.49
CA ILE A 398 -3.47 20.63 14.49
C ILE A 398 -2.16 20.90 13.77
N TYR A 399 -1.35 21.78 14.34
CA TYR A 399 -0.01 22.08 13.86
C TYR A 399 0.99 21.54 14.88
N TYR A 400 1.96 20.76 14.41
CA TYR A 400 2.84 20.01 15.28
C TYR A 400 4.22 20.65 15.36
N PHE A 401 4.78 20.64 16.57
CA PHE A 401 6.17 21.01 16.79
C PHE A 401 7.02 19.75 16.89
N TRP A 402 8.26 19.83 16.41
CA TRP A 402 9.17 18.70 16.52
C TRP A 402 9.70 18.58 17.94
N PRO A 403 10.06 17.38 18.37
CA PRO A 403 10.72 17.24 19.68
C PRO A 403 12.04 18.01 19.70
N GLU A 404 12.43 18.40 20.91
CA GLU A 404 13.70 19.11 21.11
C GLU A 404 14.86 18.13 21.13
N MET B 1 -34.59 26.29 -21.54
CA MET B 1 -35.92 26.45 -20.97
C MET B 1 -36.92 26.94 -22.00
N ILE B 2 -36.43 27.60 -23.05
CA ILE B 2 -37.32 28.20 -24.03
C ILE B 2 -38.10 27.14 -24.78
N ALA B 3 -37.52 25.95 -24.98
CA ALA B 3 -38.24 24.88 -25.65
C ALA B 3 -39.34 24.32 -24.76
N TYR B 4 -39.16 24.34 -23.45
CA TYR B 4 -40.22 23.92 -22.53
C TYR B 4 -41.37 24.92 -22.54
N HIS B 5 -41.06 26.22 -22.44
CA HIS B 5 -42.10 27.23 -22.52
C HIS B 5 -42.83 27.15 -23.85
N THR B 6 -42.11 26.86 -24.92
CA THR B 6 -42.71 26.80 -26.26
C THR B 6 -43.67 25.62 -26.38
N LEU B 7 -43.22 24.44 -25.98
CA LEU B 7 -44.08 23.25 -26.06
C LEU B 7 -45.26 23.34 -25.09
N THR B 8 -45.08 24.04 -23.98
CA THR B 8 -46.21 24.27 -23.07
C THR B 8 -47.31 25.07 -23.76
N LYS B 9 -46.95 25.92 -24.72
CA LYS B 9 -47.96 26.70 -25.43
C LYS B 9 -48.73 25.88 -26.45
N ALA B 10 -48.25 24.68 -26.80
CA ALA B 10 -48.82 23.92 -27.90
C ALA B 10 -49.25 22.50 -27.55
N LEU B 11 -48.99 22.04 -26.33
CA LEU B 11 -49.29 20.66 -25.94
C LEU B 11 -50.57 20.64 -25.10
N LEU B 12 -51.55 19.88 -25.56
CA LEU B 12 -52.80 19.65 -24.84
C LEU B 12 -52.66 18.33 -24.09
N PHE B 13 -52.59 18.40 -22.78
CA PHE B 13 -52.47 17.12 -22.07
C PHE B 13 -53.86 16.60 -21.70
N PRO B 14 -54.11 15.30 -21.92
CA PRO B 14 -55.48 14.79 -21.74
C PRO B 14 -55.96 14.76 -20.31
N ASP B 15 -55.08 14.57 -19.33
CA ASP B 15 -55.49 14.52 -17.93
C ASP B 15 -54.49 15.27 -17.06
N ILE B 16 -54.88 15.48 -15.79
CA ILE B 16 -54.11 16.32 -14.88
C ILE B 16 -52.79 15.66 -14.50
N ASP B 17 -52.70 14.34 -14.61
CA ASP B 17 -51.49 13.66 -14.16
C ASP B 17 -50.37 13.79 -15.19
N GLN B 18 -50.68 13.69 -16.47
CA GLN B 18 -49.70 14.00 -17.51
C GLN B 18 -49.31 15.46 -17.46
N TYR B 19 -50.29 16.34 -17.22
CA TYR B 19 -50.00 17.76 -17.06
C TYR B 19 -49.00 17.99 -15.93
N GLN B 20 -49.29 17.45 -14.74
CA GLN B 20 -48.41 17.67 -13.60
C GLN B 20 -47.04 17.04 -13.80
N HIS B 21 -46.99 15.87 -14.45
CA HIS B 21 -45.70 15.26 -14.75
C HIS B 21 -44.92 16.07 -15.78
N TRP B 22 -45.61 16.76 -16.69
CA TRP B 22 -44.92 17.60 -17.65
C TRP B 22 -44.23 18.77 -16.95
N HIS B 23 -44.98 19.53 -16.15
CA HIS B 23 -44.41 20.68 -15.47
C HIS B 23 -43.46 20.29 -14.35
N HIS B 24 -43.46 19.02 -13.95
CA HIS B 24 -42.52 18.55 -12.93
C HIS B 24 -41.18 18.18 -13.55
N VAL B 25 -41.20 17.53 -14.71
CA VAL B 25 -39.99 16.95 -15.31
C VAL B 25 -39.44 17.82 -16.42
N ALA B 26 -40.30 18.32 -17.31
CA ALA B 26 -39.82 19.00 -18.51
C ALA B 26 -38.93 20.21 -18.25
N PRO B 27 -39.16 21.05 -17.23
CA PRO B 27 -38.23 22.17 -17.01
C PRO B 27 -36.79 21.73 -16.81
N MET B 28 -36.54 20.79 -15.89
CA MET B 28 -35.17 20.33 -15.67
C MET B 28 -34.65 19.60 -16.90
N LEU B 29 -35.48 18.77 -17.54
CA LEU B 29 -35.06 18.08 -18.75
C LEU B 29 -34.66 19.08 -19.84
N ALA B 30 -35.40 20.19 -19.96
CA ALA B 30 -35.06 21.19 -20.96
C ALA B 30 -33.73 21.86 -20.65
N LYS B 31 -33.50 22.19 -19.37
CA LYS B 31 -32.22 22.78 -18.96
C LYS B 31 -31.07 21.83 -19.26
N MET B 32 -31.25 20.54 -18.96
CA MET B 32 -30.17 19.58 -19.15
C MET B 32 -29.82 19.40 -20.62
N LEU B 33 -30.83 19.44 -21.51
CA LEU B 33 -30.57 19.31 -22.93
C LEU B 33 -29.83 20.54 -23.48
N VAL B 34 -30.16 21.73 -22.96
CA VAL B 34 -29.37 22.92 -23.28
C VAL B 34 -27.93 22.75 -22.78
N ASP B 35 -27.77 22.37 -21.51
CA ASP B 35 -26.45 22.24 -20.93
C ASP B 35 -25.61 21.19 -21.66
N GLY B 36 -26.23 20.13 -22.15
CA GLY B 36 -25.56 19.08 -22.91
C GLY B 36 -25.22 19.43 -24.33
N LYS B 37 -25.49 20.66 -24.76
CA LYS B 37 -25.19 21.12 -26.13
C LYS B 37 -25.98 20.34 -27.17
N TYR B 38 -27.18 19.89 -26.84
CA TYR B 38 -28.07 19.34 -27.84
C TYR B 38 -28.51 20.42 -28.81
N SER B 39 -28.65 20.06 -30.09
CA SER B 39 -29.15 21.02 -31.03
C SER B 39 -30.59 21.40 -30.66
N ILE B 40 -31.01 22.58 -31.12
CA ILE B 40 -32.34 23.06 -30.76
C ILE B 40 -33.41 22.10 -31.26
N HIS B 41 -33.12 21.35 -32.32
CA HIS B 41 -34.11 20.42 -32.86
C HIS B 41 -34.20 19.18 -31.98
N GLN B 42 -33.06 18.68 -31.50
CA GLN B 42 -33.09 17.53 -30.60
C GLN B 42 -33.68 17.89 -29.24
N GLN B 43 -33.57 19.16 -28.84
CA GLN B 43 -34.26 19.60 -27.64
C GLN B 43 -35.77 19.50 -27.80
N TYR B 44 -36.29 19.97 -28.93
CA TYR B 44 -37.72 19.85 -29.20
C TYR B 44 -38.11 18.40 -29.45
N GLU B 45 -37.25 17.63 -30.13
CA GLU B 45 -37.57 16.24 -30.43
C GLU B 45 -37.75 15.43 -29.15
N TYR B 46 -36.88 15.61 -28.17
CA TYR B 46 -36.87 14.78 -26.98
C TYR B 46 -37.82 15.29 -25.89
N LEU B 47 -38.02 16.60 -25.80
CA LEU B 47 -39.04 17.12 -24.89
C LEU B 47 -40.44 16.73 -25.37
N CYS B 48 -40.69 16.81 -26.67
CA CYS B 48 -41.97 16.41 -27.23
C CYS B 48 -42.16 14.89 -27.13
N LEU B 49 -41.09 14.13 -27.33
CA LEU B 49 -41.19 12.68 -27.19
C LEU B 49 -41.48 12.28 -25.75
N PHE B 50 -40.92 13.01 -24.78
CA PHE B 50 -41.23 12.77 -23.38
C PHE B 50 -42.72 12.93 -23.11
N ALA B 51 -43.32 14.00 -23.63
CA ALA B 51 -44.72 14.27 -23.40
C ALA B 51 -45.61 13.27 -24.12
N GLN B 52 -45.23 12.89 -25.34
CA GLN B 52 -46.05 12.01 -26.16
C GLN B 52 -45.93 10.55 -25.75
N LEU B 53 -44.76 10.13 -25.28
CA LEU B 53 -44.44 8.73 -25.07
C LEU B 53 -44.34 8.35 -23.60
N VAL B 54 -43.69 9.18 -22.79
CA VAL B 54 -43.29 8.80 -21.43
C VAL B 54 -44.30 9.26 -20.39
N ALA B 55 -44.73 10.52 -20.47
CA ALA B 55 -45.69 11.03 -19.50
C ALA B 55 -46.98 10.19 -19.40
N PRO B 56 -47.52 9.62 -20.49
CA PRO B 56 -48.69 8.75 -20.33
C PRO B 56 -48.47 7.53 -19.43
N VAL B 57 -47.23 7.07 -19.28
CA VAL B 57 -46.97 5.86 -18.50
C VAL B 57 -46.27 6.18 -17.18
N LEU B 58 -46.36 7.43 -16.71
CA LEU B 58 -45.83 7.76 -15.40
C LEU B 58 -46.85 7.58 -14.28
N GLY B 59 -48.10 7.29 -14.62
CA GLY B 59 -49.13 7.00 -13.64
C GLY B 59 -49.68 8.26 -12.99
N PRO B 60 -50.54 8.07 -11.99
CA PRO B 60 -51.07 9.21 -11.25
C PRO B 60 -49.96 10.03 -10.62
N TYR B 61 -50.11 11.34 -10.67
CA TYR B 61 -49.11 12.21 -10.06
C TYR B 61 -49.11 11.96 -8.57
N PRO B 62 -47.99 11.52 -7.97
CA PRO B 62 -47.99 11.12 -6.55
C PRO B 62 -47.95 12.30 -5.58
N SER B 63 -49.09 12.97 -5.45
CA SER B 63 -49.21 14.07 -4.51
C SER B 63 -49.03 13.54 -3.08
N PRO B 64 -48.59 14.39 -2.15
CA PRO B 64 -48.36 13.92 -0.77
C PRO B 64 -49.62 13.32 -0.16
N GLY B 65 -49.50 12.07 0.29
CA GLY B 65 -50.60 11.37 0.90
C GLY B 65 -51.51 10.63 -0.07
N ARG B 66 -51.34 10.83 -1.38
CA ARG B 66 -52.17 10.15 -2.35
C ARG B 66 -51.87 8.65 -2.33
N ASP B 67 -52.93 7.84 -2.21
CA ASP B 67 -52.79 6.39 -2.14
C ASP B 67 -52.66 5.84 -3.56
N VAL B 68 -51.43 5.92 -4.09
CA VAL B 68 -51.14 5.37 -5.41
C VAL B 68 -49.91 4.47 -5.32
N TYR B 69 -49.82 3.55 -6.29
CA TYR B 69 -48.62 2.76 -6.49
C TYR B 69 -47.41 3.67 -6.64
N ARG B 70 -46.43 3.50 -5.75
CA ARG B 70 -45.32 4.43 -5.67
C ARG B 70 -44.01 3.76 -6.05
N CYS B 71 -43.06 4.59 -6.45
CA CYS B 71 -41.74 4.18 -6.91
C CYS B 71 -40.70 5.05 -6.19
N THR B 72 -39.43 4.77 -6.43
CA THR B 72 -38.34 5.52 -5.80
C THR B 72 -37.38 6.14 -6.82
N LEU B 73 -37.71 6.11 -8.10
CA LEU B 73 -36.88 6.78 -9.09
C LEU B 73 -36.85 8.29 -8.83
N GLY B 74 -35.65 8.86 -8.80
CA GLY B 74 -35.50 10.23 -8.36
C GLY B 74 -35.84 10.44 -6.91
N GLY B 75 -35.87 9.36 -6.13
CA GLY B 75 -36.20 9.46 -4.72
C GLY B 75 -37.63 9.10 -4.40
N ASN B 76 -38.57 9.67 -5.15
CA ASN B 76 -39.98 9.60 -4.80
C ASN B 76 -40.92 9.46 -5.98
N MET B 77 -40.42 9.36 -7.20
CA MET B 77 -41.23 9.42 -8.40
C MET B 77 -41.11 8.11 -9.19
N THR B 78 -41.83 8.06 -10.30
CA THR B 78 -41.70 7.00 -11.28
C THR B 78 -40.80 7.39 -12.44
N VAL B 79 -40.10 8.52 -12.33
CA VAL B 79 -39.22 9.01 -13.39
C VAL B 79 -37.99 9.62 -12.73
N GLU B 80 -36.84 9.48 -13.40
CA GLU B 80 -35.56 9.93 -12.87
C GLU B 80 -34.70 10.48 -13.98
N LEU B 81 -34.12 11.66 -13.76
CA LEU B 81 -33.22 12.28 -14.72
C LEU B 81 -31.77 12.10 -14.29
N SER B 82 -30.90 11.85 -15.28
CA SER B 82 -29.48 11.74 -15.00
C SER B 82 -28.72 12.27 -16.21
N GLN B 83 -27.44 12.56 -15.99
CA GLN B 83 -26.63 13.26 -16.98
C GLN B 83 -25.24 12.66 -17.01
N ASN B 84 -24.74 12.38 -18.22
CA ASN B 84 -23.39 11.88 -18.44
C ASN B 84 -22.55 13.00 -19.03
N PHE B 85 -21.44 13.32 -18.39
CA PHE B 85 -20.63 14.46 -18.76
C PHE B 85 -19.51 14.06 -19.71
N GLN B 86 -19.46 14.73 -20.86
CA GLN B 86 -18.54 14.43 -21.94
C GLN B 86 -17.57 15.60 -22.16
N ARG B 87 -16.58 15.36 -23.01
CA ARG B 87 -15.57 16.36 -23.32
C ARG B 87 -15.92 17.13 -24.59
N SER B 90 -22.11 16.59 -23.15
CA SER B 90 -22.95 15.92 -22.15
C SER B 90 -24.19 15.26 -22.77
N THR B 91 -24.72 14.24 -22.08
CA THR B 91 -25.83 13.45 -22.58
C THR B 91 -26.81 13.15 -21.46
N THR B 92 -28.10 13.25 -21.76
CA THR B 92 -29.16 13.10 -20.77
C THR B 92 -29.81 11.73 -20.89
N ARG B 93 -30.19 11.15 -19.75
CA ARG B 93 -30.90 9.87 -19.68
C ARG B 93 -32.20 10.06 -18.93
N ILE B 94 -33.29 9.52 -19.47
CA ILE B 94 -34.59 9.49 -18.80
C ILE B 94 -34.88 8.05 -18.39
N ALA B 95 -35.02 7.82 -17.09
CA ALA B 95 -35.37 6.51 -16.56
C ALA B 95 -36.74 6.58 -15.90
N PHE B 96 -37.54 5.54 -16.10
CA PHE B 96 -38.89 5.54 -15.55
C PHE B 96 -39.40 4.12 -15.42
N GLU B 97 -40.35 3.93 -14.50
CA GLU B 97 -41.09 2.69 -14.41
C GLU B 97 -42.43 2.90 -15.09
N PRO B 98 -42.69 2.28 -16.25
CA PRO B 98 -44.01 2.40 -16.86
C PRO B 98 -45.08 1.87 -15.91
N VAL B 99 -46.09 2.70 -15.67
CA VAL B 99 -47.18 2.35 -14.76
C VAL B 99 -48.43 3.08 -15.23
N ARG B 100 -49.57 2.44 -15.05
CA ARG B 100 -50.86 3.05 -15.30
C ARG B 100 -51.69 2.97 -14.03
N TYR B 101 -52.79 3.73 -13.99
CA TYR B 101 -53.51 3.89 -12.73
C TYR B 101 -54.05 2.57 -12.21
N GLN B 102 -54.17 1.55 -13.07
CA GLN B 102 -54.70 0.26 -12.62
C GLN B 102 -53.83 -0.36 -11.54
N ALA B 103 -52.51 -0.14 -11.60
CA ALA B 103 -51.63 -0.68 -10.57
C ALA B 103 -51.91 -0.07 -9.20
N SER B 104 -52.42 1.16 -9.16
CA SER B 104 -52.74 1.84 -7.92
C SER B 104 -54.09 1.45 -7.35
N VAL B 105 -54.91 0.76 -8.11
CA VAL B 105 -56.32 0.67 -7.76
C VAL B 105 -56.83 -0.77 -7.82
N GLY B 106 -55.91 -1.73 -8.01
CA GLY B 106 -56.22 -3.12 -7.77
C GLY B 106 -56.23 -4.03 -8.99
N HIS B 107 -55.96 -3.51 -10.19
CA HIS B 107 -56.10 -4.31 -11.40
C HIS B 107 -54.78 -4.70 -12.04
N ASP B 108 -53.65 -4.45 -11.35
CA ASP B 108 -52.34 -4.89 -11.81
C ASP B 108 -51.35 -4.78 -10.65
N ARG B 109 -51.44 -5.71 -9.69
CA ARG B 109 -50.79 -5.53 -8.40
C ARG B 109 -49.28 -5.39 -8.52
N PHE B 110 -48.67 -6.17 -9.41
CA PHE B 110 -47.23 -6.12 -9.60
C PHE B 110 -46.83 -5.36 -10.87
N ASN B 111 -47.78 -4.62 -11.45
CA ASN B 111 -47.51 -3.69 -12.55
C ASN B 111 -46.78 -4.39 -13.69
N ARG B 112 -47.44 -5.38 -14.28
CA ARG B 112 -46.83 -6.19 -15.32
C ARG B 112 -47.23 -5.78 -16.73
N THR B 113 -48.36 -5.10 -16.91
CA THR B 113 -48.87 -4.80 -18.25
C THR B 113 -48.37 -3.47 -18.79
N SER B 114 -48.02 -2.52 -17.92
CA SER B 114 -47.76 -1.16 -18.38
C SER B 114 -46.50 -1.07 -19.23
N VAL B 115 -45.49 -1.90 -18.94
CA VAL B 115 -44.28 -1.88 -19.75
C VAL B 115 -44.57 -2.40 -21.15
N ASN B 116 -45.53 -3.31 -21.28
CA ASN B 116 -45.92 -3.81 -22.61
C ASN B 116 -46.68 -2.75 -23.38
N ALA B 117 -47.52 -1.97 -22.69
CA ALA B 117 -48.20 -0.85 -23.34
C ALA B 117 -47.20 0.23 -23.76
N PHE B 118 -46.16 0.46 -22.95
CA PHE B 118 -45.16 1.45 -23.31
C PHE B 118 -44.36 1.02 -24.54
N PHE B 119 -43.94 -0.25 -24.58
CA PHE B 119 -43.11 -0.70 -25.70
C PHE B 119 -43.87 -0.63 -27.02
N SER B 120 -45.18 -0.88 -26.98
CA SER B 120 -45.98 -0.83 -28.20
C SER B 120 -46.12 0.58 -28.75
N GLN B 121 -45.82 1.60 -27.94
CA GLN B 121 -45.74 2.98 -28.40
C GLN B 121 -44.33 3.37 -28.79
N LEU B 122 -43.34 2.97 -27.97
CA LEU B 122 -41.95 3.34 -28.24
C LEU B 122 -41.46 2.77 -29.55
N GLN B 123 -41.88 1.55 -29.89
CA GLN B 123 -41.44 0.94 -31.14
C GLN B 123 -42.05 1.61 -32.37
N LEU B 124 -43.11 2.39 -32.18
CA LEU B 124 -43.70 3.11 -33.31
C LEU B 124 -42.93 4.37 -33.65
N LEU B 125 -42.25 4.97 -32.67
CA LEU B 125 -41.48 6.19 -32.88
C LEU B 125 -39.99 5.94 -33.05
N VAL B 126 -39.44 4.93 -32.38
CA VAL B 126 -38.02 4.61 -32.46
C VAL B 126 -37.92 3.20 -33.05
N LYS B 127 -37.67 3.11 -34.35
CA LYS B 127 -37.71 1.83 -35.05
C LYS B 127 -36.56 0.91 -34.68
N SER B 128 -35.49 1.46 -34.10
CA SER B 128 -34.34 0.64 -33.73
C SER B 128 -34.54 -0.13 -32.44
N VAL B 129 -35.59 0.17 -31.68
CA VAL B 129 -35.82 -0.51 -30.41
C VAL B 129 -36.33 -1.92 -30.67
N ASN B 130 -35.64 -2.90 -30.12
CA ASN B 130 -35.97 -4.31 -30.26
C ASN B 130 -36.28 -4.86 -28.87
N ILE B 131 -37.47 -5.41 -28.68
CA ILE B 131 -37.91 -5.83 -27.36
C ILE B 131 -37.94 -7.35 -27.24
N GLU B 132 -37.24 -8.07 -28.13
CA GLU B 132 -37.18 -9.53 -28.01
C GLU B 132 -36.63 -9.96 -26.66
N LEU B 133 -35.65 -9.21 -26.12
CA LEU B 133 -35.06 -9.58 -24.84
C LEU B 133 -36.01 -9.34 -23.67
N HIS B 134 -36.95 -8.40 -23.83
CA HIS B 134 -38.01 -8.27 -22.83
C HIS B 134 -38.83 -9.53 -22.73
N HIS B 135 -39.19 -10.12 -23.88
CA HIS B 135 -39.98 -11.34 -23.88
C HIS B 135 -39.17 -12.53 -23.36
N LEU B 136 -37.85 -12.53 -23.58
CA LEU B 136 -37.00 -13.62 -23.13
C LEU B 136 -36.72 -13.53 -21.64
N LEU B 137 -36.35 -12.35 -21.15
CA LEU B 137 -35.85 -12.20 -19.79
C LEU B 137 -36.97 -12.04 -18.76
N SER B 138 -38.14 -11.57 -19.16
CA SER B 138 -39.22 -11.31 -18.21
C SER B 138 -39.56 -12.56 -17.39
N GLU B 139 -39.51 -13.73 -18.04
CA GLU B 139 -39.81 -14.97 -17.34
C GLU B 139 -38.77 -15.27 -16.26
N HIS B 140 -37.50 -14.98 -16.54
CA HIS B 140 -36.41 -15.34 -15.65
C HIS B 140 -36.23 -14.36 -14.50
N LEU B 141 -36.69 -13.13 -14.63
CA LEU B 141 -36.34 -12.08 -13.70
C LEU B 141 -37.53 -11.39 -13.05
N THR B 142 -38.76 -11.82 -13.34
CA THR B 142 -39.94 -11.21 -12.74
C THR B 142 -40.88 -12.28 -12.23
N LEU B 143 -41.87 -11.84 -11.46
CA LEU B 143 -42.81 -12.73 -10.77
C LEU B 143 -43.83 -13.24 -11.79
N THR B 144 -43.72 -14.51 -12.16
CA THR B 144 -44.71 -15.12 -13.04
C THR B 144 -45.93 -15.54 -12.23
N ALA B 145 -46.92 -16.12 -12.92
CA ALA B 145 -48.12 -16.58 -12.24
C ALA B 145 -47.83 -17.73 -11.30
N LYS B 146 -47.00 -18.68 -11.74
CA LYS B 146 -46.59 -19.77 -10.86
C LYS B 146 -45.87 -19.24 -9.62
N ASP B 147 -44.92 -18.33 -9.82
CA ASP B 147 -44.23 -17.72 -8.69
C ASP B 147 -45.21 -17.02 -7.76
N GLU B 148 -46.22 -16.35 -8.32
CA GLU B 148 -47.14 -15.58 -7.50
C GLU B 148 -47.95 -16.49 -6.58
N ARG B 149 -48.31 -17.69 -7.05
CA ARG B 149 -49.04 -18.63 -6.19
C ARG B 149 -48.24 -18.99 -4.95
N ASN B 150 -46.92 -19.06 -5.07
CA ASN B 150 -46.05 -19.43 -3.96
C ASN B 150 -45.63 -18.26 -3.10
N LEU B 151 -46.15 -17.06 -3.36
CA LEU B 151 -45.77 -15.86 -2.64
C LEU B 151 -46.84 -15.53 -1.60
N ASN B 152 -46.58 -15.90 -0.35
CA ASN B 152 -47.47 -15.50 0.73
C ASN B 152 -47.27 -14.03 1.06
N GLU B 153 -48.28 -13.45 1.72
CA GLU B 153 -48.23 -12.03 2.04
C GLU B 153 -47.09 -11.69 2.99
N GLU B 154 -46.68 -12.66 3.83
CA GLU B 154 -45.65 -12.37 4.82
C GLU B 154 -44.32 -12.03 4.17
N GLN B 155 -43.92 -12.79 3.15
CA GLN B 155 -42.63 -12.52 2.53
C GLN B 155 -42.67 -11.33 1.60
N LEU B 156 -43.82 -11.05 0.97
CA LEU B 156 -43.97 -9.80 0.23
C LEU B 156 -43.91 -8.61 1.17
N THR B 157 -44.57 -8.71 2.33
CA THR B 157 -44.45 -7.66 3.34
C THR B 157 -43.01 -7.51 3.80
N LYS B 158 -42.31 -8.63 3.97
CA LYS B 158 -40.91 -8.58 4.40
C LYS B 158 -40.03 -7.94 3.33
N TYR B 159 -40.28 -8.24 2.06
CA TYR B 159 -39.51 -7.63 0.98
C TYR B 159 -39.74 -6.12 0.91
N LEU B 160 -40.99 -5.68 1.07
CA LEU B 160 -41.31 -4.28 0.94
C LEU B 160 -40.84 -3.45 2.14
N THR B 161 -40.57 -4.09 3.27
CA THR B 161 -40.00 -3.35 4.39
C THR B 161 -38.57 -2.93 4.10
N ASN B 162 -37.86 -3.71 3.29
CA ASN B 162 -36.47 -3.44 2.95
C ASN B 162 -36.30 -2.69 1.62
N PHE B 163 -37.22 -2.88 0.66
CA PHE B 163 -37.10 -2.29 -0.66
C PHE B 163 -38.27 -1.40 -1.06
N GLN B 164 -39.29 -1.26 -0.20
CA GLN B 164 -40.27 -0.18 -0.28
C GLN B 164 -41.28 -0.31 -1.42
N VAL B 165 -40.84 -0.80 -2.59
CA VAL B 165 -41.66 -0.75 -3.80
C VAL B 165 -41.69 -2.12 -4.47
N LYS B 166 -42.72 -2.32 -5.30
CA LYS B 166 -42.94 -3.56 -6.02
C LYS B 166 -42.37 -3.55 -7.43
N THR B 167 -41.52 -2.58 -7.75
CA THR B 167 -41.04 -2.39 -9.11
C THR B 167 -40.38 -3.64 -9.68
N GLN B 168 -40.82 -4.04 -10.87
CA GLN B 168 -40.25 -5.15 -11.60
C GLN B 168 -39.46 -4.73 -12.83
N TYR B 169 -39.89 -3.68 -13.53
CA TYR B 169 -39.24 -3.19 -14.73
C TYR B 169 -38.91 -1.72 -14.58
N VAL B 170 -37.76 -1.31 -15.12
CA VAL B 170 -37.45 0.10 -15.33
C VAL B 170 -36.86 0.24 -16.73
N VAL B 171 -37.34 1.23 -17.47
CA VAL B 171 -36.89 1.50 -18.82
C VAL B 171 -36.12 2.82 -18.81
N ALA B 172 -34.98 2.84 -19.48
CA ALA B 172 -34.16 4.05 -19.59
C ALA B 172 -34.05 4.41 -21.06
N LEU B 173 -34.27 5.69 -21.37
CA LEU B 173 -34.04 6.23 -22.71
C LEU B 173 -32.74 7.02 -22.67
N ASP B 174 -31.71 6.49 -23.33
CA ASP B 174 -30.42 7.18 -23.45
C ASP B 174 -30.53 8.15 -24.62
N LEU B 175 -30.69 9.44 -24.32
CA LEU B 175 -30.94 10.45 -25.35
C LEU B 175 -29.63 10.82 -26.07
N ARG B 176 -29.06 9.82 -26.74
CA ARG B 176 -27.84 10.04 -27.50
C ARG B 176 -28.11 10.95 -28.68
N LYS B 177 -27.13 11.80 -28.99
CA LYS B 177 -27.29 12.73 -30.09
C LYS B 177 -27.34 12.05 -31.45
N THR B 178 -26.96 10.77 -31.53
CA THR B 178 -27.10 9.99 -32.75
C THR B 178 -28.44 9.26 -32.85
N GLY B 179 -29.26 9.30 -31.80
CA GLY B 179 -30.52 8.59 -31.79
C GLY B 179 -30.71 7.84 -30.49
N ILE B 180 -31.98 7.73 -30.06
CA ILE B 180 -32.29 7.12 -28.77
C ILE B 180 -31.88 5.66 -28.76
N VAL B 181 -31.29 5.23 -27.65
CA VAL B 181 -31.09 3.82 -27.33
C VAL B 181 -31.86 3.52 -26.05
N ALA B 182 -32.57 2.40 -26.05
CA ALA B 182 -33.39 2.00 -24.91
C ALA B 182 -32.72 0.86 -24.15
N LYS B 183 -32.76 0.96 -22.82
CA LYS B 183 -32.28 -0.10 -21.93
C LYS B 183 -33.41 -0.51 -21.00
N GLU B 184 -33.37 -1.77 -20.56
CA GLU B 184 -34.39 -2.28 -19.64
C GLU B 184 -33.71 -2.95 -18.45
N TYR B 185 -34.22 -2.63 -17.26
CA TYR B 185 -33.71 -3.17 -16.01
C TYR B 185 -34.75 -4.12 -15.42
N PHE B 186 -34.31 -5.28 -14.98
CA PHE B 186 -35.18 -6.29 -14.38
C PHE B 186 -34.78 -6.51 -12.93
N PHE B 187 -35.74 -6.38 -12.02
CA PHE B 187 -35.48 -6.52 -10.59
C PHE B 187 -36.10 -7.81 -10.07
N PRO B 188 -35.31 -8.85 -9.85
CA PRO B 188 -35.88 -10.16 -9.48
C PRO B 188 -36.12 -10.34 -8.00
N GLY B 189 -36.09 -9.25 -7.23
CA GLY B 189 -36.24 -9.37 -5.78
C GLY B 189 -37.53 -10.02 -5.36
N ILE B 190 -38.65 -9.63 -5.99
CA ILE B 190 -39.95 -10.18 -5.62
C ILE B 190 -40.08 -11.62 -6.10
N LYS B 191 -39.62 -11.90 -7.32
CA LYS B 191 -39.58 -13.28 -7.80
C LYS B 191 -38.78 -14.17 -6.85
N CYS B 192 -37.61 -13.70 -6.41
CA CYS B 192 -36.79 -14.50 -5.52
C CYS B 192 -37.42 -14.64 -4.14
N ALA B 193 -38.21 -13.66 -3.71
CA ALA B 193 -38.97 -13.82 -2.48
C ALA B 193 -39.91 -15.01 -2.57
N ALA B 194 -40.44 -15.29 -3.76
CA ALA B 194 -41.37 -16.39 -3.97
C ALA B 194 -40.68 -17.72 -4.26
N THR B 195 -39.56 -17.70 -4.97
CA THR B 195 -38.89 -18.93 -5.38
C THR B 195 -37.80 -19.39 -4.43
N GLY B 196 -37.30 -18.50 -3.57
CA GLY B 196 -36.13 -18.81 -2.76
C GLY B 196 -34.81 -18.73 -3.50
N GLN B 197 -34.83 -18.51 -4.81
CA GLN B 197 -33.63 -18.39 -5.60
C GLN B 197 -32.81 -17.18 -5.17
N THR B 198 -31.50 -17.23 -5.40
CA THR B 198 -30.69 -16.06 -5.20
C THR B 198 -30.83 -15.11 -6.39
N GLY B 199 -30.57 -13.83 -6.14
CA GLY B 199 -30.52 -12.87 -7.23
C GLY B 199 -29.49 -13.24 -8.27
N SER B 200 -28.36 -13.83 -7.83
CA SER B 200 -27.33 -14.24 -8.77
C SER B 200 -27.79 -15.40 -9.65
N ASN B 201 -28.49 -16.37 -9.07
CA ASN B 201 -29.00 -17.47 -9.88
C ASN B 201 -30.01 -16.98 -10.90
N ALA B 202 -30.82 -15.98 -10.54
CA ALA B 202 -31.79 -15.43 -11.48
C ALA B 202 -31.10 -14.65 -12.59
N CYS B 203 -30.19 -13.74 -12.22
CA CYS B 203 -29.56 -12.87 -13.21
C CYS B 203 -28.64 -13.66 -14.13
N PHE B 204 -27.74 -14.49 -13.58
CA PHE B 204 -26.81 -15.23 -14.41
C PHE B 204 -27.50 -16.36 -15.16
N GLY B 205 -28.54 -16.96 -14.57
CA GLY B 205 -29.33 -17.93 -15.31
C GLY B 205 -30.04 -17.31 -16.50
N ALA B 206 -30.49 -16.07 -16.36
CA ALA B 206 -31.14 -15.38 -17.47
C ALA B 206 -30.16 -15.04 -18.58
N ILE B 207 -28.92 -14.66 -18.21
CA ILE B 207 -27.90 -14.35 -19.21
C ILE B 207 -27.51 -15.61 -19.99
N ARG B 208 -27.40 -16.74 -19.29
CA ARG B 208 -27.00 -17.98 -19.95
C ARG B 208 -28.13 -18.55 -20.81
N ALA B 209 -29.38 -18.30 -20.44
CA ALA B 209 -30.49 -18.74 -21.28
C ALA B 209 -30.49 -18.01 -22.63
N VAL B 210 -30.16 -16.72 -22.63
CA VAL B 210 -30.10 -15.97 -23.87
C VAL B 210 -28.81 -16.26 -24.62
N ASP B 211 -27.68 -16.32 -23.91
CA ASP B 211 -26.39 -16.65 -24.52
C ASP B 211 -26.21 -18.17 -24.49
N LYS B 212 -26.82 -18.83 -25.47
CA LYS B 212 -26.77 -20.29 -25.52
C LYS B 212 -25.43 -20.80 -26.04
N ASP B 213 -24.77 -20.03 -26.92
CA ASP B 213 -23.45 -20.44 -27.41
C ASP B 213 -22.38 -20.37 -26.32
N GLY B 214 -22.61 -19.60 -25.26
CA GLY B 214 -21.66 -19.51 -24.18
C GLY B 214 -20.59 -18.46 -24.34
N HIS B 215 -20.81 -17.44 -25.18
CA HIS B 215 -19.81 -16.40 -25.35
C HIS B 215 -19.53 -15.67 -24.04
N LEU B 216 -20.53 -15.58 -23.16
CA LEU B 216 -20.43 -14.80 -21.95
C LEU B 216 -20.16 -15.64 -20.70
N ASP B 217 -20.09 -16.97 -20.84
CA ASP B 217 -20.10 -17.82 -19.66
C ASP B 217 -18.85 -17.62 -18.81
N SER B 218 -17.69 -17.52 -19.45
CA SER B 218 -16.46 -17.31 -18.70
C SER B 218 -16.49 -15.97 -17.96
N LEU B 219 -17.05 -14.94 -18.59
CA LEU B 219 -17.22 -13.66 -17.92
C LEU B 219 -18.15 -13.79 -16.71
N CYS B 220 -19.22 -14.58 -16.84
CA CYS B 220 -20.14 -14.76 -15.72
C CYS B 220 -19.47 -15.46 -14.56
N GLN B 221 -18.59 -16.43 -14.84
CA GLN B 221 -17.97 -17.20 -13.77
C GLN B 221 -17.05 -16.34 -12.92
N LEU B 222 -16.26 -15.46 -13.57
CA LEU B 222 -15.42 -14.55 -12.80
C LEU B 222 -16.25 -13.68 -11.86
N ILE B 223 -17.38 -13.17 -12.37
CA ILE B 223 -18.23 -12.30 -11.56
C ILE B 223 -18.91 -13.09 -10.45
N GLU B 224 -19.45 -14.27 -10.79
CA GLU B 224 -20.06 -15.13 -9.78
C GLU B 224 -19.07 -15.49 -8.68
N ALA B 225 -17.84 -15.83 -9.07
CA ALA B 225 -16.82 -16.16 -8.08
C ALA B 225 -16.58 -14.99 -7.12
N HIS B 226 -16.47 -13.78 -7.67
CA HIS B 226 -16.29 -12.62 -6.80
C HIS B 226 -17.50 -12.41 -5.88
N PHE B 227 -18.71 -12.63 -6.40
CA PHE B 227 -19.90 -12.44 -5.58
C PHE B 227 -19.92 -13.44 -4.44
N GLN B 228 -19.63 -14.71 -4.73
CA GLN B 228 -19.62 -15.73 -3.68
C GLN B 228 -18.48 -15.51 -2.70
N GLN B 229 -17.29 -15.14 -3.20
CA GLN B 229 -16.14 -14.95 -2.33
C GLN B 229 -16.30 -13.69 -1.47
N SER B 230 -16.76 -12.59 -2.08
CA SER B 230 -16.97 -11.36 -1.33
C SER B 230 -18.31 -11.33 -0.60
N LYS B 231 -19.14 -12.36 -0.77
CA LYS B 231 -20.42 -12.49 -0.05
C LYS B 231 -21.36 -11.33 -0.38
N ILE B 232 -21.82 -11.34 -1.62
CA ILE B 232 -22.82 -10.39 -2.09
C ILE B 232 -23.64 -11.07 -3.18
N ASP B 233 -24.90 -10.68 -3.27
CA ASP B 233 -25.83 -11.25 -4.25
C ASP B 233 -26.11 -10.24 -5.36
N ASP B 234 -26.31 -10.75 -6.57
CA ASP B 234 -26.68 -9.89 -7.67
C ASP B 234 -28.03 -9.24 -7.39
N ALA B 235 -28.11 -7.93 -7.59
CA ALA B 235 -29.32 -7.17 -7.25
C ALA B 235 -30.33 -7.14 -8.39
N PHE B 236 -29.88 -6.76 -9.59
CA PHE B 236 -30.76 -6.71 -10.75
C PHE B 236 -29.91 -6.71 -12.01
N LEU B 237 -30.59 -6.72 -13.16
CA LEU B 237 -29.94 -6.89 -14.45
C LEU B 237 -30.40 -5.80 -15.41
N CYS B 238 -29.49 -5.40 -16.28
CA CYS B 238 -29.77 -4.41 -17.31
C CYS B 238 -29.38 -4.96 -18.68
N CYS B 239 -30.16 -4.61 -19.70
N CYS B 239 -30.13 -4.56 -19.71
CA CYS B 239 -29.85 -5.06 -21.06
CA CYS B 239 -29.89 -5.05 -21.05
C CYS B 239 -30.27 -3.99 -22.05
C CYS B 239 -30.27 -3.98 -22.05
N ASP B 240 -29.56 -3.95 -23.18
CA ASP B 240 -29.90 -3.03 -24.26
C ASP B 240 -31.03 -3.61 -25.09
N LEU B 241 -32.01 -2.78 -25.41
CA LEU B 241 -33.17 -3.20 -26.19
C LEU B 241 -32.81 -3.18 -27.68
N VAL B 242 -31.91 -4.08 -28.04
CA VAL B 242 -31.42 -4.24 -29.40
C VAL B 242 -31.47 -5.74 -29.74
N ASP B 243 -30.97 -6.07 -30.92
CA ASP B 243 -30.91 -7.47 -31.34
C ASP B 243 -30.21 -8.31 -30.27
N PRO B 244 -30.80 -9.42 -29.84
CA PRO B 244 -30.24 -10.18 -28.70
C PRO B 244 -28.77 -10.55 -28.86
N ALA B 245 -28.31 -10.83 -30.08
CA ALA B 245 -26.92 -11.21 -30.28
C ALA B 245 -25.98 -10.01 -30.14
N HIS B 246 -26.50 -8.78 -30.20
CA HIS B 246 -25.69 -7.57 -30.15
C HIS B 246 -25.93 -6.74 -28.89
N THR B 247 -26.61 -7.30 -27.90
CA THR B 247 -26.87 -6.57 -26.67
C THR B 247 -25.67 -6.63 -25.76
N ARG B 248 -25.72 -5.85 -24.69
CA ARG B 248 -24.75 -5.95 -23.61
C ARG B 248 -25.50 -6.03 -22.28
N PHE B 249 -25.14 -7.03 -21.47
CA PHE B 249 -25.73 -7.22 -20.16
C PHE B 249 -24.88 -6.52 -19.10
N LYS B 250 -25.55 -6.00 -18.07
CA LYS B 250 -24.87 -5.37 -16.94
C LYS B 250 -25.54 -5.87 -15.67
N VAL B 251 -24.81 -6.65 -14.88
CA VAL B 251 -25.30 -7.16 -13.60
C VAL B 251 -24.93 -6.18 -12.50
N TYR B 252 -25.93 -5.74 -11.74
CA TYR B 252 -25.72 -4.79 -10.66
C TYR B 252 -25.66 -5.49 -9.31
N ILE B 253 -24.93 -4.88 -8.38
CA ILE B 253 -24.97 -5.22 -6.98
C ILE B 253 -25.15 -3.94 -6.18
N ALA B 254 -25.76 -4.06 -5.01
CA ALA B 254 -25.90 -2.98 -4.05
C ALA B 254 -25.32 -3.45 -2.73
N ASP B 255 -24.51 -2.60 -2.10
CA ASP B 255 -23.77 -2.99 -0.90
C ASP B 255 -24.02 -1.96 0.18
N PRO B 256 -24.65 -2.33 1.30
CA PRO B 256 -24.92 -1.38 2.38
C PRO B 256 -23.70 -1.03 3.23
N LEU B 257 -22.55 -1.64 2.95
CA LEU B 257 -21.29 -1.28 3.61
C LEU B 257 -20.60 -0.22 2.75
N VAL B 258 -20.95 1.04 3.00
CA VAL B 258 -20.44 2.15 2.18
C VAL B 258 -19.09 2.54 2.75
N THR B 259 -18.06 1.82 2.34
CA THR B 259 -16.69 2.14 2.68
C THR B 259 -15.85 2.11 1.42
N LEU B 260 -14.77 2.91 1.42
CA LEU B 260 -13.87 2.94 0.28
C LEU B 260 -13.17 1.61 0.09
N ALA B 261 -12.90 0.89 1.18
CA ALA B 261 -12.27 -0.43 1.05
C ALA B 261 -13.21 -1.43 0.42
N ARG B 262 -14.49 -1.38 0.78
CA ARG B 262 -15.47 -2.31 0.20
C ARG B 262 -15.66 -2.04 -1.29
N ALA B 263 -15.63 -0.77 -1.69
CA ALA B 263 -15.72 -0.43 -3.10
C ALA B 263 -14.48 -0.88 -3.87
N GLU B 264 -13.29 -0.70 -3.27
CA GLU B 264 -12.06 -1.21 -3.89
C GLU B 264 -12.18 -2.70 -4.18
N GLU B 265 -12.77 -3.45 -3.25
CA GLU B 265 -12.87 -4.89 -3.41
C GLU B 265 -13.74 -5.26 -4.61
N HIS B 266 -14.84 -4.54 -4.81
CA HIS B 266 -15.73 -4.83 -5.92
C HIS B 266 -15.16 -4.32 -7.24
N TRP B 267 -14.50 -3.16 -7.21
CA TRP B 267 -13.93 -2.58 -8.44
C TRP B 267 -12.94 -3.53 -9.09
N THR B 268 -12.08 -4.16 -8.28
CA THR B 268 -11.07 -5.09 -8.77
C THR B 268 -11.56 -6.53 -8.79
N LEU B 269 -12.83 -6.76 -8.49
CA LEU B 269 -13.39 -8.12 -8.40
C LEU B 269 -12.56 -8.98 -7.44
N GLY B 270 -12.23 -8.41 -6.29
CA GLY B 270 -11.47 -9.13 -5.29
C GLY B 270 -10.07 -9.49 -5.72
N GLY B 271 -9.43 -8.65 -6.53
CA GLY B 271 -8.08 -8.91 -7.02
C GLY B 271 -8.01 -9.63 -8.35
N ARG B 272 -9.14 -9.98 -8.94
N ARG B 272 -9.14 -9.98 -8.94
CA ARG B 272 -9.13 -10.67 -10.23
CA ARG B 272 -9.15 -10.67 -10.23
C ARG B 272 -8.82 -9.74 -11.40
C ARG B 272 -8.83 -9.74 -11.39
N LEU B 273 -9.08 -8.44 -11.24
CA LEU B 273 -8.73 -7.44 -12.25
C LEU B 273 -7.43 -6.77 -11.82
N THR B 274 -6.35 -7.08 -12.52
CA THR B 274 -5.03 -6.55 -12.19
C THR B 274 -4.44 -5.72 -13.33
N ASP B 275 -5.26 -5.33 -14.30
CA ASP B 275 -4.77 -4.57 -15.45
C ASP B 275 -4.45 -3.14 -15.04
N GLU B 276 -3.84 -2.41 -15.97
CA GLU B 276 -3.45 -1.03 -15.70
C GLU B 276 -4.66 -0.12 -15.57
N ASP B 277 -5.69 -0.32 -16.40
CA ASP B 277 -6.84 0.57 -16.37
C ASP B 277 -7.60 0.46 -15.06
N ALA B 278 -7.76 -0.76 -14.53
CA ALA B 278 -8.44 -0.92 -13.25
C ALA B 278 -7.65 -0.29 -12.12
N ALA B 279 -6.32 -0.42 -12.14
CA ALA B 279 -5.48 0.18 -11.11
C ALA B 279 -5.45 1.70 -11.22
N VAL B 280 -5.32 2.23 -12.45
CA VAL B 280 -5.33 3.67 -12.65
C VAL B 280 -6.71 4.25 -12.32
N GLY B 281 -7.78 3.59 -12.76
CA GLY B 281 -9.11 4.07 -12.44
C GLY B 281 -9.39 4.06 -10.95
N LEU B 282 -8.89 3.03 -10.25
CA LEU B 282 -9.14 2.94 -8.81
C LEU B 282 -8.47 4.07 -8.05
N GLU B 283 -7.28 4.51 -8.51
CA GLU B 283 -6.62 5.64 -7.87
C GLU B 283 -7.43 6.92 -8.02
N ILE B 284 -8.14 7.09 -9.13
CA ILE B 284 -8.98 8.27 -9.30
C ILE B 284 -10.22 8.16 -8.42
N ILE B 285 -10.77 6.96 -8.28
CA ILE B 285 -11.92 6.73 -7.41
C ILE B 285 -11.59 7.14 -5.98
N ARG B 286 -10.47 6.63 -5.45
CA ARG B 286 -10.11 6.92 -4.06
C ARG B 286 -10.04 8.43 -3.82
N GLY B 287 -9.49 9.18 -4.78
CA GLY B 287 -9.39 10.62 -4.61
C GLY B 287 -10.74 11.31 -4.60
N LEU B 288 -11.63 10.92 -5.53
CA LEU B 288 -12.97 11.50 -5.56
C LEU B 288 -13.77 11.10 -4.32
N TRP B 289 -13.75 9.81 -3.96
CA TRP B 289 -14.44 9.35 -2.75
C TRP B 289 -13.98 10.14 -1.53
N SER B 290 -12.67 10.31 -1.36
CA SER B 290 -12.14 10.96 -0.17
C SER B 290 -12.47 12.45 -0.16
N GLU B 291 -12.26 13.14 -1.28
N GLU B 291 -12.26 13.14 -1.29
CA GLU B 291 -12.52 14.57 -1.32
CA GLU B 291 -12.52 14.57 -1.36
C GLU B 291 -14.02 14.87 -1.25
C GLU B 291 -14.01 14.85 -1.23
N LEU B 292 -14.86 13.98 -1.78
CA LEU B 292 -16.31 14.15 -1.64
C LEU B 292 -16.77 13.89 -0.21
N GLY B 293 -16.03 13.07 0.53
CA GLY B 293 -16.44 12.74 1.88
C GLY B 293 -17.72 11.94 1.91
N ILE B 294 -17.76 10.86 1.11
CA ILE B 294 -18.95 10.02 1.05
C ILE B 294 -19.21 9.42 2.43
N ILE B 295 -20.46 9.47 2.85
CA ILE B 295 -20.83 9.15 4.23
C ILE B 295 -20.99 7.64 4.40
N GLN B 296 -20.28 7.08 5.37
CA GLN B 296 -20.46 5.69 5.77
C GLN B 296 -21.53 5.60 6.84
N GLY B 297 -22.55 4.78 6.60
CA GLY B 297 -23.68 4.69 7.49
C GLY B 297 -24.06 3.26 7.85
N PRO B 298 -25.15 3.11 8.61
CA PRO B 298 -25.70 1.82 9.09
C PRO B 298 -25.96 0.82 7.97
N SER B 302 -30.56 -0.91 8.18
CA SER B 302 -31.94 -0.65 8.59
C SER B 302 -32.15 0.84 8.83
N ALA B 303 -31.27 1.42 9.65
CA ALA B 303 -31.26 2.84 9.92
C ALA B 303 -30.64 3.66 8.79
N MET B 304 -30.44 3.05 7.62
CA MET B 304 -29.92 3.77 6.47
C MET B 304 -31.02 4.54 5.76
N MET B 305 -32.17 3.91 5.54
CA MET B 305 -33.30 4.60 4.92
C MET B 305 -33.83 5.71 5.81
N GLU B 306 -33.71 5.56 7.12
CA GLU B 306 -34.15 6.61 8.04
C GLU B 306 -33.27 7.85 7.92
N LYS B 307 -31.96 7.66 7.75
CA LYS B 307 -31.04 8.77 7.58
C LYS B 307 -31.04 9.33 6.16
N GLY B 308 -31.81 8.72 5.25
CA GLY B 308 -31.79 9.15 3.87
C GLY B 308 -30.54 8.77 3.10
N LEU B 309 -29.76 7.82 3.61
CA LEU B 309 -28.51 7.43 2.98
C LEU B 309 -28.71 6.24 2.04
N LEU B 310 -27.81 6.11 1.07
CA LEU B 310 -27.89 5.12 0.01
C LEU B 310 -26.69 4.18 0.06
N PRO B 311 -26.83 2.95 -0.42
CA PRO B 311 -25.70 2.02 -0.48
C PRO B 311 -24.79 2.39 -1.65
N ILE B 312 -23.67 1.69 -1.75
CA ILE B 312 -22.88 1.77 -2.97
C ILE B 312 -23.47 0.78 -3.96
N MET B 313 -23.29 1.06 -5.25
CA MET B 313 -23.71 0.14 -6.30
C MET B 313 -22.58 -0.02 -7.30
N LEU B 314 -22.59 -1.16 -7.98
CA LEU B 314 -21.71 -1.41 -9.10
C LEU B 314 -22.46 -2.25 -10.13
N ASN B 315 -22.16 -2.01 -11.40
CA ASN B 315 -22.54 -2.95 -12.45
C ASN B 315 -21.28 -3.45 -13.13
N TYR B 316 -21.39 -4.64 -13.73
CA TYR B 316 -20.30 -5.25 -14.47
C TYR B 316 -20.82 -5.54 -15.87
N GLU B 317 -20.20 -4.94 -16.88
CA GLU B 317 -20.67 -5.04 -18.24
C GLU B 317 -20.01 -6.21 -18.97
N MET B 318 -20.82 -6.95 -19.72
CA MET B 318 -20.37 -8.09 -20.51
C MET B 318 -20.84 -7.93 -21.94
N LYS B 319 -20.02 -8.40 -22.88
CA LYS B 319 -20.40 -8.45 -24.28
C LYS B 319 -19.66 -9.60 -24.95
N ALA B 320 -20.19 -10.02 -26.12
CA ALA B 320 -19.73 -11.26 -26.75
C ALA B 320 -18.21 -11.31 -26.86
N GLY B 321 -17.60 -10.25 -27.37
CA GLY B 321 -16.17 -10.24 -27.59
C GLY B 321 -15.36 -9.62 -26.48
N GLN B 322 -15.89 -9.66 -25.26
CA GLN B 322 -15.18 -9.10 -24.11
C GLN B 322 -14.35 -10.17 -23.44
N ARG B 323 -13.12 -9.80 -23.07
CA ARG B 323 -12.19 -10.71 -22.41
C ARG B 323 -12.32 -10.68 -20.88
N LEU B 324 -12.49 -9.50 -20.30
CA LEU B 324 -12.66 -9.32 -18.86
C LEU B 324 -13.79 -8.31 -18.65
N PRO B 325 -14.51 -8.42 -17.53
CA PRO B 325 -15.68 -7.55 -17.32
C PRO B 325 -15.28 -6.11 -17.04
N LYS B 326 -16.23 -5.21 -17.30
CA LYS B 326 -16.01 -3.77 -17.23
C LYS B 326 -16.83 -3.16 -16.09
N PRO B 327 -16.22 -2.78 -14.97
CA PRO B 327 -17.00 -2.29 -13.83
C PRO B 327 -17.35 -0.81 -13.95
N LYS B 328 -18.45 -0.45 -13.30
CA LYS B 328 -18.83 0.93 -13.07
C LYS B 328 -19.29 1.05 -11.62
N LEU B 329 -18.82 2.10 -10.94
CA LEU B 329 -19.08 2.30 -9.51
C LEU B 329 -20.06 3.44 -9.32
N TYR B 330 -21.09 3.21 -8.51
CA TYR B 330 -22.06 4.24 -8.16
C TYR B 330 -21.81 4.66 -6.71
N MET B 331 -21.54 5.95 -6.52
CA MET B 331 -21.18 6.49 -5.21
C MET B 331 -22.36 7.27 -4.63
N PRO B 332 -22.85 6.93 -3.44
CA PRO B 332 -24.00 7.64 -2.88
C PRO B 332 -23.61 9.04 -2.42
N LEU B 333 -24.38 10.04 -2.88
CA LEU B 333 -24.11 11.44 -2.57
C LEU B 333 -25.13 12.04 -1.62
N THR B 334 -26.15 11.29 -1.19
CA THR B 334 -27.14 11.86 -0.28
C THR B 334 -26.48 12.12 1.08
N GLY B 335 -26.74 13.31 1.63
CA GLY B 335 -26.10 13.76 2.83
C GLY B 335 -24.96 14.72 2.62
N ILE B 336 -24.46 14.82 1.40
CA ILE B 336 -23.36 15.72 1.04
C ILE B 336 -23.96 16.98 0.43
N PRO B 337 -23.61 18.17 0.91
CA PRO B 337 -24.20 19.39 0.35
C PRO B 337 -23.85 19.56 -1.13
N GLU B 338 -24.82 20.08 -1.89
CA GLU B 338 -24.66 20.16 -3.34
C GLU B 338 -23.54 21.12 -3.74
N THR B 339 -23.27 22.13 -2.92
CA THR B 339 -22.17 23.04 -3.23
C THR B 339 -20.82 22.33 -3.12
N LYS B 340 -20.68 21.46 -2.12
CA LYS B 340 -19.44 20.69 -1.98
C LYS B 340 -19.24 19.76 -3.16
N ILE B 341 -20.31 19.06 -3.56
CA ILE B 341 -20.24 18.20 -4.74
C ILE B 341 -19.88 19.01 -5.97
N ALA B 342 -20.39 20.24 -6.07
CA ALA B 342 -20.10 21.06 -7.24
C ALA B 342 -18.64 21.46 -7.30
N ARG B 343 -18.02 21.74 -6.15
CA ARG B 343 -16.63 22.18 -6.15
C ARG B 343 -15.68 21.03 -6.50
N ILE B 344 -15.95 19.83 -5.98
CA ILE B 344 -15.14 18.67 -6.34
C ILE B 344 -15.29 18.35 -7.82
N MET B 345 -16.52 18.43 -8.35
CA MET B 345 -16.75 18.18 -9.76
C MET B 345 -16.04 19.20 -10.62
N THR B 346 -16.17 20.48 -10.28
CA THR B 346 -15.47 21.53 -11.03
C THR B 346 -13.96 21.29 -11.03
N ALA B 347 -13.39 20.99 -9.86
CA ALA B 347 -11.96 20.70 -9.79
C ALA B 347 -11.61 19.47 -10.61
N PHE B 348 -12.49 18.46 -10.62
CA PHE B 348 -12.25 17.27 -11.44
C PHE B 348 -12.17 17.61 -12.91
N PHE B 349 -13.12 18.41 -13.41
CA PHE B 349 -13.12 18.79 -14.82
C PHE B 349 -11.89 19.63 -15.16
N GLN B 350 -11.50 20.53 -14.25
CA GLN B 350 -10.27 21.31 -14.48
C GLN B 350 -9.06 20.40 -14.51
N ARG B 351 -8.95 19.48 -13.55
N ARG B 351 -8.98 19.47 -13.56
CA ARG B 351 -7.79 18.58 -13.54
CA ARG B 351 -7.87 18.53 -13.45
C ARG B 351 -7.76 17.69 -14.77
C ARG B 351 -7.80 17.56 -14.63
N HIS B 352 -8.92 17.29 -15.28
CA HIS B 352 -9.00 16.35 -16.39
C HIS B 352 -9.29 17.04 -17.72
N ASP B 353 -8.87 18.29 -17.88
CA ASP B 353 -8.88 18.98 -19.16
C ASP B 353 -10.29 19.09 -19.73
N MET B 354 -11.21 19.60 -18.91
CA MET B 354 -12.58 19.89 -19.32
C MET B 354 -12.99 21.22 -18.73
N PRO B 355 -12.38 22.32 -19.22
CA PRO B 355 -12.63 23.63 -18.59
C PRO B 355 -14.02 24.17 -18.82
N GLU B 356 -14.66 23.79 -19.92
CA GLU B 356 -16.03 24.24 -20.18
C GLU B 356 -17.00 23.64 -19.16
N GLN B 357 -16.90 22.32 -18.95
CA GLN B 357 -17.70 21.67 -17.92
C GLN B 357 -17.46 22.31 -16.55
N ALA B 358 -16.21 22.66 -16.26
CA ALA B 358 -15.88 23.18 -14.94
C ALA B 358 -16.46 24.58 -14.72
N GLU B 359 -16.54 25.40 -15.77
CA GLU B 359 -16.98 26.77 -15.61
C GLU B 359 -18.49 26.89 -15.43
N VAL B 360 -19.26 25.93 -15.97
CA VAL B 360 -20.72 26.03 -15.93
C VAL B 360 -21.36 25.09 -14.92
N PHE B 361 -20.60 24.16 -14.35
CA PHE B 361 -21.21 23.10 -13.54
C PHE B 361 -22.06 23.69 -12.40
N MET B 362 -21.54 24.70 -11.71
CA MET B 362 -22.24 25.23 -10.54
C MET B 362 -23.52 25.95 -10.95
N GLU B 363 -23.42 26.88 -11.91
CA GLU B 363 -24.60 27.64 -12.32
C GLU B 363 -25.65 26.75 -12.96
N ASN B 364 -25.22 25.72 -13.69
CA ASN B 364 -26.17 24.75 -14.23
C ASN B 364 -26.92 24.05 -13.09
N LEU B 365 -26.19 23.62 -12.06
CA LEU B 365 -26.81 22.95 -10.93
C LEU B 365 -27.83 23.86 -10.24
N GLN B 366 -27.48 25.14 -10.06
CA GLN B 366 -28.41 26.08 -9.45
C GLN B 366 -29.64 26.31 -10.31
N ALA B 367 -29.51 26.20 -11.63
CA ALA B 367 -30.66 26.37 -12.50
C ALA B 367 -31.59 25.16 -12.45
N TYR B 368 -31.02 23.95 -12.31
CA TYR B 368 -31.86 22.77 -12.14
C TYR B 368 -32.74 22.90 -10.90
N TYR B 369 -32.23 23.55 -9.86
CA TYR B 369 -32.95 23.74 -8.60
C TYR B 369 -32.95 25.24 -8.30
N GLU B 370 -33.72 25.99 -9.10
CA GLU B 370 -33.70 27.44 -9.02
C GLU B 370 -34.33 27.92 -7.72
N GLY B 371 -33.65 28.85 -7.05
CA GLY B 371 -34.14 29.39 -5.80
C GLY B 371 -33.96 28.49 -4.60
N LYS B 372 -33.21 27.41 -4.73
CA LYS B 372 -32.95 26.49 -3.62
C LYS B 372 -31.55 26.76 -3.06
N ASN B 373 -31.44 26.63 -1.73
CA ASN B 373 -30.15 26.81 -1.06
C ASN B 373 -29.34 25.53 -1.26
N LEU B 374 -28.34 25.60 -2.13
CA LEU B 374 -27.52 24.43 -2.42
C LEU B 374 -26.56 24.08 -1.30
N GLU B 375 -26.28 25.01 -0.39
CA GLU B 375 -25.43 24.68 0.76
C GLU B 375 -26.18 23.83 1.77
N GLU B 376 -27.48 24.05 1.91
CA GLU B 376 -28.31 23.27 2.83
C GLU B 376 -28.90 22.04 2.17
N ALA B 377 -29.04 22.03 0.85
CA ALA B 377 -29.57 20.87 0.15
C ALA B 377 -28.56 19.74 0.15
N THR B 378 -29.00 18.53 0.52
CA THR B 378 -28.13 17.37 0.52
C THR B 378 -28.73 16.18 -0.22
N ARG B 379 -29.87 16.35 -0.89
CA ARG B 379 -30.53 15.23 -1.55
C ARG B 379 -30.95 15.57 -2.98
N TYR B 380 -30.19 16.44 -3.66
CA TYR B 380 -30.49 16.76 -5.07
C TYR B 380 -29.67 15.85 -5.99
N GLN B 381 -28.36 16.08 -6.05
CA GLN B 381 -27.47 15.13 -6.70
C GLN B 381 -27.29 13.92 -5.80
N ALA B 382 -27.75 12.75 -6.26
CA ALA B 382 -27.87 11.57 -5.40
C ALA B 382 -26.84 10.48 -5.69
N TRP B 383 -26.50 10.24 -6.96
CA TRP B 383 -25.51 9.24 -7.32
C TRP B 383 -24.45 9.86 -8.23
N LEU B 384 -23.22 9.40 -8.06
CA LEU B 384 -22.11 9.73 -8.97
C LEU B 384 -21.52 8.41 -9.45
N SER B 385 -21.66 8.13 -10.74
CA SER B 385 -21.10 6.91 -11.31
C SER B 385 -19.72 7.19 -11.91
N PHE B 386 -18.86 6.17 -11.89
CA PHE B 386 -17.50 6.30 -12.36
C PHE B 386 -17.15 5.10 -13.23
N ALA B 387 -16.54 5.37 -14.39
CA ALA B 387 -15.93 4.35 -15.22
C ALA B 387 -14.70 4.96 -15.87
N TYR B 388 -13.77 4.10 -16.30
CA TYR B 388 -12.50 4.57 -16.82
C TYR B 388 -12.02 3.64 -17.93
N THR B 389 -11.52 4.24 -19.01
CA THR B 389 -10.70 3.56 -20.00
C THR B 389 -9.50 4.44 -20.27
N LYS B 390 -8.38 3.82 -20.66
CA LYS B 390 -7.20 4.61 -21.00
C LYS B 390 -7.48 5.54 -22.17
N GLU B 391 -8.24 5.05 -23.16
CA GLU B 391 -8.48 5.84 -24.36
C GLU B 391 -9.39 7.01 -24.08
N LYS B 392 -10.49 6.78 -23.36
CA LYS B 392 -11.49 7.80 -23.10
C LYS B 392 -11.31 8.52 -21.78
N GLY B 393 -10.54 7.97 -20.85
CA GLY B 393 -10.34 8.58 -19.56
C GLY B 393 -11.48 8.28 -18.61
N PRO B 394 -11.49 8.95 -17.46
CA PRO B 394 -12.62 8.78 -16.53
C PRO B 394 -13.84 9.53 -17.02
N TYR B 395 -14.99 8.88 -16.98
CA TYR B 395 -16.26 9.52 -17.32
C TYR B 395 -17.25 9.34 -16.17
N LEU B 396 -17.92 10.42 -15.80
CA LEU B 396 -18.80 10.48 -14.65
C LEU B 396 -20.23 10.75 -15.09
N SER B 397 -21.18 10.33 -14.23
CA SER B 397 -22.59 10.63 -14.43
C SER B 397 -23.20 11.00 -13.09
N ILE B 398 -24.12 11.96 -13.09
CA ILE B 398 -24.86 12.36 -11.91
C ILE B 398 -26.32 11.94 -12.09
N TYR B 399 -26.90 11.38 -11.03
CA TYR B 399 -28.30 10.98 -11.00
C TYR B 399 -29.02 11.86 -9.99
N TYR B 400 -30.10 12.50 -10.43
CA TYR B 400 -30.73 13.57 -9.66
C TYR B 400 -31.97 13.07 -8.94
N PHE B 401 -32.19 13.60 -7.73
CA PHE B 401 -33.41 13.37 -6.98
C PHE B 401 -34.28 14.62 -7.05
N TRP B 402 -35.58 14.41 -7.14
CA TRP B 402 -36.50 15.54 -7.21
C TRP B 402 -36.58 16.25 -5.87
N PRO B 403 -36.78 17.56 -5.88
CA PRO B 403 -36.99 18.28 -4.62
C PRO B 403 -38.34 17.96 -4.01
N GLU B 404 -38.47 18.29 -2.73
CA GLU B 404 -39.76 18.24 -2.04
C GLU B 404 -39.87 19.37 -1.03
N MET C 1 2.00 -1.22 -13.36
CA MET C 1 2.13 0.07 -14.00
C MET C 1 1.85 1.22 -13.05
N ILE C 2 1.01 0.95 -12.04
CA ILE C 2 0.59 2.03 -11.14
C ILE C 2 1.78 2.61 -10.38
N ALA C 3 2.78 1.77 -10.05
CA ALA C 3 3.96 2.28 -9.36
C ALA C 3 4.83 3.11 -10.30
N TYR C 4 4.91 2.72 -11.58
CA TYR C 4 5.62 3.54 -12.55
C TYR C 4 4.93 4.88 -12.76
N HIS C 5 3.60 4.87 -12.89
CA HIS C 5 2.87 6.13 -13.01
C HIS C 5 3.09 7.01 -11.80
N THR C 6 3.10 6.40 -10.61
CA THR C 6 3.19 7.17 -9.38
C THR C 6 4.60 7.71 -9.16
N LEU C 7 5.62 6.88 -9.40
CA LEU C 7 6.99 7.36 -9.27
C LEU C 7 7.31 8.43 -10.31
N THR C 8 6.65 8.39 -11.47
CA THR C 8 6.85 9.41 -12.48
C THR C 8 6.44 10.79 -12.00
N LYS C 9 5.40 10.87 -11.15
CA LYS C 9 4.95 12.14 -10.62
C LYS C 9 5.83 12.67 -9.49
N ALA C 10 6.81 11.90 -9.05
CA ALA C 10 7.60 12.27 -7.88
C ALA C 10 9.09 12.23 -8.09
N LEU C 11 9.59 11.63 -9.17
CA LEU C 11 11.02 11.49 -9.41
C LEU C 11 11.49 12.55 -10.39
N LEU C 12 12.58 13.25 -10.02
CA LEU C 12 13.22 14.22 -10.88
C LEU C 12 14.49 13.60 -11.47
N PHE C 13 14.52 13.48 -12.78
CA PHE C 13 15.79 12.94 -13.27
C PHE C 13 16.72 14.07 -13.69
N PRO C 14 18.01 13.93 -13.39
CA PRO C 14 18.94 15.05 -13.60
C PRO C 14 19.25 15.34 -15.05
N ASP C 15 19.15 14.36 -15.95
CA ASP C 15 19.46 14.57 -17.36
C ASP C 15 18.47 13.81 -18.23
N ILE C 16 18.48 14.15 -19.52
CA ILE C 16 17.50 13.61 -20.46
C ILE C 16 17.74 12.13 -20.77
N ASP C 17 18.95 11.64 -20.51
CA ASP C 17 19.26 10.24 -20.81
C ASP C 17 18.72 9.32 -19.72
N GLN C 18 18.81 9.74 -18.45
CA GLN C 18 18.17 8.97 -17.39
C GLN C 18 16.66 9.01 -17.53
N TYR C 19 16.12 10.18 -17.86
CA TYR C 19 14.69 10.32 -18.11
C TYR C 19 14.23 9.36 -19.20
N GLN C 20 14.99 9.26 -20.28
CA GLN C 20 14.56 8.42 -21.39
C GLN C 20 14.71 6.94 -21.06
N HIS C 21 15.75 6.58 -20.31
CA HIS C 21 15.89 5.19 -19.87
C HIS C 21 14.77 4.80 -18.91
N TRP C 22 14.37 5.74 -18.04
CA TRP C 22 13.23 5.48 -17.15
C TRP C 22 11.99 5.16 -17.95
N HIS C 23 11.59 6.05 -18.87
CA HIS C 23 10.38 5.83 -19.63
C HIS C 23 10.52 4.71 -20.65
N HIS C 24 11.73 4.27 -20.93
CA HIS C 24 11.92 3.14 -21.84
C HIS C 24 11.82 1.79 -21.10
N VAL C 25 12.38 1.72 -19.91
CA VAL C 25 12.58 0.45 -19.21
C VAL C 25 11.56 0.26 -18.08
N ALA C 26 11.27 1.31 -17.31
CA ALA C 26 10.40 1.14 -16.16
C ALA C 26 8.97 0.70 -16.50
N PRO C 27 8.36 1.09 -17.62
CA PRO C 27 7.03 0.53 -17.93
C PRO C 27 7.03 -0.99 -18.03
N MET C 28 7.96 -1.57 -18.78
CA MET C 28 7.98 -3.03 -18.87
C MET C 28 8.39 -3.65 -17.54
N LEU C 29 9.32 -3.03 -16.83
CA LEU C 29 9.71 -3.53 -15.51
C LEU C 29 8.51 -3.54 -14.56
N ALA C 30 7.72 -2.45 -14.56
CA ALA C 30 6.55 -2.40 -13.68
C ALA C 30 5.55 -3.50 -14.00
N LYS C 31 5.33 -3.78 -15.29
CA LYS C 31 4.41 -4.83 -15.67
C LYS C 31 4.89 -6.19 -15.21
N MET C 32 6.19 -6.47 -15.39
CA MET C 32 6.73 -7.76 -14.98
C MET C 32 6.67 -7.94 -13.47
N LEU C 33 6.82 -6.86 -12.70
CA LEU C 33 6.70 -6.95 -11.26
C LEU C 33 5.25 -7.20 -10.84
N VAL C 34 4.30 -6.58 -11.54
CA VAL C 34 2.89 -6.89 -11.31
C VAL C 34 2.58 -8.32 -11.72
N ASP C 35 3.05 -8.72 -12.91
CA ASP C 35 2.81 -10.08 -13.38
C ASP C 35 3.41 -11.11 -12.44
N GLY C 36 4.58 -10.81 -11.87
CA GLY C 36 5.24 -11.73 -10.96
C GLY C 36 4.68 -11.79 -9.56
N LYS C 37 3.57 -11.11 -9.31
CA LYS C 37 2.91 -11.09 -8.00
C LYS C 37 3.80 -10.49 -6.93
N TYR C 38 4.61 -9.50 -7.29
CA TYR C 38 5.37 -8.74 -6.30
C TYR C 38 4.43 -7.88 -5.48
N SER C 39 4.74 -7.75 -4.19
CA SER C 39 3.97 -6.84 -3.36
C SER C 39 4.10 -5.42 -3.91
N ILE C 40 3.10 -4.59 -3.63
CA ILE C 40 3.11 -3.22 -4.14
C ILE C 40 4.33 -2.47 -3.59
N HIS C 41 4.82 -2.86 -2.41
CA HIS C 41 5.96 -2.18 -1.81
C HIS C 41 7.27 -2.54 -2.48
N GLN C 42 7.41 -3.79 -2.95
CA GLN C 42 8.61 -4.15 -3.70
C GLN C 42 8.55 -3.61 -5.12
N GLN C 43 7.35 -3.43 -5.68
CA GLN C 43 7.23 -2.73 -6.95
C GLN C 43 7.79 -1.32 -6.86
N TYR C 44 7.46 -0.61 -5.78
CA TYR C 44 8.04 0.72 -5.58
C TYR C 44 9.52 0.62 -5.22
N GLU C 45 9.88 -0.34 -4.37
CA GLU C 45 11.27 -0.48 -3.95
C GLU C 45 12.19 -0.69 -5.14
N TYR C 46 11.80 -1.60 -6.03
CA TYR C 46 12.70 -1.98 -7.12
C TYR C 46 12.64 -1.03 -8.31
N LEU C 47 11.48 -0.41 -8.57
CA LEU C 47 11.42 0.61 -9.60
C LEU C 47 12.18 1.85 -9.17
N CYS C 48 12.03 2.28 -7.92
CA CYS C 48 12.78 3.42 -7.42
C CYS C 48 14.27 3.12 -7.37
N LEU C 49 14.63 1.90 -6.98
CA LEU C 49 16.03 1.52 -6.98
C LEU C 49 16.61 1.52 -8.39
N PHE C 50 15.82 1.08 -9.38
CA PHE C 50 16.27 1.17 -10.77
C PHE C 50 16.56 2.62 -11.17
N ALA C 51 15.69 3.55 -10.78
CA ALA C 51 15.88 4.95 -11.12
C ALA C 51 17.10 5.54 -10.41
N GLN C 52 17.29 5.18 -9.14
CA GLN C 52 18.31 5.82 -8.33
C GLN C 52 19.69 5.23 -8.57
N LEU C 53 19.76 3.96 -8.95
N LEU C 53 19.77 3.94 -8.91
CA LEU C 53 20.99 3.20 -9.02
CA LEU C 53 21.05 3.25 -9.05
C LEU C 53 21.38 2.78 -10.42
C LEU C 53 21.39 2.89 -10.49
N VAL C 54 20.43 2.30 -11.22
CA VAL C 54 20.74 1.73 -12.52
C VAL C 54 20.71 2.78 -13.62
N ALA C 55 19.63 3.56 -13.69
CA ALA C 55 19.53 4.60 -14.72
C ALA C 55 20.76 5.50 -14.82
N PRO C 56 21.40 5.93 -13.72
CA PRO C 56 22.59 6.77 -13.88
C PRO C 56 23.78 6.08 -14.55
N VAL C 57 23.79 4.75 -14.65
CA VAL C 57 24.91 4.06 -15.26
C VAL C 57 24.51 3.30 -16.52
N LEU C 58 23.42 3.72 -17.17
CA LEU C 58 23.03 3.13 -18.45
C LEU C 58 23.60 3.89 -19.64
N GLY C 59 24.29 5.01 -19.40
CA GLY C 59 24.91 5.76 -20.47
C GLY C 59 23.92 6.64 -21.22
N PRO C 60 24.42 7.36 -22.22
CA PRO C 60 23.52 8.16 -23.07
C PRO C 60 22.48 7.27 -23.74
N TYR C 61 21.27 7.80 -23.87
CA TYR C 61 20.22 7.04 -24.52
C TYR C 61 20.62 6.78 -25.97
N PRO C 62 20.63 5.52 -26.42
CA PRO C 62 21.20 5.18 -27.74
C PRO C 62 20.21 5.39 -28.89
N SER C 63 19.86 6.66 -29.12
CA SER C 63 18.98 7.03 -30.21
C SER C 63 19.54 6.55 -31.55
N PRO C 64 18.68 6.34 -32.55
CA PRO C 64 19.17 5.89 -33.86
C PRO C 64 20.16 6.89 -34.44
N GLY C 65 21.28 6.37 -34.96
CA GLY C 65 22.32 7.20 -35.52
C GLY C 65 23.23 7.86 -34.51
N ARG C 66 22.92 7.77 -33.22
CA ARG C 66 23.74 8.43 -32.21
C ARG C 66 25.06 7.69 -32.02
N ASP C 67 26.17 8.44 -32.06
CA ASP C 67 27.50 7.88 -31.93
C ASP C 67 27.83 7.72 -30.45
N VAL C 68 27.41 6.59 -29.88
CA VAL C 68 27.63 6.30 -28.47
C VAL C 68 28.17 4.88 -28.33
N TYR C 69 28.89 4.66 -27.24
CA TYR C 69 29.29 3.32 -26.82
C TYR C 69 28.06 2.43 -26.75
N ARG C 70 28.07 1.34 -27.50
CA ARG C 70 26.87 0.53 -27.63
C ARG C 70 27.06 -0.86 -27.05
N CYS C 71 25.93 -1.50 -26.79
CA CYS C 71 25.85 -2.80 -26.15
C CYS C 71 24.72 -3.58 -26.81
N THR C 72 24.65 -4.88 -26.53
CA THR C 72 23.64 -5.73 -27.16
C THR C 72 22.77 -6.44 -26.12
N LEU C 73 22.68 -5.88 -24.92
CA LEU C 73 21.70 -6.37 -23.95
C LEU C 73 20.30 -5.96 -24.40
N GLY C 74 19.36 -6.89 -24.30
CA GLY C 74 18.07 -6.68 -24.92
C GLY C 74 18.15 -6.48 -26.42
N GLY C 75 19.22 -6.95 -27.04
CA GLY C 75 19.46 -6.78 -28.46
C GLY C 75 20.23 -5.52 -28.83
N ASN C 76 19.90 -4.39 -28.21
CA ASN C 76 20.45 -3.12 -28.68
C ASN C 76 20.63 -2.08 -27.57
N MET C 77 20.45 -2.42 -26.30
CA MET C 77 20.54 -1.46 -25.21
C MET C 77 21.67 -1.87 -24.27
N THR C 78 21.88 -1.04 -23.24
CA THR C 78 22.76 -1.40 -22.13
C THR C 78 21.99 -2.03 -20.97
N VAL C 79 20.75 -2.45 -21.19
CA VAL C 79 19.91 -3.00 -20.13
C VAL C 79 19.01 -4.06 -20.74
N GLU C 80 18.82 -5.16 -20.01
CA GLU C 80 18.01 -6.29 -20.46
C GLU C 80 17.17 -6.82 -19.31
N LEU C 81 15.89 -7.08 -19.57
CA LEU C 81 14.98 -7.65 -18.58
C LEU C 81 14.72 -9.11 -18.90
N SER C 82 14.57 -9.91 -17.84
CA SER C 82 14.17 -11.30 -18.00
C SER C 82 13.26 -11.68 -16.84
N GLN C 83 12.53 -12.78 -17.03
CA GLN C 83 11.53 -13.22 -16.06
C GLN C 83 11.68 -14.71 -15.84
N ASN C 84 11.79 -15.12 -14.58
N ASN C 84 11.71 -15.13 -14.58
CA ASN C 84 11.82 -16.54 -14.24
CA ASN C 84 11.84 -16.53 -14.20
C ASN C 84 10.46 -16.95 -13.69
C ASN C 84 10.51 -17.01 -13.62
N PHE C 85 9.90 -18.01 -14.26
CA PHE C 85 8.55 -18.44 -13.91
C PHE C 85 8.60 -19.60 -12.92
N GLN C 86 7.86 -19.46 -11.82
CA GLN C 86 7.73 -20.48 -10.80
C GLN C 86 6.24 -20.77 -10.58
N ARG C 87 5.95 -21.52 -9.51
CA ARG C 87 4.59 -22.00 -9.27
C ARG C 87 3.65 -20.85 -8.92
N SER C 88 3.95 -20.10 -7.87
CA SER C 88 3.04 -19.09 -7.32
C SER C 88 3.50 -17.66 -7.65
N GLY C 89 4.21 -17.48 -8.75
CA GLY C 89 4.59 -16.14 -9.16
C GLY C 89 5.78 -16.20 -10.12
N SER C 90 6.49 -15.08 -10.17
CA SER C 90 7.68 -14.96 -11.00
C SER C 90 8.63 -13.97 -10.36
N THR C 91 9.88 -14.02 -10.80
CA THR C 91 10.89 -13.06 -10.38
C THR C 91 11.54 -12.44 -11.61
N THR C 92 11.90 -11.16 -11.50
CA THR C 92 12.47 -10.39 -12.60
C THR C 92 13.95 -10.17 -12.35
N ARG C 93 14.74 -10.24 -13.42
CA ARG C 93 16.16 -9.91 -13.40
C ARG C 93 16.38 -8.66 -14.23
N ILE C 94 17.17 -7.72 -13.70
CA ILE C 94 17.62 -6.57 -14.46
C ILE C 94 19.11 -6.75 -14.69
N ALA C 95 19.50 -6.91 -15.94
CA ALA C 95 20.91 -7.01 -16.32
C ALA C 95 21.32 -5.77 -17.09
N PHE C 96 22.52 -5.27 -16.81
CA PHE C 96 22.96 -4.05 -17.46
C PHE C 96 24.49 -3.99 -17.46
N GLU C 97 25.03 -3.36 -18.49
CA GLU C 97 26.45 -3.00 -18.50
C GLU C 97 26.59 -1.60 -17.93
N PRO C 98 27.19 -1.42 -16.75
CA PRO C 98 27.40 -0.06 -16.22
C PRO C 98 28.32 0.72 -17.16
N VAL C 99 27.86 1.91 -17.55
CA VAL C 99 28.59 2.74 -18.49
C VAL C 99 28.23 4.19 -18.23
N ARG C 100 29.20 5.07 -18.42
CA ARG C 100 28.97 6.51 -18.38
C ARG C 100 29.40 7.11 -19.70
N TYR C 101 29.04 8.37 -19.92
CA TYR C 101 29.22 8.98 -21.25
C TYR C 101 30.69 9.09 -21.64
N GLN C 102 31.63 9.00 -20.69
CA GLN C 102 33.04 9.10 -21.05
C GLN C 102 33.46 7.94 -21.94
N ALA C 103 32.75 6.81 -21.88
CA ALA C 103 33.07 5.67 -22.74
C ALA C 103 32.70 5.92 -24.19
N SER C 104 31.77 6.84 -24.45
CA SER C 104 31.34 7.17 -25.80
C SER C 104 32.12 8.33 -26.40
N VAL C 105 33.06 8.89 -25.65
CA VAL C 105 33.60 10.20 -26.00
C VAL C 105 35.12 10.22 -25.87
N GLY C 106 35.71 9.08 -25.53
CA GLY C 106 37.14 8.91 -25.61
C GLY C 106 37.91 8.94 -24.31
N HIS C 107 37.24 8.83 -23.16
CA HIS C 107 37.91 8.90 -21.87
C HIS C 107 37.80 7.58 -21.09
N ASP C 108 37.42 6.51 -21.76
CA ASP C 108 37.33 5.18 -21.17
C ASP C 108 37.17 4.17 -22.30
N ARG C 109 38.27 3.85 -22.99
CA ARG C 109 38.19 3.12 -24.25
C ARG C 109 37.49 1.77 -24.09
N PHE C 110 37.77 1.06 -23.00
CA PHE C 110 37.17 -0.24 -22.77
C PHE C 110 36.22 -0.24 -21.57
N ASN C 111 35.77 0.94 -21.15
CA ASN C 111 34.73 1.11 -20.14
C ASN C 111 35.05 0.33 -18.86
N ARG C 112 36.07 0.83 -18.16
CA ARG C 112 36.57 0.17 -16.96
C ARG C 112 36.09 0.82 -15.67
N THR C 113 35.91 2.13 -15.66
CA THR C 113 35.65 2.85 -14.41
C THR C 113 34.19 2.77 -13.97
N SER C 114 33.25 2.55 -14.89
CA SER C 114 31.83 2.70 -14.57
C SER C 114 31.30 1.57 -13.70
N VAL C 115 31.81 0.35 -13.86
CA VAL C 115 31.36 -0.71 -12.97
C VAL C 115 31.81 -0.44 -11.54
N ASN C 116 32.97 0.22 -11.37
CA ASN C 116 33.43 0.56 -10.04
C ASN C 116 32.58 1.67 -9.44
N ALA C 117 32.13 2.61 -10.27
CA ALA C 117 31.26 3.68 -9.78
C ALA C 117 29.89 3.15 -9.39
N PHE C 118 29.36 2.20 -10.17
CA PHE C 118 28.06 1.62 -9.85
C PHE C 118 28.10 0.86 -8.53
N PHE C 119 29.15 0.05 -8.30
CA PHE C 119 29.24 -0.71 -7.06
C PHE C 119 29.33 0.21 -5.85
N SER C 120 30.05 1.33 -5.99
CA SER C 120 30.20 2.25 -4.87
C SER C 120 28.87 2.87 -4.45
N GLN C 121 27.86 2.81 -5.31
CA GLN C 121 26.51 3.24 -4.97
C GLN C 121 25.64 2.07 -4.53
N LEU C 122 25.76 0.93 -5.22
CA LEU C 122 24.94 -0.24 -4.89
C LEU C 122 25.16 -0.71 -3.46
N GLN C 123 26.40 -0.66 -2.98
CA GLN C 123 26.70 -1.14 -1.64
C GLN C 123 26.19 -0.21 -0.56
N LEU C 124 25.93 1.06 -0.89
CA LEU C 124 25.32 1.97 0.09
C LEU C 124 23.86 1.64 0.35
N LEU C 125 23.19 0.94 -0.57
CA LEU C 125 21.76 0.63 -0.43
C LEU C 125 21.49 -0.85 -0.15
N VAL C 126 22.23 -1.76 -0.77
CA VAL C 126 22.07 -3.20 -0.55
C VAL C 126 23.32 -3.68 0.18
N LYS C 127 23.23 -3.78 1.50
CA LYS C 127 24.41 -4.06 2.31
C LYS C 127 24.92 -5.48 2.16
N SER C 128 24.11 -6.40 1.64
CA SER C 128 24.55 -7.78 1.45
C SER C 128 25.39 -7.97 0.20
N VAL C 129 25.63 -6.92 -0.57
CA VAL C 129 26.43 -7.02 -1.79
C VAL C 129 27.91 -6.92 -1.44
N ASN C 130 28.69 -7.88 -1.92
CA ASN C 130 30.11 -7.98 -1.62
C ASN C 130 30.87 -8.05 -2.94
N ILE C 131 31.75 -7.08 -3.17
CA ILE C 131 32.44 -6.96 -4.45
C ILE C 131 33.88 -7.46 -4.38
N GLU C 132 34.24 -8.24 -3.34
CA GLU C 132 35.59 -8.78 -3.26
C GLU C 132 35.94 -9.61 -4.48
N LEU C 133 34.96 -10.31 -5.06
CA LEU C 133 35.22 -11.12 -6.24
C LEU C 133 35.42 -10.26 -7.48
N HIS C 134 34.82 -9.07 -7.50
CA HIS C 134 35.11 -8.13 -8.59
C HIS C 134 36.59 -7.76 -8.61
N HIS C 135 37.16 -7.49 -7.43
CA HIS C 135 38.57 -7.13 -7.36
C HIS C 135 39.46 -8.32 -7.71
N LEU C 136 39.07 -9.52 -7.30
CA LEU C 136 39.91 -10.69 -7.54
C LEU C 136 39.85 -11.14 -9.00
N LEU C 137 38.66 -11.09 -9.61
CA LEU C 137 38.46 -11.69 -10.92
C LEU C 137 38.74 -10.74 -12.08
N SER C 138 38.78 -9.43 -11.83
CA SER C 138 38.99 -8.48 -12.92
C SER C 138 40.28 -8.75 -13.68
N GLU C 139 41.37 -9.03 -12.96
CA GLU C 139 42.66 -9.24 -13.61
C GLU C 139 42.62 -10.44 -14.54
N HIS C 140 41.96 -11.53 -14.13
CA HIS C 140 41.99 -12.77 -14.89
C HIS C 140 41.04 -12.77 -16.07
N LEU C 141 40.02 -11.93 -16.06
CA LEU C 141 38.93 -12.04 -17.02
C LEU C 141 38.70 -10.78 -17.83
N THR C 142 39.45 -9.71 -17.61
CA THR C 142 39.30 -8.48 -18.37
C THR C 142 40.66 -7.98 -18.83
N LEU C 143 40.62 -7.07 -19.80
CA LEU C 143 41.84 -6.52 -20.40
C LEU C 143 42.56 -5.64 -19.40
N THR C 144 43.76 -6.04 -18.97
CA THR C 144 44.55 -5.22 -18.08
C THR C 144 45.28 -4.14 -18.88
N ALA C 145 46.01 -3.28 -18.17
CA ALA C 145 46.79 -2.25 -18.86
C ALA C 145 47.93 -2.85 -19.66
N LYS C 146 48.58 -3.88 -19.12
CA LYS C 146 49.61 -4.57 -19.89
C LYS C 146 49.02 -5.23 -21.13
N ASP C 147 47.87 -5.90 -20.97
CA ASP C 147 47.19 -6.51 -22.11
C ASP C 147 46.88 -5.46 -23.18
N GLU C 148 46.43 -4.27 -22.75
CA GLU C 148 46.02 -3.26 -23.71
C GLU C 148 47.19 -2.73 -24.53
N ARG C 149 48.39 -2.76 -23.97
CA ARG C 149 49.56 -2.30 -24.72
C ARG C 149 49.93 -3.29 -25.82
N ASN C 150 49.79 -4.58 -25.55
CA ASN C 150 50.10 -5.62 -26.51
C ASN C 150 48.93 -5.97 -27.43
N LEU C 151 47.93 -5.09 -27.50
CA LEU C 151 46.73 -5.32 -28.30
C LEU C 151 46.81 -4.51 -29.58
N ASN C 152 46.80 -5.19 -30.72
CA ASN C 152 46.80 -4.53 -32.03
C ASN C 152 45.39 -4.41 -32.56
N GLU C 153 45.17 -3.37 -33.37
CA GLU C 153 43.84 -3.07 -33.89
C GLU C 153 43.30 -4.12 -34.86
N GLU C 154 44.10 -5.11 -35.24
CA GLU C 154 43.61 -6.20 -36.08
C GLU C 154 42.90 -7.28 -35.27
N GLN C 155 43.46 -7.68 -34.13
CA GLN C 155 42.83 -8.70 -33.31
C GLN C 155 41.53 -8.18 -32.70
N LEU C 156 41.48 -6.89 -32.37
CA LEU C 156 40.27 -6.32 -31.79
C LEU C 156 39.17 -6.20 -32.84
N THR C 157 39.53 -5.91 -34.09
CA THR C 157 38.53 -5.84 -35.16
C THR C 157 38.02 -7.23 -35.53
N LYS C 158 38.91 -8.23 -35.52
CA LYS C 158 38.47 -9.61 -35.73
C LYS C 158 37.52 -10.07 -34.63
N TYR C 159 37.67 -9.51 -33.43
CA TYR C 159 36.74 -9.82 -32.34
C TYR C 159 35.45 -8.99 -32.47
N LEU C 160 35.58 -7.70 -32.78
CA LEU C 160 34.40 -6.84 -32.89
C LEU C 160 33.54 -7.16 -34.11
N THR C 161 34.03 -7.97 -35.06
CA THR C 161 33.20 -8.37 -36.18
C THR C 161 32.20 -9.45 -35.79
N ASN C 162 32.58 -10.34 -34.87
CA ASN C 162 31.71 -11.43 -34.45
C ASN C 162 30.88 -11.09 -33.21
N PHE C 163 31.33 -10.14 -32.39
CA PHE C 163 30.64 -9.83 -31.13
C PHE C 163 30.27 -8.36 -30.96
N GLN C 164 30.69 -7.47 -31.86
CA GLN C 164 30.15 -6.13 -32.02
C GLN C 164 30.60 -5.13 -30.95
N VAL C 165 30.55 -5.51 -29.68
CA VAL C 165 30.68 -4.56 -28.59
C VAL C 165 31.94 -4.86 -27.77
N LYS C 166 32.42 -3.81 -27.09
CA LYS C 166 33.59 -3.89 -26.21
C LYS C 166 33.22 -4.24 -24.78
N THR C 167 32.11 -4.94 -24.58
CA THR C 167 31.62 -5.20 -23.23
C THR C 167 32.51 -6.20 -22.50
N GLN C 168 32.86 -5.86 -21.26
CA GLN C 168 33.62 -6.75 -20.38
C GLN C 168 32.95 -7.02 -19.05
N TYR C 169 32.06 -6.14 -18.60
CA TYR C 169 31.32 -6.33 -17.36
C TYR C 169 29.83 -6.21 -17.63
N VAL C 170 29.06 -7.15 -17.10
CA VAL C 170 27.61 -7.02 -16.98
C VAL C 170 27.22 -7.33 -15.55
N VAL C 171 26.33 -6.52 -14.99
CA VAL C 171 25.79 -6.73 -13.66
C VAL C 171 24.33 -7.11 -13.77
N ALA C 172 23.91 -8.09 -12.98
CA ALA C 172 22.52 -8.52 -12.94
C ALA C 172 22.01 -8.37 -11.51
N LEU C 173 20.85 -7.72 -11.37
CA LEU C 173 20.16 -7.63 -10.10
C LEU C 173 19.03 -8.66 -10.10
N ASP C 174 19.19 -9.69 -9.27
CA ASP C 174 18.15 -10.70 -9.07
C ASP C 174 17.14 -10.13 -8.09
N LEU C 175 16.01 -9.65 -8.61
CA LEU C 175 15.00 -8.99 -7.79
C LEU C 175 14.19 -10.02 -6.99
N ARG C 176 14.91 -10.77 -6.14
CA ARG C 176 14.27 -11.76 -5.30
C ARG C 176 13.34 -11.09 -4.30
N LYS C 177 12.26 -11.80 -3.96
CA LYS C 177 11.26 -11.26 -3.04
C LYS C 177 11.70 -11.33 -1.60
N THR C 178 12.86 -11.93 -1.31
CA THR C 178 13.47 -11.88 0.01
C THR C 178 14.60 -10.87 0.08
N GLY C 179 14.95 -10.22 -1.02
CA GLY C 179 16.02 -9.25 -1.06
C GLY C 179 16.88 -9.42 -2.30
N ILE C 180 17.39 -8.30 -2.82
CA ILE C 180 18.16 -8.31 -4.05
C ILE C 180 19.46 -9.09 -3.85
N VAL C 181 19.80 -9.92 -4.85
CA VAL C 181 21.11 -10.55 -4.97
C VAL C 181 21.72 -10.08 -6.28
N ALA C 182 22.99 -9.67 -6.23
CA ALA C 182 23.68 -9.17 -7.40
C ALA C 182 24.64 -10.22 -7.94
N LYS C 183 24.74 -10.31 -9.26
CA LYS C 183 25.67 -11.18 -9.95
C LYS C 183 26.52 -10.35 -10.89
N GLU C 184 27.72 -10.83 -11.19
CA GLU C 184 28.62 -10.15 -12.10
C GLU C 184 29.10 -11.12 -13.17
N TYR C 185 29.01 -10.70 -14.43
CA TYR C 185 29.47 -11.48 -15.57
C TYR C 185 30.75 -10.87 -16.10
N PHE C 186 31.74 -11.71 -16.39
CA PHE C 186 33.02 -11.29 -16.93
C PHE C 186 33.20 -11.89 -18.31
N PHE C 187 33.54 -11.06 -19.30
CA PHE C 187 33.73 -11.52 -20.67
C PHE C 187 35.19 -11.35 -21.07
N PRO C 188 35.97 -12.43 -21.09
CA PRO C 188 37.41 -12.33 -21.40
C PRO C 188 37.74 -12.32 -22.89
N GLY C 189 36.75 -12.17 -23.77
CA GLY C 189 37.02 -12.26 -25.20
C GLY C 189 38.02 -11.23 -25.69
N ILE C 190 37.88 -9.99 -25.24
CA ILE C 190 38.84 -8.95 -25.61
C ILE C 190 40.21 -9.24 -25.01
N LYS C 191 40.25 -9.61 -23.73
CA LYS C 191 41.51 -9.98 -23.09
C LYS C 191 42.19 -11.12 -23.85
N CYS C 192 41.41 -12.13 -24.24
CA CYS C 192 41.98 -13.24 -24.99
C CYS C 192 42.44 -12.81 -26.37
N ALA C 193 41.77 -11.83 -26.97
CA ALA C 193 42.20 -11.29 -28.25
C ALA C 193 43.54 -10.57 -28.16
N ALA C 194 44.01 -10.24 -26.96
CA ALA C 194 45.29 -9.61 -26.74
C ALA C 194 46.33 -10.55 -26.15
N THR C 195 45.93 -11.43 -25.24
CA THR C 195 46.84 -12.38 -24.61
C THR C 195 46.95 -13.68 -25.38
N GLY C 196 45.97 -14.00 -26.21
CA GLY C 196 46.03 -15.21 -27.01
C GLY C 196 45.65 -16.48 -26.27
N GLN C 197 45.27 -16.40 -25.00
CA GLN C 197 44.83 -17.59 -24.29
C GLN C 197 43.38 -17.90 -24.60
N THR C 198 42.96 -19.10 -24.23
CA THR C 198 41.59 -19.54 -24.50
C THR C 198 40.65 -19.02 -23.43
N GLY C 199 39.35 -18.98 -23.78
CA GLY C 199 38.34 -18.66 -22.78
C GLY C 199 38.33 -19.62 -21.62
N SER C 200 38.56 -20.91 -21.90
CA SER C 200 38.59 -21.91 -20.83
C SER C 200 39.74 -21.65 -19.86
N ASN C 201 40.94 -21.39 -20.39
CA ASN C 201 42.07 -21.14 -19.50
C ASN C 201 41.89 -19.85 -18.73
N ALA C 202 41.19 -18.87 -19.31
CA ALA C 202 40.90 -17.65 -18.58
C ALA C 202 39.83 -17.87 -17.52
N CYS C 203 38.76 -18.56 -17.88
CA CYS C 203 37.65 -18.73 -16.95
C CYS C 203 38.01 -19.70 -15.84
N PHE C 204 38.56 -20.86 -16.19
CA PHE C 204 38.92 -21.84 -15.16
C PHE C 204 40.18 -21.43 -14.40
N GLY C 205 41.05 -20.65 -15.03
CA GLY C 205 42.17 -20.09 -14.29
C GLY C 205 41.73 -19.09 -13.24
N ALA C 206 40.66 -18.35 -13.52
CA ALA C 206 40.15 -17.39 -12.55
C ALA C 206 39.54 -18.09 -11.35
N ILE C 207 38.79 -19.18 -11.58
CA ILE C 207 38.15 -19.90 -10.47
C ILE C 207 39.21 -20.51 -9.56
N ARG C 208 40.23 -21.14 -10.13
CA ARG C 208 41.27 -21.75 -9.32
C ARG C 208 42.07 -20.71 -8.55
N ALA C 209 42.18 -19.49 -9.09
CA ALA C 209 42.83 -18.42 -8.35
C ALA C 209 42.01 -18.02 -7.12
N VAL C 210 40.68 -18.07 -7.23
CA VAL C 210 39.82 -17.72 -6.11
C VAL C 210 39.65 -18.91 -5.18
N ASP C 211 39.49 -20.11 -5.74
CA ASP C 211 39.28 -21.33 -4.97
C ASP C 211 40.65 -21.90 -4.59
N LYS C 212 41.22 -21.31 -3.53
CA LYS C 212 42.58 -21.66 -3.14
C LYS C 212 42.67 -23.05 -2.53
N ASP C 213 41.62 -23.51 -1.87
CA ASP C 213 41.62 -24.81 -1.22
C ASP C 213 41.18 -25.94 -2.15
N GLY C 214 40.88 -25.64 -3.40
CA GLY C 214 40.56 -26.68 -4.36
C GLY C 214 39.20 -27.32 -4.19
N HIS C 215 38.24 -26.62 -3.59
CA HIS C 215 36.93 -27.18 -3.39
C HIS C 215 36.18 -27.42 -4.70
N LEU C 216 36.55 -26.73 -5.77
CA LEU C 216 35.82 -26.78 -7.03
C LEU C 216 36.61 -27.37 -8.18
N ASP C 217 37.84 -27.84 -7.96
N ASP C 217 37.85 -27.82 -7.97
CA ASP C 217 38.66 -28.30 -9.06
CA ASP C 217 38.65 -28.29 -9.10
C ASP C 217 38.17 -29.64 -9.62
C ASP C 217 38.22 -29.67 -9.60
N SER C 218 37.52 -30.45 -8.78
CA SER C 218 36.96 -31.70 -9.28
C SER C 218 35.79 -31.44 -10.20
N LEU C 219 35.00 -30.40 -9.90
CA LEU C 219 33.93 -29.99 -10.80
C LEU C 219 34.48 -29.33 -12.06
N CYS C 220 35.58 -28.57 -11.92
CA CYS C 220 36.15 -27.90 -13.08
C CYS C 220 36.72 -28.89 -14.07
N GLN C 221 37.40 -29.93 -13.58
CA GLN C 221 37.95 -30.94 -14.47
C GLN C 221 36.86 -31.73 -15.17
N LEU C 222 35.74 -31.97 -14.51
CA LEU C 222 34.61 -32.62 -15.15
C LEU C 222 34.06 -31.77 -16.28
N ILE C 223 33.96 -30.45 -16.06
CA ILE C 223 33.50 -29.54 -17.10
C ILE C 223 34.57 -29.38 -18.19
N GLU C 224 35.83 -29.17 -17.77
CA GLU C 224 36.91 -28.97 -18.73
C GLU C 224 37.09 -30.19 -19.63
N ALA C 225 36.92 -31.39 -19.07
CA ALA C 225 37.03 -32.60 -19.89
C ALA C 225 35.97 -32.63 -20.97
N HIS C 226 34.76 -32.16 -20.66
CA HIS C 226 33.70 -32.16 -21.65
C HIS C 226 33.95 -31.10 -22.72
N PHE C 227 34.45 -29.93 -22.33
CA PHE C 227 34.77 -28.89 -23.31
C PHE C 227 35.87 -29.35 -24.25
N GLN C 228 36.85 -30.10 -23.74
CA GLN C 228 37.94 -30.58 -24.58
C GLN C 228 37.47 -31.66 -25.53
N GLN C 229 36.60 -32.57 -25.06
CA GLN C 229 36.11 -33.63 -25.94
C GLN C 229 35.10 -33.09 -26.95
N SER C 230 34.09 -32.37 -26.48
CA SER C 230 33.10 -31.81 -27.39
C SER C 230 33.66 -30.66 -28.22
N LYS C 231 34.88 -30.21 -27.92
CA LYS C 231 35.57 -29.17 -28.68
C LYS C 231 34.75 -27.87 -28.69
N ILE C 232 34.70 -27.26 -27.50
CA ILE C 232 34.08 -25.96 -27.30
C ILE C 232 34.88 -25.22 -26.24
N ASP C 233 35.03 -23.91 -26.43
CA ASP C 233 35.76 -23.05 -25.50
C ASP C 233 34.79 -22.34 -24.59
N ASP C 234 35.17 -22.18 -23.32
CA ASP C 234 34.34 -21.44 -22.38
C ASP C 234 34.17 -20.01 -22.86
N ALA C 235 32.94 -19.51 -22.78
CA ALA C 235 32.61 -18.20 -23.33
C ALA C 235 32.82 -17.07 -22.32
N PHE C 236 32.21 -17.20 -21.15
CA PHE C 236 32.36 -16.18 -20.11
C PHE C 236 32.01 -16.80 -18.76
N LEU C 237 32.07 -15.99 -17.72
CA LEU C 237 31.99 -16.47 -16.35
C LEU C 237 31.07 -15.56 -15.55
N CYS C 238 30.41 -16.15 -14.56
CA CYS C 238 29.49 -15.45 -13.69
C CYS C 238 29.77 -15.82 -12.24
N CYS C 239 29.49 -14.88 -11.33
CA CYS C 239 29.65 -15.14 -9.90
C CYS C 239 28.66 -14.29 -9.12
N ASP C 240 28.25 -14.81 -7.96
CA ASP C 240 27.41 -14.05 -7.04
C ASP C 240 28.26 -13.08 -6.24
N LEU C 241 27.87 -11.81 -6.23
CA LEU C 241 28.59 -10.81 -5.46
C LEU C 241 28.30 -10.99 -3.97
N VAL C 242 28.75 -12.11 -3.42
CA VAL C 242 28.64 -12.42 -1.99
C VAL C 242 30.04 -12.76 -1.50
N ASP C 243 30.13 -13.27 -0.27
CA ASP C 243 31.43 -13.68 0.26
C ASP C 243 32.08 -14.68 -0.70
N PRO C 244 33.36 -14.51 -1.05
CA PRO C 244 33.96 -15.37 -2.08
C PRO C 244 33.86 -16.85 -1.80
N ALA C 245 33.87 -17.26 -0.52
CA ALA C 245 33.79 -18.67 -0.18
C ALA C 245 32.39 -19.24 -0.38
N HIS C 246 31.37 -18.39 -0.42
CA HIS C 246 29.98 -18.83 -0.51
C HIS C 246 29.34 -18.49 -1.86
N THR C 247 30.15 -18.18 -2.87
CA THR C 247 29.61 -17.79 -4.16
C THR C 247 29.38 -19.00 -5.05
N ARG C 248 28.51 -18.82 -6.04
CA ARG C 248 28.30 -19.79 -7.10
C ARG C 248 29.01 -19.28 -8.34
N PHE C 249 29.87 -20.11 -8.92
CA PHE C 249 30.49 -19.82 -10.21
C PHE C 249 29.70 -20.52 -11.31
N LYS C 250 29.44 -19.81 -12.39
CA LYS C 250 28.74 -20.37 -13.55
C LYS C 250 29.58 -20.08 -14.79
N VAL C 251 29.94 -21.13 -15.52
CA VAL C 251 30.75 -21.02 -16.73
C VAL C 251 29.83 -21.26 -17.92
N TYR C 252 29.82 -20.31 -18.85
CA TYR C 252 28.94 -20.34 -20.01
C TYR C 252 29.68 -20.80 -21.26
N ILE C 253 28.95 -21.46 -22.15
CA ILE C 253 29.43 -21.79 -23.49
C ILE C 253 28.39 -21.35 -24.49
N ALA C 254 28.84 -21.05 -25.71
CA ALA C 254 27.97 -20.73 -26.83
C ALA C 254 28.34 -21.64 -27.99
N ASP C 255 27.34 -22.30 -28.56
CA ASP C 255 27.55 -23.29 -29.62
C ASP C 255 26.71 -22.89 -30.81
N PRO C 256 27.31 -22.56 -31.96
CA PRO C 256 26.51 -22.23 -33.16
C PRO C 256 25.80 -23.43 -33.76
N LEU C 257 26.11 -24.65 -33.34
CA LEU C 257 25.41 -25.86 -33.79
C LEU C 257 24.12 -25.97 -32.98
N VAL C 258 23.06 -25.37 -33.52
CA VAL C 258 21.78 -25.29 -32.80
C VAL C 258 20.98 -26.52 -33.22
N THR C 259 21.37 -27.66 -32.67
CA THR C 259 20.62 -28.91 -32.84
C THR C 259 20.29 -29.48 -31.47
N LEU C 260 19.24 -30.30 -31.43
CA LEU C 260 18.85 -30.92 -30.17
C LEU C 260 19.92 -31.90 -29.68
N ALA C 261 20.52 -32.66 -30.59
CA ALA C 261 21.55 -33.61 -30.18
C ALA C 261 22.76 -32.90 -29.57
N ARG C 262 23.19 -31.80 -30.18
CA ARG C 262 24.30 -31.04 -29.62
C ARG C 262 23.94 -30.45 -28.26
N ALA C 263 22.72 -29.93 -28.12
CA ALA C 263 22.27 -29.43 -26.83
C ALA C 263 22.20 -30.55 -25.80
N GLU C 264 21.77 -31.74 -26.22
CA GLU C 264 21.77 -32.89 -25.32
C GLU C 264 23.19 -33.26 -24.90
N GLU C 265 24.15 -33.18 -25.82
CA GLU C 265 25.53 -33.50 -25.49
C GLU C 265 26.06 -32.59 -24.40
N HIS C 266 25.73 -31.30 -24.46
CA HIS C 266 26.18 -30.36 -23.45
C HIS C 266 25.40 -30.47 -22.15
N TRP C 267 24.13 -30.86 -22.22
CA TRP C 267 23.32 -30.98 -21.02
C TRP C 267 23.84 -32.05 -20.09
N THR C 268 24.29 -33.18 -20.65
CA THR C 268 24.82 -34.29 -19.87
C THR C 268 26.33 -34.23 -19.70
N LEU C 269 26.97 -33.13 -20.10
CA LEU C 269 28.43 -33.02 -20.09
C LEU C 269 29.08 -34.16 -20.86
N GLY C 270 28.48 -34.53 -21.99
CA GLY C 270 28.99 -35.64 -22.78
C GLY C 270 28.86 -36.98 -22.08
N GLY C 271 27.79 -37.17 -21.31
CA GLY C 271 27.56 -38.41 -20.60
C GLY C 271 28.13 -38.45 -19.19
N ARG C 272 28.88 -37.43 -18.77
CA ARG C 272 29.45 -37.41 -17.44
C ARG C 272 28.43 -37.16 -16.35
N LEU C 273 27.23 -36.71 -16.70
CA LEU C 273 26.14 -36.50 -15.76
C LEU C 273 25.11 -37.61 -15.98
N THR C 274 24.85 -38.41 -14.94
CA THR C 274 23.94 -39.54 -15.04
C THR C 274 22.91 -39.55 -13.91
N ASP C 275 22.72 -38.42 -13.23
CA ASP C 275 21.76 -38.34 -12.14
C ASP C 275 20.33 -38.45 -12.67
N GLU C 276 19.38 -38.53 -11.74
CA GLU C 276 17.98 -38.59 -12.10
C GLU C 276 17.50 -37.27 -12.68
N ASP C 277 17.91 -36.15 -12.08
CA ASP C 277 17.52 -34.85 -12.58
C ASP C 277 18.04 -34.60 -14.00
N ALA C 278 19.23 -35.12 -14.31
CA ALA C 278 19.73 -34.98 -15.67
C ALA C 278 18.88 -35.79 -16.65
N ALA C 279 18.43 -36.98 -16.23
CA ALA C 279 17.64 -37.82 -17.10
C ALA C 279 16.20 -37.34 -17.23
N VAL C 280 15.60 -36.90 -16.12
CA VAL C 280 14.23 -36.40 -16.16
C VAL C 280 14.17 -35.06 -16.87
N GLY C 281 15.13 -34.18 -16.58
CA GLY C 281 15.18 -32.90 -17.28
C GLY C 281 15.43 -33.03 -18.76
N LEU C 282 16.08 -34.12 -19.19
CA LEU C 282 16.33 -34.33 -20.60
C LEU C 282 15.05 -34.66 -21.36
N GLU C 283 14.11 -35.38 -20.73
CA GLU C 283 12.84 -35.67 -21.37
C GLU C 283 12.00 -34.42 -21.55
N ILE C 284 12.13 -33.45 -20.64
CA ILE C 284 11.37 -32.20 -20.76
C ILE C 284 11.98 -31.31 -21.84
N ILE C 285 13.31 -31.34 -21.99
CA ILE C 285 13.95 -30.51 -23.01
C ILE C 285 13.57 -30.97 -24.41
N ARG C 286 13.52 -32.29 -24.62
CA ARG C 286 13.15 -32.82 -25.94
C ARG C 286 11.76 -32.38 -26.35
N GLY C 287 10.83 -32.26 -25.39
CA GLY C 287 9.49 -31.80 -25.72
C GLY C 287 9.45 -30.33 -26.08
N LEU C 288 10.09 -29.49 -25.26
CA LEU C 288 10.11 -28.06 -25.54
C LEU C 288 10.84 -27.76 -26.84
N TRP C 289 11.96 -28.43 -27.09
CA TRP C 289 12.71 -28.17 -28.31
C TRP C 289 11.88 -28.48 -29.54
N SER C 290 11.17 -29.61 -29.53
CA SER C 290 10.40 -30.02 -30.70
C SER C 290 9.16 -29.17 -30.88
N GLU C 291 8.49 -28.84 -29.77
CA GLU C 291 7.29 -28.01 -29.86
C GLU C 291 7.62 -26.61 -30.35
N LEU C 292 8.64 -25.98 -29.77
CA LEU C 292 9.04 -24.65 -30.19
C LEU C 292 9.65 -24.66 -31.59
N GLY C 293 10.31 -25.75 -31.97
CA GLY C 293 10.97 -25.82 -33.25
C GLY C 293 12.14 -24.89 -33.33
N ILE C 294 13.12 -25.08 -32.42
CA ILE C 294 14.27 -24.20 -32.36
C ILE C 294 14.99 -24.22 -33.70
N ILE C 295 15.23 -23.03 -34.25
CA ILE C 295 15.75 -22.91 -35.61
C ILE C 295 17.24 -23.19 -35.63
N GLN C 296 17.68 -23.96 -36.61
CA GLN C 296 19.09 -24.28 -36.84
C GLN C 296 19.57 -23.48 -38.04
N GLY C 297 20.28 -22.39 -37.78
CA GLY C 297 20.88 -21.62 -38.84
C GLY C 297 22.23 -22.20 -39.22
N PRO C 298 23.00 -21.46 -40.02
CA PRO C 298 24.38 -21.89 -40.32
C PRO C 298 25.28 -21.76 -39.09
N LEU C 299 26.58 -21.91 -39.27
CA LEU C 299 27.51 -21.78 -38.16
C LEU C 299 28.41 -20.56 -38.25
N GLU C 300 28.45 -19.88 -39.39
CA GLU C 300 29.25 -18.69 -39.53
C GLU C 300 28.66 -17.57 -38.68
N PRO C 301 29.40 -16.99 -37.74
CA PRO C 301 28.85 -15.87 -36.96
C PRO C 301 28.47 -14.68 -37.82
N SER C 302 28.98 -14.59 -39.05
CA SER C 302 28.53 -13.55 -39.97
C SER C 302 27.23 -13.92 -40.66
N ALA C 303 27.02 -15.21 -40.93
CA ALA C 303 25.80 -15.66 -41.60
C ALA C 303 24.64 -15.80 -40.63
N MET C 304 24.91 -16.28 -39.42
CA MET C 304 23.85 -16.39 -38.42
C MET C 304 23.39 -15.02 -37.94
N MET C 305 24.31 -14.04 -37.87
CA MET C 305 23.92 -12.69 -37.50
C MET C 305 23.11 -12.01 -38.61
N GLU C 306 23.30 -12.43 -39.85
CA GLU C 306 22.52 -11.87 -40.95
C GLU C 306 21.06 -12.28 -40.86
N LYS C 307 20.80 -13.51 -40.43
CA LYS C 307 19.44 -14.02 -40.31
C LYS C 307 18.81 -13.71 -38.96
N GLY C 308 19.48 -12.95 -38.11
CA GLY C 308 18.96 -12.63 -36.80
C GLY C 308 18.90 -13.79 -35.83
N LEU C 309 19.58 -14.89 -36.14
CA LEU C 309 19.52 -16.10 -35.33
C LEU C 309 20.60 -16.07 -34.25
N LEU C 310 20.38 -16.89 -33.22
CA LEU C 310 21.24 -16.97 -32.06
C LEU C 310 21.75 -18.40 -31.88
N PRO C 311 22.87 -18.58 -31.19
CA PRO C 311 23.36 -19.93 -30.92
C PRO C 311 22.66 -20.50 -29.69
N ILE C 312 23.01 -21.73 -29.33
CA ILE C 312 22.60 -22.27 -28.04
C ILE C 312 23.63 -21.87 -27.01
N MET C 313 23.21 -21.86 -25.76
CA MET C 313 24.11 -21.53 -24.65
C MET C 313 23.82 -22.47 -23.50
N LEU C 314 24.84 -22.68 -22.66
CA LEU C 314 24.68 -23.42 -21.42
C LEU C 314 25.60 -22.81 -20.39
N ASN C 315 25.17 -22.79 -19.14
CA ASN C 315 26.06 -22.52 -18.02
C ASN C 315 26.05 -23.71 -17.08
N TYR C 316 27.19 -23.92 -16.42
CA TYR C 316 27.36 -25.00 -15.46
C TYR C 316 27.69 -24.38 -14.12
N GLU C 317 26.86 -24.68 -13.13
CA GLU C 317 26.94 -24.05 -11.82
C GLU C 317 27.83 -24.86 -10.88
N MET C 318 28.64 -24.15 -10.09
CA MET C 318 29.56 -24.76 -9.15
C MET C 318 29.44 -24.05 -7.81
N LYS C 319 29.46 -24.84 -6.73
CA LYS C 319 29.44 -24.30 -5.38
C LYS C 319 30.21 -25.26 -4.49
N ALA C 320 30.74 -24.73 -3.40
CA ALA C 320 31.47 -25.56 -2.45
C ALA C 320 30.53 -26.60 -1.84
N GLY C 321 30.98 -27.85 -1.83
CA GLY C 321 30.17 -28.94 -1.33
C GLY C 321 29.20 -29.51 -2.32
N GLN C 322 29.40 -29.26 -3.61
CA GLN C 322 28.52 -29.74 -4.67
C GLN C 322 29.21 -30.88 -5.40
N ARG C 323 28.53 -32.03 -5.48
CA ARG C 323 29.18 -33.20 -6.06
C ARG C 323 29.22 -33.14 -7.58
N LEU C 324 28.15 -32.68 -8.22
CA LEU C 324 28.08 -32.59 -9.66
C LEU C 324 27.72 -31.18 -10.10
N PRO C 325 28.24 -30.74 -11.24
CA PRO C 325 27.84 -29.42 -11.76
C PRO C 325 26.41 -29.42 -12.27
N LYS C 326 25.75 -28.27 -12.12
CA LYS C 326 24.34 -28.14 -12.45
C LYS C 326 24.18 -27.41 -13.77
N PRO C 327 23.66 -28.06 -14.82
CA PRO C 327 23.53 -27.39 -16.11
C PRO C 327 22.26 -26.54 -16.22
N LYS C 328 22.36 -25.50 -17.04
CA LYS C 328 21.20 -24.74 -17.48
C LYS C 328 21.33 -24.56 -18.98
N LEU C 329 20.24 -24.79 -19.70
CA LEU C 329 20.23 -24.73 -21.17
C LEU C 329 19.50 -23.47 -21.62
N TYR C 330 20.08 -22.77 -22.59
CA TYR C 330 19.48 -21.56 -23.17
C TYR C 330 19.13 -21.86 -24.62
N MET C 331 17.84 -21.80 -24.93
CA MET C 331 17.35 -22.10 -26.28
C MET C 331 17.05 -20.81 -27.02
N PRO C 332 17.65 -20.58 -28.19
CA PRO C 332 17.40 -19.32 -28.92
C PRO C 332 16.02 -19.30 -29.54
N LEU C 333 15.31 -18.19 -29.33
CA LEU C 333 13.92 -18.07 -29.77
C LEU C 333 13.72 -17.05 -30.89
N THR C 334 14.76 -16.34 -31.31
CA THR C 334 14.60 -15.39 -32.41
C THR C 334 14.29 -16.13 -33.71
N GLY C 335 13.34 -15.60 -34.47
CA GLY C 335 12.83 -16.23 -35.65
C GLY C 335 11.53 -16.99 -35.44
N ILE C 336 11.23 -17.35 -34.20
CA ILE C 336 9.98 -18.03 -33.86
C ILE C 336 8.93 -16.97 -33.53
N PRO C 337 7.75 -17.02 -34.14
CA PRO C 337 6.71 -16.03 -33.82
C PRO C 337 6.36 -16.06 -32.34
N GLU C 338 6.04 -14.88 -31.81
CA GLU C 338 5.80 -14.78 -30.37
C GLU C 338 4.54 -15.53 -29.94
N THR C 339 3.57 -15.65 -30.85
CA THR C 339 2.34 -16.36 -30.50
C THR C 339 2.56 -17.86 -30.42
N LYS C 340 3.47 -18.40 -31.23
CA LYS C 340 3.81 -19.82 -31.11
C LYS C 340 4.53 -20.10 -29.80
N ILE C 341 5.45 -19.20 -29.42
CA ILE C 341 6.12 -19.32 -28.13
C ILE C 341 5.12 -19.25 -26.99
N ALA C 342 4.18 -18.30 -27.08
CA ALA C 342 3.17 -18.17 -26.03
C ALA C 342 2.25 -19.38 -25.99
N ARG C 343 1.97 -19.98 -27.14
N ARG C 343 1.96 -19.98 -27.14
CA ARG C 343 1.14 -21.18 -27.18
CA ARG C 343 1.12 -21.18 -27.16
C ARG C 343 1.82 -22.36 -26.51
C ARG C 343 1.83 -22.36 -26.50
N ILE C 344 3.13 -22.50 -26.74
CA ILE C 344 3.87 -23.62 -26.15
C ILE C 344 4.07 -23.42 -24.66
N MET C 345 4.35 -22.18 -24.23
CA MET C 345 4.57 -21.91 -22.82
C MET C 345 3.28 -22.10 -22.02
N THR C 346 2.15 -21.67 -22.59
CA THR C 346 0.86 -21.89 -21.92
C THR C 346 0.58 -23.38 -21.74
N ALA C 347 0.89 -24.18 -22.76
CA ALA C 347 0.72 -25.62 -22.64
C ALA C 347 1.70 -26.22 -21.65
N PHE C 348 2.95 -25.73 -21.65
CA PHE C 348 3.93 -26.20 -20.68
C PHE C 348 3.46 -25.94 -19.25
N PHE C 349 2.90 -24.76 -18.99
CA PHE C 349 2.48 -24.42 -17.64
C PHE C 349 1.27 -25.25 -17.22
N GLN C 350 0.34 -25.52 -18.14
CA GLN C 350 -0.76 -26.42 -17.83
C GLN C 350 -0.24 -27.83 -17.55
N ARG C 351 0.78 -28.24 -18.28
CA ARG C 351 1.38 -29.56 -18.12
C ARG C 351 1.90 -29.78 -16.69
N HIS C 352 2.53 -28.76 -16.11
CA HIS C 352 3.22 -28.90 -14.84
C HIS C 352 2.45 -28.25 -13.69
N ASP C 353 1.13 -28.21 -13.79
CA ASP C 353 0.26 -27.72 -12.72
C ASP C 353 0.61 -26.27 -12.35
N MET C 354 0.63 -25.41 -13.37
CA MET C 354 0.76 -23.96 -13.18
C MET C 354 -0.32 -23.25 -13.97
N PRO C 355 -1.60 -23.51 -13.66
CA PRO C 355 -2.67 -22.89 -14.45
C PRO C 355 -2.69 -21.37 -14.37
N GLU C 356 -2.31 -20.80 -13.23
CA GLU C 356 -2.27 -19.35 -13.10
C GLU C 356 -1.26 -18.75 -14.09
N GLN C 357 -0.08 -19.37 -14.21
CA GLN C 357 0.89 -18.91 -15.20
C GLN C 357 0.37 -19.11 -16.62
N ALA C 358 -0.31 -20.23 -16.88
CA ALA C 358 -0.82 -20.49 -18.22
C ALA C 358 -1.97 -19.55 -18.58
N GLU C 359 -2.82 -19.22 -17.59
CA GLU C 359 -3.97 -18.36 -17.86
C GLU C 359 -3.55 -17.02 -18.43
N VAL C 360 -2.50 -16.41 -17.88
CA VAL C 360 -2.19 -15.01 -18.11
C VAL C 360 -1.00 -14.81 -19.03
N PHE C 361 -0.40 -15.88 -19.56
CA PHE C 361 0.88 -15.73 -20.25
C PHE C 361 0.75 -14.88 -21.50
N MET C 362 -0.26 -15.14 -22.32
CA MET C 362 -0.37 -14.42 -23.60
C MET C 362 -0.72 -12.95 -23.38
N GLU C 363 -1.68 -12.66 -22.49
CA GLU C 363 -2.08 -11.28 -22.27
C GLU C 363 -0.98 -10.49 -21.59
N ASN C 364 -0.21 -11.12 -20.72
CA ASN C 364 0.95 -10.45 -20.12
C ASN C 364 1.98 -10.10 -21.18
N LEU C 365 2.28 -11.05 -22.06
CA LEU C 365 3.23 -10.79 -23.15
C LEU C 365 2.72 -9.70 -24.09
N GLN C 366 1.41 -9.71 -24.40
CA GLN C 366 0.86 -8.67 -25.24
C GLN C 366 0.96 -7.30 -24.58
N ALA C 367 0.88 -7.25 -23.25
CA ALA C 367 0.97 -5.97 -22.56
C ALA C 367 2.40 -5.44 -22.53
N TYR C 368 3.41 -6.31 -22.47
CA TYR C 368 4.80 -5.87 -22.58
C TYR C 368 5.02 -5.13 -23.88
N TYR C 369 4.47 -5.65 -24.97
CA TYR C 369 4.60 -5.05 -26.29
C TYR C 369 3.24 -4.56 -26.75
N GLU C 370 2.69 -3.59 -26.03
CA GLU C 370 1.33 -3.11 -26.24
C GLU C 370 1.15 -2.63 -27.67
N GLY C 371 0.16 -3.21 -28.36
CA GLY C 371 -0.16 -2.80 -29.71
C GLY C 371 0.69 -3.40 -30.80
N LYS C 372 1.55 -4.37 -30.49
CA LYS C 372 2.35 -5.05 -31.49
C LYS C 372 1.67 -6.34 -31.93
N ASN C 373 1.92 -6.71 -33.18
CA ASN C 373 1.42 -7.98 -33.72
C ASN C 373 2.39 -9.07 -33.30
N LEU C 374 1.96 -9.91 -32.36
CA LEU C 374 2.81 -10.99 -31.86
C LEU C 374 2.89 -12.16 -32.82
N GLU C 375 2.06 -12.21 -33.85
CA GLU C 375 2.18 -13.26 -34.87
C GLU C 375 3.30 -12.93 -35.85
N GLU C 376 3.42 -11.67 -36.24
CA GLU C 376 4.50 -11.26 -37.12
C GLU C 376 5.81 -11.09 -36.35
N ALA C 377 5.75 -10.67 -35.09
CA ALA C 377 6.94 -10.43 -34.30
C ALA C 377 7.68 -11.73 -34.02
N THR C 378 9.01 -11.69 -34.17
CA THR C 378 9.84 -12.86 -33.89
C THR C 378 11.08 -12.54 -33.07
N ARG C 379 11.28 -11.29 -32.63
CA ARG C 379 12.51 -10.92 -31.92
C ARG C 379 12.20 -10.22 -30.60
N TYR C 380 11.11 -10.60 -29.93
CA TYR C 380 10.82 -10.07 -28.61
C TYR C 380 11.32 -11.01 -27.54
N GLN C 381 10.73 -12.20 -27.45
CA GLN C 381 11.26 -13.25 -26.58
C GLN C 381 12.45 -13.88 -27.29
N ALA C 382 13.65 -13.64 -26.78
CA ALA C 382 14.89 -14.02 -27.45
C ALA C 382 15.46 -15.33 -26.95
N TRP C 383 15.37 -15.62 -25.65
CA TRP C 383 15.92 -16.83 -25.08
C TRP C 383 14.90 -17.46 -24.13
N LEU C 384 14.94 -18.79 -24.05
CA LEU C 384 14.22 -19.55 -23.04
C LEU C 384 15.23 -20.45 -22.36
N SER C 385 15.47 -20.22 -21.06
CA SER C 385 16.41 -21.03 -20.31
C SER C 385 15.66 -22.13 -19.55
N PHE C 386 16.32 -23.28 -19.42
CA PHE C 386 15.72 -24.43 -18.74
C PHE C 386 16.70 -24.97 -17.72
N ALA C 387 16.19 -25.20 -16.50
CA ALA C 387 16.90 -25.95 -15.47
C ALA C 387 15.87 -26.84 -14.78
N TYR C 388 16.36 -27.90 -14.12
CA TYR C 388 15.45 -28.85 -13.50
C TYR C 388 16.08 -29.50 -12.27
N THR C 389 15.32 -29.55 -11.18
CA THR C 389 15.62 -30.40 -10.03
C THR C 389 14.36 -31.16 -9.66
N LYS C 390 14.54 -32.34 -9.08
CA LYS C 390 13.40 -33.15 -8.65
C LYS C 390 12.54 -32.38 -7.65
N GLU C 391 13.18 -31.70 -6.69
CA GLU C 391 12.45 -31.01 -5.65
C GLU C 391 11.65 -29.84 -6.20
N LYS C 392 12.25 -29.04 -7.09
CA LYS C 392 11.62 -27.82 -7.57
C LYS C 392 10.91 -27.99 -8.91
N GLY C 393 11.24 -29.03 -9.69
CA GLY C 393 10.67 -29.19 -11.00
C GLY C 393 11.38 -28.36 -12.04
N PRO C 394 10.76 -28.19 -13.21
CA PRO C 394 11.38 -27.38 -14.26
C PRO C 394 11.37 -25.91 -13.91
N TYR C 395 12.46 -25.23 -14.24
CA TYR C 395 12.70 -23.83 -13.92
C TYR C 395 12.94 -23.09 -15.24
N LEU C 396 11.98 -22.27 -15.65
CA LEU C 396 11.99 -21.62 -16.95
C LEU C 396 12.15 -20.12 -16.82
N SER C 397 12.94 -19.53 -17.72
CA SER C 397 13.12 -18.09 -17.80
C SER C 397 13.04 -17.63 -19.25
N ILE C 398 12.49 -16.43 -19.45
CA ILE C 398 12.42 -15.79 -20.76
C ILE C 398 13.25 -14.51 -20.69
N TYR C 399 14.09 -14.30 -21.70
CA TYR C 399 14.94 -13.12 -21.81
C TYR C 399 14.45 -12.27 -22.98
N TYR C 400 14.14 -11.01 -22.71
CA TYR C 400 13.40 -10.17 -23.64
C TYR C 400 14.31 -9.21 -24.38
N PHE C 401 14.08 -9.06 -25.67
CA PHE C 401 14.72 -8.03 -26.48
C PHE C 401 13.79 -6.83 -26.61
N TRP C 402 14.39 -5.66 -26.77
CA TRP C 402 13.61 -4.45 -26.95
C TRP C 402 13.19 -4.29 -28.41
N PRO C 403 12.13 -3.55 -28.67
CA PRO C 403 11.85 -3.13 -30.05
C PRO C 403 12.99 -2.28 -30.58
N GLU C 404 13.07 -2.19 -31.91
CA GLU C 404 14.16 -1.48 -32.57
C GLU C 404 14.22 -0.01 -32.17
N MET D 1 -15.48 -18.00 32.53
CA MET D 1 -15.42 -17.70 33.95
C MET D 1 -16.30 -18.63 34.78
N ILE D 2 -17.41 -19.06 34.18
CA ILE D 2 -18.33 -19.95 34.88
C ILE D 2 -17.63 -21.24 35.29
N ALA D 3 -16.71 -21.72 34.44
CA ALA D 3 -15.99 -22.94 34.76
C ALA D 3 -14.99 -22.71 35.89
N TYR D 4 -14.41 -21.51 35.96
CA TYR D 4 -13.55 -21.19 37.09
C TYR D 4 -14.36 -21.05 38.38
N HIS D 5 -15.51 -20.36 38.31
CA HIS D 5 -16.35 -20.22 39.48
C HIS D 5 -16.92 -21.55 39.95
N THR D 6 -17.21 -22.45 39.00
CA THR D 6 -17.79 -23.74 39.37
C THR D 6 -16.75 -24.64 40.03
N LEU D 7 -15.55 -24.71 39.45
CA LEU D 7 -14.51 -25.57 40.03
C LEU D 7 -14.01 -25.03 41.36
N THR D 8 -14.10 -23.71 41.57
CA THR D 8 -13.73 -23.15 42.88
C THR D 8 -14.62 -23.72 43.98
N LYS D 9 -15.85 -24.11 43.65
CA LYS D 9 -16.77 -24.72 44.60
C LYS D 9 -16.50 -26.20 44.84
N ALA D 10 -15.60 -26.82 44.07
CA ALA D 10 -15.40 -28.26 44.14
C ALA D 10 -13.96 -28.69 44.41
N LEU D 11 -12.99 -27.80 44.29
CA LEU D 11 -11.57 -28.16 44.39
C LEU D 11 -11.05 -27.81 45.77
N LEU D 12 -10.40 -28.78 46.41
CA LEU D 12 -9.74 -28.58 47.70
C LEU D 12 -8.23 -28.47 47.47
N PHE D 13 -7.69 -27.30 47.76
CA PHE D 13 -6.25 -27.14 47.55
C PHE D 13 -5.50 -27.43 48.83
N PRO D 14 -4.41 -28.19 48.76
CA PRO D 14 -3.74 -28.62 49.99
C PRO D 14 -3.07 -27.50 50.76
N ASP D 15 -2.56 -26.46 50.09
CA ASP D 15 -1.85 -25.39 50.78
C ASP D 15 -2.24 -24.04 50.20
N ILE D 16 -1.86 -22.98 50.91
CA ILE D 16 -2.29 -21.63 50.57
C ILE D 16 -1.65 -21.14 49.27
N ASP D 17 -0.49 -21.68 48.90
CA ASP D 17 0.16 -21.21 47.68
C ASP D 17 -0.54 -21.74 46.45
N GLN D 18 -0.91 -23.02 46.44
CA GLN D 18 -1.72 -23.55 45.35
C GLN D 18 -3.06 -22.84 45.27
N TYR D 19 -3.66 -22.55 46.43
CA TYR D 19 -4.90 -21.78 46.47
C TYR D 19 -4.73 -20.43 45.79
N GLN D 20 -3.65 -19.72 46.12
CA GLN D 20 -3.47 -18.37 45.57
C GLN D 20 -3.12 -18.42 44.09
N HIS D 21 -2.35 -19.43 43.66
CA HIS D 21 -2.06 -19.56 42.24
C HIS D 21 -3.31 -19.86 41.44
N TRP D 22 -4.25 -20.61 42.02
CA TRP D 22 -5.51 -20.89 41.33
C TRP D 22 -6.31 -19.61 41.12
N HIS D 23 -6.55 -18.86 42.18
CA HIS D 23 -7.35 -17.64 42.06
C HIS D 23 -6.63 -16.53 41.30
N HIS D 24 -5.32 -16.67 41.10
CA HIS D 24 -4.54 -15.73 40.30
C HIS D 24 -4.61 -16.08 38.81
N VAL D 25 -4.38 -17.34 38.47
CA VAL D 25 -4.18 -17.75 37.09
C VAL D 25 -5.47 -18.28 36.46
N ALA D 26 -6.26 -19.05 37.21
CA ALA D 26 -7.44 -19.69 36.61
C ALA D 26 -8.45 -18.71 36.03
N PRO D 27 -8.70 -17.52 36.59
CA PRO D 27 -9.64 -16.61 35.93
C PRO D 27 -9.19 -16.19 34.53
N MET D 28 -7.92 -15.83 34.37
CA MET D 28 -7.43 -15.46 33.05
C MET D 28 -7.40 -16.66 32.11
N LEU D 29 -7.00 -17.82 32.61
CA LEU D 29 -7.02 -19.03 31.78
C LEU D 29 -8.43 -19.38 31.34
N ALA D 30 -9.41 -19.23 32.25
CA ALA D 30 -10.79 -19.52 31.88
C ALA D 30 -11.29 -18.57 30.79
N LYS D 31 -10.96 -17.29 30.90
CA LYS D 31 -11.34 -16.31 29.89
C LYS D 31 -10.72 -16.64 28.54
N MET D 32 -9.45 -17.08 28.54
CA MET D 32 -8.78 -17.38 27.27
C MET D 32 -9.33 -18.64 26.63
N LEU D 33 -9.69 -19.65 27.43
CA LEU D 33 -10.32 -20.83 26.87
C LEU D 33 -11.69 -20.51 26.27
N VAL D 34 -12.41 -19.55 26.86
CA VAL D 34 -13.66 -19.09 26.27
C VAL D 34 -13.40 -18.39 24.95
N ASP D 35 -12.48 -17.41 24.95
CA ASP D 35 -12.14 -16.72 23.70
C ASP D 35 -11.68 -17.69 22.63
N GLY D 36 -10.91 -18.71 23.00
CA GLY D 36 -10.42 -19.70 22.07
C GLY D 36 -11.45 -20.65 21.52
N LYS D 37 -12.71 -20.52 21.94
CA LYS D 37 -13.82 -21.36 21.46
C LYS D 37 -13.65 -22.82 21.86
N TYR D 38 -13.00 -23.06 23.01
CA TYR D 38 -12.98 -24.39 23.58
C TYR D 38 -14.39 -24.79 24.03
N SER D 39 -14.72 -26.06 23.87
CA SER D 39 -15.99 -26.53 24.39
C SER D 39 -15.98 -26.44 25.91
N ILE D 40 -17.19 -26.35 26.47
CA ILE D 40 -17.32 -26.25 27.93
C ILE D 40 -16.64 -27.43 28.62
N HIS D 41 -16.54 -28.56 27.94
CA HIS D 41 -15.89 -29.73 28.53
C HIS D 41 -14.38 -29.56 28.62
N GLN D 42 -13.76 -29.04 27.56
CA GLN D 42 -12.33 -28.80 27.60
C GLN D 42 -11.97 -27.55 28.39
N GLN D 43 -12.93 -26.65 28.61
CA GLN D 43 -12.72 -25.60 29.60
C GLN D 43 -12.58 -26.19 31.00
N TYR D 44 -13.42 -27.18 31.33
CA TYR D 44 -13.31 -27.83 32.63
C TYR D 44 -12.10 -28.76 32.71
N GLU D 45 -11.78 -29.42 31.59
CA GLU D 45 -10.64 -30.33 31.57
C GLU D 45 -9.33 -29.59 31.85
N TYR D 46 -9.10 -28.49 31.14
CA TYR D 46 -7.82 -27.80 31.20
C TYR D 46 -7.69 -26.91 32.43
N LEU D 47 -8.80 -26.39 32.96
CA LEU D 47 -8.75 -25.69 34.24
C LEU D 47 -8.50 -26.67 35.38
N CYS D 48 -9.20 -27.81 35.38
CA CYS D 48 -8.98 -28.82 36.41
C CYS D 48 -7.57 -29.40 36.32
N LEU D 49 -7.08 -29.61 35.09
CA LEU D 49 -5.72 -30.11 34.92
C LEU D 49 -4.68 -29.09 35.39
N PHE D 50 -4.97 -27.79 35.23
CA PHE D 50 -4.08 -26.77 35.77
C PHE D 50 -3.97 -26.88 37.29
N ALA D 51 -5.10 -27.08 37.97
CA ALA D 51 -5.09 -27.18 39.42
C ALA D 51 -4.41 -28.47 39.89
N GLN D 52 -4.64 -29.57 39.18
CA GLN D 52 -4.12 -30.86 39.62
C GLN D 52 -2.65 -31.04 39.28
N LEU D 53 -2.18 -30.44 38.20
CA LEU D 53 -0.88 -30.76 37.64
C LEU D 53 0.09 -29.59 37.67
N VAL D 54 -0.36 -28.37 37.39
CA VAL D 54 0.53 -27.23 37.26
C VAL D 54 0.65 -26.45 38.56
N ALA D 55 -0.47 -26.19 39.24
CA ALA D 55 -0.44 -25.46 40.50
C ALA D 55 0.52 -26.06 41.53
N PRO D 56 0.64 -27.38 41.68
CA PRO D 56 1.60 -27.91 42.68
C PRO D 56 3.06 -27.61 42.37
N VAL D 57 3.41 -27.26 41.13
CA VAL D 57 4.80 -27.06 40.76
C VAL D 57 5.12 -25.58 40.49
N LEU D 58 4.28 -24.67 40.99
CA LEU D 58 4.54 -23.24 40.81
C LEU D 58 5.27 -22.62 41.98
N GLY D 59 5.50 -23.38 43.05
CA GLY D 59 6.26 -22.88 44.18
C GLY D 59 5.47 -21.95 45.08
N PRO D 60 6.13 -21.39 46.08
CA PRO D 60 5.43 -20.45 46.98
C PRO D 60 4.91 -19.25 46.21
N TYR D 61 3.69 -18.84 46.54
CA TYR D 61 3.07 -17.71 45.86
C TYR D 61 3.91 -16.46 46.06
N PRO D 62 4.43 -15.85 45.00
CA PRO D 62 5.33 -14.71 45.17
C PRO D 62 4.60 -13.44 45.61
N SER D 63 4.22 -13.37 46.89
CA SER D 63 3.70 -12.14 47.44
C SER D 63 4.77 -11.05 47.38
N PRO D 64 4.36 -9.78 47.36
CA PRO D 64 5.34 -8.68 47.31
C PRO D 64 6.28 -8.73 48.49
N GLY D 65 7.58 -8.79 48.20
CA GLY D 65 8.61 -8.81 49.21
C GLY D 65 8.95 -10.17 49.76
N ARG D 66 8.39 -11.25 49.20
CA ARG D 66 8.64 -12.58 49.72
C ARG D 66 9.96 -13.11 49.17
N ASP D 67 10.74 -13.75 50.05
CA ASP D 67 12.06 -14.26 49.70
C ASP D 67 11.93 -15.71 49.22
N VAL D 68 11.52 -15.86 47.96
CA VAL D 68 11.35 -17.16 47.35
C VAL D 68 12.08 -17.18 46.01
N TYR D 69 12.24 -18.39 45.47
CA TYR D 69 12.84 -18.57 44.16
C TYR D 69 12.08 -17.75 43.11
N ARG D 70 12.82 -17.15 42.19
CA ARG D 70 12.26 -16.16 41.27
C ARG D 70 12.23 -16.67 39.84
N CYS D 71 11.18 -16.28 39.12
CA CYS D 71 11.06 -16.52 37.69
C CYS D 71 10.45 -15.30 37.05
N THR D 72 10.81 -15.06 35.78
CA THR D 72 10.37 -13.88 35.05
C THR D 72 9.37 -14.23 33.96
N LEU D 73 8.56 -15.26 34.18
CA LEU D 73 7.56 -15.67 33.21
C LEU D 73 6.29 -14.85 33.39
N GLY D 74 5.79 -14.28 32.31
CA GLY D 74 4.77 -13.25 32.44
C GLY D 74 5.29 -12.01 33.15
N GLY D 75 6.58 -11.75 33.05
CA GLY D 75 7.22 -10.61 33.70
C GLY D 75 7.65 -10.84 35.14
N ASN D 76 6.74 -11.32 35.97
CA ASN D 76 6.97 -11.48 37.40
C ASN D 76 6.53 -12.83 37.97
N MET D 77 5.48 -13.45 37.44
CA MET D 77 4.87 -14.62 38.04
C MET D 77 5.59 -15.91 37.61
N THR D 78 5.06 -17.04 38.07
CA THR D 78 5.58 -18.33 37.67
C THR D 78 4.98 -18.80 36.35
N VAL D 79 3.84 -18.24 35.95
CA VAL D 79 3.08 -18.71 34.80
C VAL D 79 3.02 -17.61 33.74
N GLU D 80 3.24 -18.00 32.49
CA GLU D 80 3.03 -17.13 31.34
C GLU D 80 1.94 -17.75 30.48
N LEU D 81 0.88 -16.98 30.23
CA LEU D 81 -0.21 -17.40 29.37
C LEU D 81 -0.10 -16.71 28.02
N SER D 82 -0.33 -17.46 26.95
CA SER D 82 -0.33 -16.88 25.62
C SER D 82 -1.38 -17.58 24.77
N GLN D 83 -1.75 -16.91 23.67
CA GLN D 83 -2.82 -17.36 22.80
C GLN D 83 -2.28 -17.40 21.37
N ASN D 84 -2.49 -18.52 20.70
N ASN D 84 -2.48 -18.53 20.70
CA ASN D 84 -2.07 -18.68 19.31
CA ASN D 84 -2.08 -18.71 19.31
C ASN D 84 -3.26 -18.50 18.38
C ASN D 84 -3.28 -18.41 18.41
N PHE D 85 -3.01 -17.84 17.24
CA PHE D 85 -4.06 -17.53 16.27
C PHE D 85 -3.65 -18.06 14.91
N GLN D 86 -4.50 -18.92 14.35
CA GLN D 86 -4.34 -19.36 12.97
C GLN D 86 -5.71 -19.71 12.42
N ARG D 87 -5.75 -20.00 11.11
CA ARG D 87 -7.01 -20.26 10.44
C ARG D 87 -7.70 -21.50 11.01
N SER D 88 -6.94 -22.52 11.39
CA SER D 88 -7.54 -23.73 11.93
C SER D 88 -8.13 -23.53 13.32
N GLY D 89 -7.78 -22.42 14.00
CA GLY D 89 -8.38 -22.11 15.28
C GLY D 89 -7.41 -21.54 16.30
N SER D 90 -7.95 -20.97 17.37
CA SER D 90 -7.14 -20.38 18.42
C SER D 90 -6.84 -21.39 19.51
N THR D 91 -5.60 -21.37 20.00
CA THR D 91 -5.11 -22.33 20.97
C THR D 91 -4.46 -21.60 22.13
N THR D 92 -4.88 -21.92 23.35
CA THR D 92 -4.27 -21.36 24.56
C THR D 92 -3.06 -22.19 24.97
N ARG D 93 -2.03 -21.51 25.45
CA ARG D 93 -0.81 -22.17 25.91
C ARG D 93 -0.41 -21.60 27.26
N ILE D 94 0.14 -22.46 28.12
CA ILE D 94 0.56 -22.09 29.46
C ILE D 94 2.00 -22.55 29.66
N ALA D 95 2.85 -21.64 30.11
CA ALA D 95 4.27 -21.89 30.30
C ALA D 95 4.67 -21.55 31.73
N PHE D 96 5.60 -22.33 32.29
CA PHE D 96 5.96 -22.20 33.70
C PHE D 96 7.29 -22.90 33.94
N GLU D 97 8.05 -22.39 34.90
CA GLU D 97 9.22 -23.12 35.41
C GLU D 97 8.76 -24.01 36.55
N PRO D 98 8.83 -25.34 36.42
CA PRO D 98 8.50 -26.20 37.56
C PRO D 98 9.45 -25.91 38.72
N VAL D 99 8.86 -25.63 39.89
CA VAL D 99 9.65 -25.29 41.06
C VAL D 99 8.90 -25.76 42.30
N ARG D 100 9.66 -26.26 43.27
CA ARG D 100 9.13 -26.64 44.56
C ARG D 100 9.81 -25.78 45.62
N TYR D 101 9.20 -25.69 46.80
CA TYR D 101 9.66 -24.75 47.82
C TYR D 101 11.09 -25.02 48.25
N GLN D 102 11.55 -26.28 48.14
CA GLN D 102 12.93 -26.59 48.53
C GLN D 102 13.93 -25.74 47.76
N ALA D 103 13.63 -25.40 46.51
CA ALA D 103 14.52 -24.55 45.74
C ALA D 103 14.58 -23.14 46.30
N SER D 104 13.52 -22.68 46.96
CA SER D 104 13.47 -21.35 47.56
C SER D 104 14.11 -21.31 48.94
N VAL D 105 14.50 -22.46 49.49
CA VAL D 105 14.88 -22.53 50.88
C VAL D 105 16.23 -23.21 51.03
N GLY D 106 16.89 -23.47 49.89
CA GLY D 106 18.28 -23.88 49.89
C GLY D 106 18.56 -25.36 49.79
N HIS D 107 17.59 -26.17 49.33
CA HIS D 107 17.81 -27.60 49.17
C HIS D 107 17.89 -28.04 47.72
N ASP D 108 17.66 -27.13 46.77
CA ASP D 108 17.80 -27.42 45.34
C ASP D 108 18.28 -26.11 44.70
N ARG D 109 19.59 -25.88 44.80
CA ARG D 109 20.15 -24.56 44.50
C ARG D 109 19.83 -24.12 43.08
N PHE D 110 19.95 -25.03 42.12
CA PHE D 110 19.72 -24.69 40.72
C PHE D 110 18.41 -25.29 40.18
N ASN D 111 17.56 -25.80 41.06
CA ASN D 111 16.21 -26.25 40.71
C ASN D 111 16.25 -27.30 39.60
N ARG D 112 16.78 -28.47 39.96
CA ARG D 112 16.92 -29.57 39.01
C ARG D 112 15.92 -30.69 39.23
N THR D 113 15.41 -30.86 40.44
CA THR D 113 14.51 -31.96 40.74
C THR D 113 13.06 -31.67 40.42
N SER D 114 12.67 -30.39 40.34
CA SER D 114 11.26 -30.07 40.20
C SER D 114 10.72 -30.43 38.83
N VAL D 115 11.55 -30.32 37.78
CA VAL D 115 11.09 -30.69 36.44
C VAL D 115 10.94 -32.20 36.33
N ASN D 116 11.72 -32.95 37.09
CA ASN D 116 11.58 -34.40 37.10
C ASN D 116 10.35 -34.82 37.90
N ALA D 117 10.11 -34.14 39.03
CA ALA D 117 8.87 -34.34 39.76
C ALA D 117 7.66 -34.05 38.88
N PHE D 118 7.71 -32.95 38.13
CA PHE D 118 6.57 -32.56 37.31
C PHE D 118 6.30 -33.56 36.21
N PHE D 119 7.35 -34.00 35.50
CA PHE D 119 7.16 -34.94 34.40
C PHE D 119 6.60 -36.26 34.90
N SER D 120 7.00 -36.71 36.10
CA SER D 120 6.47 -37.94 36.64
C SER D 120 4.98 -37.84 36.95
N GLN D 121 4.47 -36.63 37.12
CA GLN D 121 3.03 -36.41 37.23
C GLN D 121 2.38 -36.22 35.86
N LEU D 122 2.99 -35.36 35.03
CA LEU D 122 2.41 -35.06 33.72
C LEU D 122 2.24 -36.30 32.87
N GLN D 123 3.21 -37.21 32.90
CA GLN D 123 3.13 -38.42 32.08
C GLN D 123 2.03 -39.37 32.56
N LEU D 124 1.52 -39.19 33.78
CA LEU D 124 0.44 -40.03 34.27
C LEU D 124 -0.91 -39.60 33.68
N LEU D 125 -1.04 -38.34 33.27
CA LEU D 125 -2.27 -37.83 32.68
C LEU D 125 -2.23 -37.75 31.16
N VAL D 126 -1.08 -37.44 30.57
CA VAL D 126 -0.94 -37.30 29.12
C VAL D 126 0.04 -38.37 28.67
N LYS D 127 -0.48 -39.51 28.20
CA LYS D 127 0.35 -40.66 27.87
C LYS D 127 1.23 -40.43 26.63
N SER D 128 0.96 -39.40 25.84
CA SER D 128 1.76 -39.12 24.66
C SER D 128 2.99 -38.26 24.95
N VAL D 129 3.13 -37.74 26.17
CA VAL D 129 4.31 -36.97 26.52
C VAL D 129 5.50 -37.92 26.65
N ASN D 130 6.60 -37.56 25.98
CA ASN D 130 7.81 -38.38 25.94
C ASN D 130 8.96 -37.50 26.39
N ILE D 131 9.59 -37.86 27.50
CA ILE D 131 10.64 -37.05 28.10
C ILE D 131 12.03 -37.58 27.76
N GLU D 132 12.14 -38.44 26.75
CA GLU D 132 13.45 -38.93 26.33
C GLU D 132 14.40 -37.78 26.00
N LEU D 133 13.89 -36.74 25.33
CA LEU D 133 14.73 -35.59 24.99
C LEU D 133 15.11 -34.78 26.21
N HIS D 134 14.31 -34.82 27.28
CA HIS D 134 14.73 -34.21 28.54
C HIS D 134 15.98 -34.90 29.08
N HIS D 135 15.98 -36.24 29.06
CA HIS D 135 17.13 -36.99 29.56
C HIS D 135 18.36 -36.79 28.67
N LEU D 136 18.16 -36.66 27.35
CA LEU D 136 19.28 -36.51 26.43
C LEU D 136 19.86 -35.09 26.44
N LEU D 137 19.02 -34.07 26.61
CA LEU D 137 19.44 -32.69 26.39
C LEU D 137 19.89 -31.98 27.66
N SER D 138 19.47 -32.44 28.84
CA SER D 138 19.83 -31.73 30.07
C SER D 138 21.33 -31.67 30.26
N GLU D 139 22.02 -32.75 29.89
CA GLU D 139 23.48 -32.79 30.02
C GLU D 139 24.15 -31.66 29.24
N HIS D 140 23.69 -31.42 28.02
CA HIS D 140 24.36 -30.46 27.14
C HIS D 140 23.93 -29.02 27.41
N LEU D 141 22.78 -28.80 28.05
CA LEU D 141 22.16 -27.49 28.10
C LEU D 141 21.93 -26.98 29.51
N THR D 142 22.27 -27.75 30.54
CA THR D 142 22.08 -27.31 31.92
C THR D 142 23.33 -27.63 32.72
N LEU D 143 23.43 -26.99 33.88
CA LEU D 143 24.59 -27.07 34.75
C LEU D 143 24.68 -28.45 35.39
N THR D 144 25.65 -29.25 34.96
CA THR D 144 25.86 -30.57 35.55
C THR D 144 26.63 -30.44 36.86
N ALA D 145 26.96 -31.59 37.45
CA ALA D 145 27.70 -31.59 38.71
C ALA D 145 29.12 -31.07 38.52
N LYS D 146 29.82 -31.57 37.49
CA LYS D 146 31.17 -31.11 37.22
C LYS D 146 31.18 -29.61 36.90
N ASP D 147 30.23 -29.16 36.07
CA ASP D 147 30.15 -27.73 35.77
C ASP D 147 30.01 -26.90 37.05
N GLU D 148 29.22 -27.39 38.01
CA GLU D 148 29.00 -26.65 39.23
C GLU D 148 30.28 -26.53 40.06
N ARG D 149 31.18 -27.50 39.93
CA ARG D 149 32.46 -27.41 40.63
C ARG D 149 33.36 -26.35 39.99
N ASN D 150 33.42 -26.33 38.66
CA ASN D 150 34.25 -25.40 37.92
C ASN D 150 33.64 -24.00 37.83
N LEU D 151 32.73 -23.65 38.73
CA LEU D 151 32.00 -22.40 38.67
C LEU D 151 32.17 -21.63 39.96
N ASN D 152 32.53 -20.36 39.86
CA ASN D 152 32.63 -19.46 41.00
C ASN D 152 31.64 -18.30 40.83
N GLU D 153 31.33 -17.64 41.95
CA GLU D 153 30.29 -16.63 41.98
C GLU D 153 30.60 -15.43 41.08
N GLU D 154 31.87 -15.20 40.76
CA GLU D 154 32.24 -14.07 39.91
C GLU D 154 31.66 -14.22 38.51
N TYR D 159 26.06 -13.26 35.13
CA TYR D 159 24.82 -13.76 34.54
C TYR D 159 23.60 -13.23 35.28
N LEU D 160 23.54 -13.46 36.59
CA LEU D 160 22.35 -13.10 37.37
C LEU D 160 22.08 -11.60 37.31
N THR D 161 23.15 -10.79 37.30
CA THR D 161 22.95 -9.34 37.22
C THR D 161 22.31 -8.95 35.89
N ASN D 162 22.57 -9.71 34.82
CA ASN D 162 22.05 -9.39 33.51
C ASN D 162 20.86 -10.24 33.09
N PHE D 163 20.58 -11.35 33.80
CA PHE D 163 19.50 -12.25 33.44
C PHE D 163 18.58 -12.61 34.60
N GLN D 164 18.79 -12.02 35.78
CA GLN D 164 17.86 -12.06 36.90
C GLN D 164 17.78 -13.40 37.63
N VAL D 165 17.42 -14.47 36.94
CA VAL D 165 16.99 -15.69 37.59
C VAL D 165 17.93 -16.85 37.29
N LYS D 166 17.88 -17.87 38.14
CA LYS D 166 18.61 -19.12 37.97
C LYS D 166 17.86 -20.15 37.13
N THR D 167 16.85 -19.71 36.38
CA THR D 167 16.02 -20.64 35.60
C THR D 167 16.87 -21.40 34.58
N GLN D 168 16.61 -22.71 34.48
CA GLN D 168 17.20 -23.53 33.44
C GLN D 168 16.20 -24.36 32.65
N TYR D 169 15.02 -24.64 33.19
CA TYR D 169 13.97 -25.36 32.48
C TYR D 169 12.68 -24.56 32.52
N VAL D 170 11.97 -24.55 31.40
CA VAL D 170 10.60 -24.04 31.34
C VAL D 170 9.79 -25.05 30.53
N VAL D 171 8.64 -25.43 31.06
CA VAL D 171 7.71 -26.33 30.37
C VAL D 171 6.55 -25.49 29.84
N ALA D 172 6.15 -25.77 28.60
CA ALA D 172 4.98 -25.14 28.01
C ALA D 172 3.99 -26.23 27.64
N LEU D 173 2.76 -26.09 28.12
CA LEU D 173 1.66 -26.98 27.75
C LEU D 173 0.82 -26.28 26.69
N ASP D 174 0.83 -26.82 25.47
CA ASP D 174 0.00 -26.30 24.39
C ASP D 174 -1.35 -27.02 24.46
N LEU D 175 -2.37 -26.30 24.90
CA LEU D 175 -3.70 -26.88 25.16
C LEU D 175 -4.45 -27.05 23.84
N ARG D 176 -3.98 -27.99 23.03
CA ARG D 176 -4.64 -28.30 21.78
C ARG D 176 -5.96 -29.04 22.05
N LYS D 177 -6.92 -28.81 21.16
CA LYS D 177 -8.22 -29.45 21.31
C LYS D 177 -8.16 -30.94 20.98
N THR D 178 -7.13 -31.39 20.27
CA THR D 178 -6.93 -32.82 20.04
C THR D 178 -6.12 -33.49 21.13
N GLY D 179 -5.52 -32.72 22.03
CA GLY D 179 -4.71 -33.28 23.10
C GLY D 179 -3.51 -32.39 23.38
N ILE D 180 -3.09 -32.36 24.66
CA ILE D 180 -2.00 -31.50 25.08
C ILE D 180 -0.70 -31.95 24.43
N VAL D 181 0.09 -30.97 23.97
CA VAL D 181 1.45 -31.19 23.51
C VAL D 181 2.37 -30.39 24.42
N ALA D 182 3.34 -31.07 25.04
CA ALA D 182 4.28 -30.43 25.95
C ALA D 182 5.57 -30.09 25.22
N LYS D 183 6.15 -28.93 25.57
CA LYS D 183 7.42 -28.48 25.04
C LYS D 183 8.34 -28.14 26.22
N GLU D 184 9.64 -28.25 25.99
CA GLU D 184 10.63 -27.93 27.03
C GLU D 184 11.66 -26.96 26.49
N TYR D 185 11.94 -25.92 27.26
CA TYR D 185 12.96 -24.92 26.94
C TYR D 185 14.14 -25.13 27.86
N PHE D 186 15.35 -25.11 27.29
CA PHE D 186 16.59 -25.26 28.04
C PHE D 186 17.39 -23.97 27.92
N PHE D 187 17.70 -23.35 29.06
CA PHE D 187 18.43 -22.09 29.08
C PHE D 187 19.85 -22.36 29.53
N PRO D 188 20.82 -22.45 28.61
CA PRO D 188 22.17 -22.86 28.96
C PRO D 188 23.06 -21.75 29.50
N GLY D 189 22.50 -20.58 29.81
CA GLY D 189 23.33 -19.45 30.23
C GLY D 189 24.16 -19.74 31.46
N ILE D 190 23.56 -20.38 32.47
CA ILE D 190 24.29 -20.73 33.68
C ILE D 190 25.39 -21.76 33.36
N LYS D 191 25.06 -22.78 32.57
CA LYS D 191 26.08 -23.75 32.16
C LYS D 191 27.21 -23.07 31.40
N CYS D 192 26.88 -22.10 30.55
CA CYS D 192 27.91 -21.40 29.80
C CYS D 192 28.73 -20.47 30.70
N ALA D 193 28.14 -19.98 31.79
CA ALA D 193 28.91 -19.20 32.75
C ALA D 193 29.98 -20.03 33.45
N ALA D 194 29.85 -21.37 33.41
CA ALA D 194 30.81 -22.27 34.04
C ALA D 194 31.78 -22.88 33.05
N THR D 195 31.32 -23.17 31.83
CA THR D 195 32.15 -23.80 30.82
C THR D 195 32.82 -22.81 29.88
N GLY D 196 32.46 -21.53 29.94
CA GLY D 196 32.93 -20.56 28.98
C GLY D 196 32.37 -20.74 27.59
N GLN D 197 31.52 -21.75 27.41
CA GLN D 197 30.93 -22.05 26.11
C GLN D 197 30.08 -20.88 25.60
N THR D 198 29.98 -20.77 24.28
CA THR D 198 28.99 -19.87 23.70
C THR D 198 27.63 -20.54 23.71
N GLY D 199 26.59 -19.71 23.66
CA GLY D 199 25.23 -20.24 23.58
C GLY D 199 25.04 -21.13 22.36
N SER D 200 25.60 -20.71 21.22
CA SER D 200 25.47 -21.50 19.99
C SER D 200 26.17 -22.84 20.10
N ASN D 201 27.35 -22.87 20.75
CA ASN D 201 28.05 -24.14 20.94
C ASN D 201 27.22 -25.11 21.76
N ALA D 202 26.58 -24.62 22.82
CA ALA D 202 25.73 -25.49 23.63
C ALA D 202 24.52 -25.96 22.83
N CYS D 203 23.76 -25.02 22.25
CA CYS D 203 22.51 -25.36 21.59
C CYS D 203 22.74 -26.24 20.38
N PHE D 204 23.64 -25.85 19.48
CA PHE D 204 23.85 -26.63 18.27
C PHE D 204 24.59 -27.93 18.55
N GLY D 205 25.50 -27.92 19.53
CA GLY D 205 26.13 -29.16 19.94
C GLY D 205 25.18 -30.13 20.61
N ALA D 206 24.11 -29.62 21.21
CA ALA D 206 23.10 -30.48 21.81
C ALA D 206 22.21 -31.13 20.75
N ILE D 207 21.89 -30.39 19.68
CA ILE D 207 21.09 -30.96 18.60
C ILE D 207 21.88 -32.03 17.86
N ARG D 208 23.18 -31.79 17.62
CA ARG D 208 23.99 -32.77 16.90
C ARG D 208 24.20 -34.04 17.72
N ALA D 209 24.28 -33.92 19.05
CA ALA D 209 24.38 -35.10 19.89
C ALA D 209 23.11 -35.95 19.77
N VAL D 210 21.95 -35.31 19.70
CA VAL D 210 20.69 -36.05 19.58
C VAL D 210 20.52 -36.58 18.18
N ASP D 211 20.77 -35.73 17.17
CA ASP D 211 20.60 -36.11 15.77
C ASP D 211 21.80 -36.93 15.32
N LYS D 212 21.70 -38.25 15.49
CA LYS D 212 22.84 -39.12 15.19
C LYS D 212 23.00 -39.32 13.69
N ASP D 213 21.91 -39.39 12.94
CA ASP D 213 21.99 -39.60 11.51
C ASP D 213 22.34 -38.34 10.74
N GLY D 214 22.23 -37.17 11.36
CA GLY D 214 22.60 -35.94 10.69
C GLY D 214 21.54 -35.36 9.79
N HIS D 215 20.27 -35.67 10.03
CA HIS D 215 19.20 -35.08 9.23
C HIS D 215 19.12 -33.56 9.43
N LEU D 216 19.54 -33.08 10.58
CA LEU D 216 19.46 -31.66 10.93
C LEU D 216 20.78 -30.93 10.76
N ASP D 217 21.83 -31.62 10.31
CA ASP D 217 23.16 -31.01 10.27
C ASP D 217 23.21 -29.85 9.27
N SER D 218 22.57 -30.01 8.11
CA SER D 218 22.56 -28.92 7.14
C SER D 218 21.73 -27.74 7.62
N LEU D 219 20.65 -28.00 8.37
CA LEU D 219 19.83 -26.92 8.88
C LEU D 219 20.54 -26.16 9.99
N CYS D 220 21.35 -26.85 10.81
CA CYS D 220 22.13 -26.16 11.83
C CYS D 220 23.21 -25.29 11.21
N GLN D 221 23.88 -25.77 10.16
CA GLN D 221 24.96 -25.00 9.54
C GLN D 221 24.42 -23.74 8.89
N LEU D 222 23.22 -23.81 8.31
CA LEU D 222 22.61 -22.63 7.72
C LEU D 222 22.36 -21.56 8.78
N ILE D 223 21.87 -21.98 9.95
CA ILE D 223 21.58 -21.03 11.03
C ILE D 223 22.87 -20.54 11.69
N GLU D 224 23.82 -21.46 11.94
CA GLU D 224 25.11 -21.06 12.50
C GLU D 224 25.79 -20.01 11.63
N ALA D 225 25.86 -20.26 10.31
CA ALA D 225 26.50 -19.33 9.40
C ALA D 225 25.88 -17.94 9.49
N HIS D 226 24.56 -17.86 9.73
CA HIS D 226 23.92 -16.57 9.86
C HIS D 226 24.24 -15.92 11.20
N PHE D 227 24.27 -16.72 12.28
CA PHE D 227 24.58 -16.16 13.60
C PHE D 227 26.00 -15.62 13.64
N GLN D 228 26.94 -16.35 13.03
CA GLN D 228 28.33 -15.90 13.02
C GLN D 228 28.50 -14.65 12.15
N GLN D 229 27.76 -14.58 11.04
CA GLN D 229 27.86 -13.41 10.17
C GLN D 229 27.12 -12.21 10.76
N SER D 230 25.99 -12.45 11.43
CA SER D 230 25.27 -11.39 12.12
C SER D 230 25.90 -11.01 13.45
N LYS D 231 26.85 -11.80 13.94
CA LYS D 231 27.46 -11.58 15.25
C LYS D 231 26.42 -11.65 16.36
N ILE D 232 25.61 -12.70 16.33
CA ILE D 232 24.60 -12.95 17.35
C ILE D 232 24.77 -14.37 17.86
N ASP D 233 24.53 -14.55 19.15
CA ASP D 233 24.72 -15.83 19.83
C ASP D 233 23.36 -16.46 20.13
N ASP D 234 23.26 -17.77 19.97
CA ASP D 234 22.04 -18.47 20.34
C ASP D 234 21.76 -18.28 21.82
N ALA D 235 20.49 -18.04 22.14
CA ALA D 235 20.09 -17.74 23.52
C ALA D 235 19.64 -18.99 24.26
N PHE D 236 18.75 -19.78 23.67
CA PHE D 236 18.27 -21.00 24.30
C PHE D 236 17.62 -21.87 23.24
N LEU D 237 17.13 -23.04 23.67
CA LEU D 237 16.64 -24.07 22.78
C LEU D 237 15.31 -24.61 23.28
N CYS D 238 14.49 -25.07 22.35
CA CYS D 238 13.22 -25.71 22.65
C CYS D 238 13.13 -27.03 21.87
N CYS D 239 12.42 -27.99 22.46
CA CYS D 239 12.05 -29.20 21.75
C CYS D 239 10.64 -29.61 22.15
N ASP D 240 9.97 -30.32 21.26
CA ASP D 240 8.69 -30.94 21.59
C ASP D 240 8.96 -32.20 22.40
N LEU D 241 8.21 -32.37 23.50
CA LEU D 241 8.34 -33.54 24.35
C LEU D 241 7.57 -34.71 23.75
N VAL D 242 7.98 -35.09 22.54
CA VAL D 242 7.44 -36.23 21.80
C VAL D 242 8.60 -37.16 21.42
N ASP D 243 8.33 -38.13 20.55
CA ASP D 243 9.37 -39.09 20.15
C ASP D 243 10.54 -38.32 19.53
N PRO D 244 11.79 -38.63 19.93
CA PRO D 244 12.93 -37.82 19.45
C PRO D 244 13.05 -37.76 17.93
N ALA D 245 12.62 -38.81 17.23
CA ALA D 245 12.72 -38.83 15.77
C ALA D 245 11.67 -37.95 15.11
N HIS D 246 10.62 -37.55 15.83
CA HIS D 246 9.54 -36.76 15.26
C HIS D 246 9.42 -35.37 15.88
N THR D 247 10.41 -34.96 16.68
CA THR D 247 10.33 -33.69 17.39
C THR D 247 10.77 -32.54 16.49
N ARG D 248 10.53 -31.32 16.98
CA ARG D 248 11.01 -30.11 16.36
C ARG D 248 11.94 -29.39 17.33
N PHE D 249 13.16 -29.10 16.88
CA PHE D 249 14.07 -28.27 17.66
C PHE D 249 13.94 -26.82 17.21
N LYS D 250 14.02 -25.91 18.17
CA LYS D 250 13.93 -24.47 17.91
C LYS D 250 15.03 -23.77 18.68
N VAL D 251 15.88 -23.04 17.97
CA VAL D 251 16.94 -22.23 18.56
C VAL D 251 16.50 -20.77 18.53
N TYR D 252 16.66 -20.08 19.65
CA TYR D 252 16.17 -18.71 19.80
C TYR D 252 17.33 -17.72 19.86
N ILE D 253 17.05 -16.50 19.44
CA ILE D 253 17.98 -15.38 19.59
C ILE D 253 17.21 -14.16 20.07
N ALA D 254 17.89 -13.33 20.83
CA ALA D 254 17.42 -12.01 21.21
C ALA D 254 18.36 -10.98 20.64
N ASP D 255 17.82 -9.91 20.04
CA ASP D 255 18.64 -8.88 19.41
C ASP D 255 18.23 -7.53 19.96
N PRO D 256 19.13 -6.80 20.63
CA PRO D 256 18.76 -5.49 21.18
C PRO D 256 18.54 -4.44 20.12
N LEU D 257 18.92 -4.69 18.86
CA LEU D 257 18.68 -3.77 17.77
C LEU D 257 17.25 -3.99 17.28
N VAL D 258 16.34 -3.10 17.67
CA VAL D 258 14.92 -3.26 17.36
C VAL D 258 14.64 -2.37 16.15
N THR D 259 15.01 -2.85 14.98
CA THR D 259 14.69 -2.19 13.72
C THR D 259 14.09 -3.21 12.76
N LEU D 260 13.28 -2.71 11.82
CA LEU D 260 12.70 -3.58 10.81
C LEU D 260 13.77 -4.17 9.90
N ALA D 261 14.78 -3.37 9.56
CA ALA D 261 15.88 -3.89 8.74
C ALA D 261 16.58 -5.05 9.41
N ARG D 262 16.78 -4.97 10.72
CA ARG D 262 17.44 -6.06 11.43
C ARG D 262 16.54 -7.29 11.52
N ALA D 263 15.25 -7.09 11.77
CA ALA D 263 14.32 -8.21 11.81
C ALA D 263 14.22 -8.89 10.45
N GLU D 264 14.19 -8.11 9.37
CA GLU D 264 14.17 -8.70 8.03
C GLU D 264 15.45 -9.48 7.75
N GLU D 265 16.58 -8.99 8.27
CA GLU D 265 17.85 -9.70 8.08
C GLU D 265 17.81 -11.07 8.76
N HIS D 266 17.32 -11.12 10.01
CA HIS D 266 17.22 -12.39 10.72
C HIS D 266 16.17 -13.30 10.11
N TRP D 267 15.07 -12.74 9.58
CA TRP D 267 13.97 -13.56 9.11
C TRP D 267 14.39 -14.49 7.97
N THR D 268 15.26 -14.00 7.09
CA THR D 268 15.72 -14.77 5.94
C THR D 268 17.08 -15.43 6.17
N LEU D 269 17.60 -15.39 7.40
CA LEU D 269 18.94 -15.86 7.73
C LEU D 269 19.97 -15.20 6.82
N GLY D 270 19.88 -13.88 6.69
CA GLY D 270 20.80 -13.14 5.86
C GLY D 270 20.73 -13.51 4.39
N GLY D 271 19.54 -13.83 3.91
CA GLY D 271 19.36 -14.21 2.52
C GLY D 271 19.55 -15.68 2.23
N ARG D 272 19.76 -16.50 3.26
CA ARG D 272 19.92 -17.94 3.07
C ARG D 272 18.57 -18.66 2.95
N LEU D 273 17.49 -18.02 3.39
CA LEU D 273 16.14 -18.54 3.21
C LEU D 273 15.48 -17.74 2.09
N THR D 274 15.30 -18.39 0.94
CA THR D 274 14.71 -17.74 -0.24
C THR D 274 13.44 -18.43 -0.70
N ASP D 275 12.92 -19.39 0.05
CA ASP D 275 11.74 -20.12 -0.34
C ASP D 275 10.50 -19.22 -0.36
N GLU D 276 9.40 -19.75 -0.87
CA GLU D 276 8.19 -18.96 -1.04
C GLU D 276 7.57 -18.56 0.29
N ASP D 277 7.53 -19.49 1.25
CA ASP D 277 6.91 -19.19 2.53
C ASP D 277 7.70 -18.15 3.32
N ALA D 278 9.03 -18.13 3.15
CA ALA D 278 9.82 -17.08 3.79
C ALA D 278 9.58 -15.73 3.14
N ALA D 279 9.33 -15.71 1.82
CA ALA D 279 9.09 -14.45 1.12
C ALA D 279 7.71 -13.88 1.45
N VAL D 280 6.71 -14.74 1.61
CA VAL D 280 5.38 -14.27 1.96
C VAL D 280 5.34 -13.76 3.40
N GLY D 281 5.95 -14.50 4.32
CA GLY D 281 6.02 -14.03 5.70
C GLY D 281 6.82 -12.74 5.84
N LEU D 282 7.89 -12.60 5.06
CA LEU D 282 8.65 -11.36 5.04
C LEU D 282 7.77 -10.18 4.65
N GLU D 283 6.92 -10.38 3.64
CA GLU D 283 6.00 -9.33 3.21
C GLU D 283 4.98 -8.99 4.28
N ILE D 284 4.44 -10.02 4.95
CA ILE D 284 3.43 -9.79 5.99
C ILE D 284 4.05 -9.09 7.20
N ILE D 285 5.32 -9.42 7.51
CA ILE D 285 5.97 -8.85 8.69
C ILE D 285 6.21 -7.36 8.51
N ARG D 286 6.68 -6.95 7.34
CA ARG D 286 6.89 -5.52 7.08
C ARG D 286 5.58 -4.75 7.27
N GLY D 287 4.47 -5.32 6.81
CA GLY D 287 3.18 -4.69 7.01
C GLY D 287 2.79 -4.64 8.47
N LEU D 288 2.90 -5.77 9.16
CA LEU D 288 2.56 -5.82 10.59
C LEU D 288 3.44 -4.88 11.41
N TRP D 289 4.75 -4.88 11.13
CA TRP D 289 5.66 -4.00 11.84
C TRP D 289 5.29 -2.54 11.62
N SER D 290 5.00 -2.16 10.38
CA SER D 290 4.67 -0.77 10.07
C SER D 290 3.31 -0.38 10.65
N GLU D 291 2.31 -1.25 10.51
CA GLU D 291 0.98 -0.98 11.04
C GLU D 291 1.00 -0.84 12.56
N LEU D 292 1.76 -1.72 13.23
CA LEU D 292 1.84 -1.65 14.69
C LEU D 292 2.71 -0.49 15.15
N GLY D 293 3.80 -0.24 14.45
CA GLY D 293 4.72 0.80 14.88
C GLY D 293 5.56 0.37 16.06
N ILE D 294 6.37 -0.68 15.87
CA ILE D 294 7.29 -1.10 16.92
C ILE D 294 8.39 -0.06 17.06
N ILE D 295 8.72 0.29 18.29
CA ILE D 295 9.66 1.36 18.58
C ILE D 295 11.00 0.77 18.98
N GLN D 296 12.07 1.52 18.69
CA GLN D 296 13.42 1.14 19.11
C GLN D 296 13.58 1.25 20.62
N GLY D 308 15.58 -1.29 30.85
CA GLY D 308 14.79 -2.46 30.55
C GLY D 308 14.14 -2.42 29.19
N LEU D 309 14.97 -2.41 28.14
CA LEU D 309 14.49 -2.33 26.77
C LEU D 309 14.26 -3.74 26.24
N LEU D 310 13.05 -4.03 25.80
CA LEU D 310 12.74 -5.35 25.26
C LEU D 310 13.34 -5.49 23.86
N PRO D 311 14.00 -6.61 23.56
CA PRO D 311 14.61 -6.76 22.23
C PRO D 311 13.68 -7.41 21.24
N ILE D 312 14.07 -7.51 19.97
CA ILE D 312 13.37 -8.42 19.08
C ILE D 312 13.94 -9.81 19.29
N MET D 313 13.11 -10.82 19.03
CA MET D 313 13.55 -12.20 19.17
C MET D 313 13.08 -13.00 17.97
N LEU D 314 13.81 -14.08 17.69
CA LEU D 314 13.41 -15.03 16.67
C LEU D 314 13.74 -16.43 17.14
N ASN D 315 13.02 -17.42 16.61
CA ASN D 315 13.47 -18.79 16.69
C ASN D 315 13.45 -19.39 15.28
N TYR D 316 14.19 -20.49 15.13
CA TYR D 316 14.30 -21.18 13.85
C TYR D 316 14.03 -22.64 14.11
N GLU D 317 13.09 -23.21 13.35
CA GLU D 317 12.56 -24.55 13.59
C GLU D 317 13.23 -25.56 12.68
N MET D 318 13.61 -26.70 13.26
CA MET D 318 14.24 -27.79 12.53
C MET D 318 13.48 -29.08 12.76
N LYS D 319 13.11 -29.76 11.68
CA LYS D 319 12.49 -31.08 11.74
C LYS D 319 13.21 -32.00 10.77
N ALA D 320 13.09 -33.30 11.01
CA ALA D 320 13.91 -34.28 10.29
C ALA D 320 13.63 -34.24 8.79
N GLY D 321 12.36 -34.16 8.41
CA GLY D 321 12.03 -34.18 7.00
C GLY D 321 12.11 -32.86 6.27
N GLN D 322 12.40 -31.77 6.96
CA GLN D 322 12.32 -30.44 6.37
C GLN D 322 13.61 -30.08 5.65
N ARG D 323 13.47 -29.49 4.46
CA ARG D 323 14.64 -29.09 3.68
C ARG D 323 15.32 -27.86 4.27
N LEU D 324 14.55 -26.96 4.90
CA LEU D 324 15.05 -25.67 5.34
C LEU D 324 14.53 -25.36 6.74
N PRO D 325 15.28 -24.58 7.51
CA PRO D 325 14.74 -24.09 8.79
C PRO D 325 13.57 -23.14 8.55
N LYS D 326 12.82 -22.87 9.62
CA LYS D 326 11.60 -22.08 9.53
C LYS D 326 11.65 -20.98 10.57
N PRO D 327 11.58 -19.70 10.17
CA PRO D 327 11.70 -18.61 11.13
C PRO D 327 10.38 -18.23 11.79
N LYS D 328 10.51 -17.62 12.96
CA LYS D 328 9.40 -17.06 13.72
C LYS D 328 9.94 -15.81 14.39
N LEU D 329 9.23 -14.69 14.23
CA LEU D 329 9.69 -13.39 14.73
C LEU D 329 8.82 -12.95 15.90
N TYR D 330 9.45 -12.51 16.99
CA TYR D 330 8.78 -11.96 18.16
C TYR D 330 8.98 -10.45 18.19
N MET D 331 7.88 -9.71 18.16
CA MET D 331 7.93 -8.25 18.18
C MET D 331 7.50 -7.73 19.54
N PRO D 332 8.28 -6.84 20.16
CA PRO D 332 7.87 -6.24 21.45
C PRO D 332 6.79 -5.19 21.23
N LEU D 333 5.64 -5.38 21.87
CA LEU D 333 4.51 -4.47 21.74
C LEU D 333 4.57 -3.33 22.75
N THR D 334 5.72 -3.11 23.37
CA THR D 334 5.85 -2.06 24.38
C THR D 334 5.69 -0.69 23.74
N GLY D 335 4.98 0.19 24.44
CA GLY D 335 4.75 1.54 23.96
C GLY D 335 3.67 1.67 22.91
N ILE D 336 3.00 0.59 22.57
CA ILE D 336 1.91 0.60 21.58
C ILE D 336 0.60 0.49 22.33
N PRO D 337 -0.35 1.40 22.12
CA PRO D 337 -1.61 1.34 22.86
C PRO D 337 -2.37 0.04 22.59
N GLU D 338 -2.99 -0.51 23.63
CA GLU D 338 -3.80 -1.71 23.48
C GLU D 338 -4.92 -1.49 22.48
N THR D 339 -5.42 -0.26 22.39
CA THR D 339 -6.47 0.07 21.44
C THR D 339 -6.00 -0.16 20.00
N LYS D 340 -4.76 0.23 19.71
CA LYS D 340 -4.24 0.12 18.35
C LYS D 340 -3.88 -1.32 18.00
N ILE D 341 -3.33 -2.06 18.96
CA ILE D 341 -3.01 -3.47 18.74
C ILE D 341 -4.26 -4.24 18.35
N ALA D 342 -5.35 -4.05 19.10
CA ALA D 342 -6.60 -4.75 18.79
C ALA D 342 -7.15 -4.29 17.44
N ARG D 343 -7.04 -2.99 17.15
CA ARG D 343 -7.50 -2.47 15.86
C ARG D 343 -6.71 -3.07 14.71
N ILE D 344 -5.39 -3.17 14.85
CA ILE D 344 -4.55 -3.71 13.80
C ILE D 344 -4.74 -5.22 13.67
N MET D 345 -4.91 -5.92 14.80
CA MET D 345 -5.12 -7.36 14.75
C MET D 345 -6.46 -7.70 14.11
N THR D 346 -7.51 -6.92 14.41
CA THR D 346 -8.81 -7.17 13.80
C THR D 346 -8.73 -7.09 12.29
N ALA D 347 -8.12 -6.03 11.76
CA ALA D 347 -7.99 -5.88 10.32
C ALA D 347 -7.11 -6.96 9.71
N PHE D 348 -6.11 -7.43 10.45
CA PHE D 348 -5.21 -8.47 9.93
C PHE D 348 -5.94 -9.79 9.79
N PHE D 349 -6.78 -10.15 10.77
CA PHE D 349 -7.52 -11.40 10.69
C PHE D 349 -8.60 -11.34 9.61
N GLN D 350 -9.24 -10.18 9.46
CA GLN D 350 -10.19 -10.01 8.36
C GLN D 350 -9.48 -10.08 7.01
N ARG D 351 -8.25 -9.55 6.95
CA ARG D 351 -7.52 -9.51 5.68
C ARG D 351 -7.08 -10.91 5.25
N HIS D 352 -6.69 -11.74 6.21
CA HIS D 352 -6.18 -13.08 5.92
C HIS D 352 -7.22 -14.17 6.17
N ASP D 353 -8.50 -13.81 6.09
CA ASP D 353 -9.62 -14.75 6.18
C ASP D 353 -9.55 -15.57 7.47
N MET D 354 -9.67 -14.85 8.58
CA MET D 354 -9.74 -15.44 9.91
C MET D 354 -10.82 -14.69 10.68
N PRO D 355 -12.09 -14.91 10.33
CA PRO D 355 -13.16 -14.05 10.87
C PRO D 355 -13.44 -14.31 12.34
N GLU D 356 -13.19 -15.53 12.83
CA GLU D 356 -13.49 -15.84 14.22
C GLU D 356 -12.58 -15.09 15.18
N GLN D 357 -11.28 -15.01 14.85
CA GLN D 357 -10.36 -14.24 15.68
C GLN D 357 -10.65 -12.75 15.57
N ALA D 358 -11.07 -12.29 14.39
CA ALA D 358 -11.39 -10.87 14.21
C ALA D 358 -12.57 -10.42 15.08
N GLU D 359 -13.38 -11.36 15.55
CA GLU D 359 -14.50 -11.01 16.42
C GLU D 359 -14.05 -10.79 17.86
N VAL D 360 -13.13 -11.63 18.35
CA VAL D 360 -12.66 -11.47 19.72
C VAL D 360 -11.97 -10.13 19.91
N PHE D 361 -11.15 -9.73 18.93
CA PHE D 361 -10.54 -8.41 18.97
C PHE D 361 -11.53 -7.30 18.62
N MET D 362 -12.70 -7.65 18.08
CA MET D 362 -13.73 -6.65 17.81
C MET D 362 -14.71 -6.53 18.97
N GLU D 363 -15.17 -7.65 19.50
CA GLU D 363 -16.01 -7.63 20.70
C GLU D 363 -15.25 -7.17 21.93
N ASN D 364 -13.92 -7.22 21.92
CA ASN D 364 -13.10 -6.63 22.97
C ASN D 364 -12.48 -5.30 22.55
N LEU D 365 -12.83 -4.81 21.37
CA LEU D 365 -12.63 -3.39 21.04
C LEU D 365 -13.79 -2.54 21.54
N GLN D 366 -14.65 -3.09 22.39
CA GLN D 366 -15.78 -2.36 22.94
C GLN D 366 -15.59 -2.08 24.43
N THR D 378 -8.16 -6.10 33.32
CA THR D 378 -7.13 -5.30 32.69
C THR D 378 -5.96 -6.17 32.24
N ARG D 379 -5.94 -6.49 30.95
CA ARG D 379 -4.95 -7.37 30.35
C ARG D 379 -4.06 -6.59 29.41
N TYR D 380 -2.74 -6.82 29.51
CA TYR D 380 -1.76 -6.11 28.70
C TYR D 380 -1.03 -7.10 27.80
N GLN D 381 -0.96 -6.76 26.52
CA GLN D 381 -0.34 -7.61 25.51
C GLN D 381 1.12 -7.20 25.33
N ALA D 382 2.03 -8.12 25.66
CA ALA D 382 3.45 -7.79 25.72
C ALA D 382 4.18 -8.04 24.41
N TRP D 383 3.92 -9.17 23.75
CA TRP D 383 4.64 -9.53 22.54
C TRP D 383 3.69 -10.11 21.51
N LEU D 384 4.10 -10.03 20.24
CA LEU D 384 3.40 -10.67 19.14
C LEU D 384 4.42 -11.43 18.32
N SER D 385 4.24 -12.75 18.22
CA SER D 385 5.09 -13.58 17.37
C SER D 385 4.39 -13.85 16.04
N PHE D 386 5.19 -14.16 15.03
CA PHE D 386 4.64 -14.40 13.70
C PHE D 386 5.41 -15.51 13.01
N ALA D 387 4.68 -16.44 12.39
CA ALA D 387 5.25 -17.43 11.51
C ALA D 387 4.27 -17.65 10.36
N TYR D 388 4.77 -18.27 9.29
CA TYR D 388 3.93 -18.47 8.11
C TYR D 388 4.34 -19.73 7.37
N THR D 389 3.34 -20.52 6.98
CA THR D 389 3.47 -21.54 5.96
C THR D 389 2.27 -21.44 5.04
N LYS D 390 2.46 -21.80 3.77
CA LYS D 390 1.35 -21.77 2.83
C LYS D 390 0.23 -22.72 3.25
N GLU D 391 0.57 -23.78 3.97
CA GLU D 391 -0.44 -24.74 4.40
C GLU D 391 -1.40 -24.12 5.40
N LYS D 392 -0.90 -23.71 6.58
CA LYS D 392 -1.73 -23.21 7.66
C LYS D 392 -1.97 -21.71 7.61
N GLY D 393 -1.21 -20.98 6.80
CA GLY D 393 -1.34 -19.54 6.74
C GLY D 393 -0.56 -18.86 7.85
N PRO D 394 -0.83 -17.58 8.07
CA PRO D 394 -0.10 -16.87 9.14
C PRO D 394 -0.41 -17.43 10.51
N TYR D 395 0.64 -17.53 11.34
CA TYR D 395 0.60 -18.16 12.65
C TYR D 395 1.07 -17.13 13.67
N LEU D 396 0.14 -16.59 14.46
CA LEU D 396 0.43 -15.48 15.35
C LEU D 396 0.08 -15.83 16.79
N SER D 397 0.93 -15.40 17.72
CA SER D 397 0.71 -15.58 19.14
C SER D 397 0.81 -14.25 19.84
N ILE D 398 -0.09 -14.01 20.80
CA ILE D 398 -0.02 -12.87 21.71
C ILE D 398 0.42 -13.38 23.07
N TYR D 399 1.43 -12.73 23.65
CA TYR D 399 1.93 -13.08 24.98
C TYR D 399 1.52 -11.97 25.94
N TYR D 400 0.74 -12.33 26.96
CA TYR D 400 0.24 -11.37 27.93
C TYR D 400 1.13 -11.39 29.18
N PHE D 401 1.05 -10.31 29.95
CA PHE D 401 1.81 -10.17 31.17
C PHE D 401 0.86 -9.97 32.36
N TRP D 402 1.23 -10.56 33.49
CA TRP D 402 0.52 -10.34 34.74
C TRP D 402 0.92 -8.98 35.32
N PRO D 403 -0.05 -8.13 35.72
CA PRO D 403 0.22 -6.82 36.33
C PRO D 403 1.13 -6.90 37.56
#